data_3VFI
# 
_entry.id   3VFI 
# 
_audit_conform.dict_name       mmcif_pdbx.dic 
_audit_conform.dict_version    5.398 
_audit_conform.dict_location   http://mmcif.pdb.org/dictionaries/ascii/mmcif_pdbx.dic 
# 
loop_
_database_2.database_id 
_database_2.database_code 
_database_2.pdbx_database_accession 
_database_2.pdbx_DOI 
PDB   3VFI         pdb_00003vfi 10.2210/pdb3vfi/pdb 
RCSB  RCSB069980   ?            ?                   
WWPDB D_1000069980 ?            ?                   
# 
loop_
_pdbx_audit_revision_history.ordinal 
_pdbx_audit_revision_history.data_content_type 
_pdbx_audit_revision_history.major_revision 
_pdbx_audit_revision_history.minor_revision 
_pdbx_audit_revision_history.revision_date 
1 'Structure model' 1 0 2013-01-23 
2 'Structure model' 1 1 2024-11-06 
# 
_pdbx_audit_revision_details.ordinal             1 
_pdbx_audit_revision_details.revision_ordinal    1 
_pdbx_audit_revision_details.data_content_type   'Structure model' 
_pdbx_audit_revision_details.provider            repository 
_pdbx_audit_revision_details.type                'Initial release' 
_pdbx_audit_revision_details.description         ? 
_pdbx_audit_revision_details.details             ? 
# 
loop_
_pdbx_audit_revision_group.ordinal 
_pdbx_audit_revision_group.revision_ordinal 
_pdbx_audit_revision_group.data_content_type 
_pdbx_audit_revision_group.group 
1 2 'Structure model' 'Data collection'     
2 2 'Structure model' 'Database references' 
3 2 'Structure model' 'Structure summary'   
# 
loop_
_pdbx_audit_revision_category.ordinal 
_pdbx_audit_revision_category.revision_ordinal 
_pdbx_audit_revision_category.data_content_type 
_pdbx_audit_revision_category.category 
1 2 'Structure model' chem_comp_atom            
2 2 'Structure model' chem_comp_bond            
3 2 'Structure model' database_2                
4 2 'Structure model' pdbx_entry_details        
5 2 'Structure model' pdbx_modification_feature 
# 
loop_
_pdbx_audit_revision_item.ordinal 
_pdbx_audit_revision_item.revision_ordinal 
_pdbx_audit_revision_item.data_content_type 
_pdbx_audit_revision_item.item 
1 2 'Structure model' '_database_2.pdbx_DOI'                
2 2 'Structure model' '_database_2.pdbx_database_accession' 
# 
_pdbx_database_status.entry_id                        3VFI 
_pdbx_database_status.deposit_site                    RCSB 
_pdbx_database_status.process_site                    RCSB 
_pdbx_database_status.recvd_initial_deposition_date   2012-01-09 
_pdbx_database_status.status_code                     REL 
_pdbx_database_status.status_code_sf                  REL 
_pdbx_database_status.status_code_mr                  ? 
_pdbx_database_status.SG_entry                        ? 
_pdbx_database_status.status_code_cs                  ? 
_pdbx_database_status.methods_development_category    ? 
_pdbx_database_status.pdb_format_compatible           Y 
_pdbx_database_status.status_code_nmr_data            ? 
# 
_pdbx_database_related.db_name        PDB 
_pdbx_database_related.db_id          2YZU 
_pdbx_database_related.details        . 
_pdbx_database_related.content_type   unspecified 
# 
loop_
_audit_author.name 
_audit_author.pdbx_ordinal 
'Craig, T.K.'      1 
'Gardberg, A.'     2 
'Lorimer, D.D.'    3 
'Burgin Jr., A.B.' 4 
'Segall, A.'       5 
'Rohwer, F.'       6 
# 
_citation.id                        primary 
_citation.title                     'Structure of a Metagenomic Thioredoxin' 
_citation.journal_abbrev            'To be Published' 
_citation.journal_volume            ? 
_citation.page_first                ? 
_citation.page_last                 ? 
_citation.year                      ? 
_citation.journal_id_ASTM           ? 
_citation.country                   ? 
_citation.journal_id_ISSN           ? 
_citation.journal_id_CSD            0353 
_citation.book_publisher            ? 
_citation.pdbx_database_id_PubMed   ? 
_citation.pdbx_database_id_DOI      ? 
# 
loop_
_citation_author.citation_id 
_citation_author.name 
_citation_author.ordinal 
_citation_author.identifier_ORCID 
primary 'Craig, T.K.'      1 ? 
primary 'Gardberg, A.'     2 ? 
primary 'Lorimer, D.D.'    3 ? 
primary 'Burgin Jr., A.B.' 4 ? 
primary 'Segall, A.'       5 ? 
primary 'Rohwer, F.'       6 ? 
# 
loop_
_entity.id 
_entity.type 
_entity.src_method 
_entity.pdbx_description 
_entity.formula_weight 
_entity.pdbx_number_of_molecules 
_entity.pdbx_ec 
_entity.pdbx_mutation 
_entity.pdbx_fragment 
_entity.details 
1 polymer man thioredoxin 12069.833 1  ? ? ? ? 
2 water   nat water       18.015    67 ? ? ? ? 
# 
_entity_poly.entity_id                      1 
_entity_poly.type                           'polypeptide(L)' 
_entity_poly.nstd_linkage                   no 
_entity_poly.nstd_monomer                   no 
_entity_poly.pdbx_seq_one_letter_code       
;LRSLSDSDFQLEVRQHPDPIIIMFTGSWCQPCKKMKPTFEEMASQMEGDIRFAYMDAEDAEKTMAELNIRTLPSLALFVD
GMIREVFSGTMNKSDLRYWINNNI
;
_entity_poly.pdbx_seq_one_letter_code_can   
;LRSLSDSDFQLEVRQHPDPIIIMFTGSWCQPCKKMKPTFEEMASQMEGDIRFAYMDAEDAEKTMAELNIRTLPSLALFVD
GMIREVFSGTMNKSDLRYWINNNI
;
_entity_poly.pdbx_strand_id                 A 
_entity_poly.pdbx_target_identifier         ? 
# 
_pdbx_entity_nonpoly.entity_id   2 
_pdbx_entity_nonpoly.name        water 
_pdbx_entity_nonpoly.comp_id     HOH 
# 
loop_
_entity_poly_seq.entity_id 
_entity_poly_seq.num 
_entity_poly_seq.mon_id 
_entity_poly_seq.hetero 
1 1   LEU n 
1 2   ARG n 
1 3   SER n 
1 4   LEU n 
1 5   SER n 
1 6   ASP n 
1 7   SER n 
1 8   ASP n 
1 9   PHE n 
1 10  GLN n 
1 11  LEU n 
1 12  GLU n 
1 13  VAL n 
1 14  ARG n 
1 15  GLN n 
1 16  HIS n 
1 17  PRO n 
1 18  ASP n 
1 19  PRO n 
1 20  ILE n 
1 21  ILE n 
1 22  ILE n 
1 23  MET n 
1 24  PHE n 
1 25  THR n 
1 26  GLY n 
1 27  SER n 
1 28  TRP n 
1 29  CYS n 
1 30  GLN n 
1 31  PRO n 
1 32  CYS n 
1 33  LYS n 
1 34  LYS n 
1 35  MET n 
1 36  LYS n 
1 37  PRO n 
1 38  THR n 
1 39  PHE n 
1 40  GLU n 
1 41  GLU n 
1 42  MET n 
1 43  ALA n 
1 44  SER n 
1 45  GLN n 
1 46  MET n 
1 47  GLU n 
1 48  GLY n 
1 49  ASP n 
1 50  ILE n 
1 51  ARG n 
1 52  PHE n 
1 53  ALA n 
1 54  TYR n 
1 55  MET n 
1 56  ASP n 
1 57  ALA n 
1 58  GLU n 
1 59  ASP n 
1 60  ALA n 
1 61  GLU n 
1 62  LYS n 
1 63  THR n 
1 64  MET n 
1 65  ALA n 
1 66  GLU n 
1 67  LEU n 
1 68  ASN n 
1 69  ILE n 
1 70  ARG n 
1 71  THR n 
1 72  LEU n 
1 73  PRO n 
1 74  SER n 
1 75  LEU n 
1 76  ALA n 
1 77  LEU n 
1 78  PHE n 
1 79  VAL n 
1 80  ASP n 
1 81  GLY n 
1 82  MET n 
1 83  ILE n 
1 84  ARG n 
1 85  GLU n 
1 86  VAL n 
1 87  PHE n 
1 88  SER n 
1 89  GLY n 
1 90  THR n 
1 91  MET n 
1 92  ASN n 
1 93  LYS n 
1 94  SER n 
1 95  ASP n 
1 96  LEU n 
1 97  ARG n 
1 98  TYR n 
1 99  TRP n 
1 100 ILE n 
1 101 ASN n 
1 102 ASN n 
1 103 ASN n 
1 104 ILE n 
# 
_entity_src_gen.entity_id                          1 
_entity_src_gen.pdbx_src_id                        1 
_entity_src_gen.pdbx_alt_source_flag               sample 
_entity_src_gen.pdbx_seq_type                      ? 
_entity_src_gen.pdbx_beg_seq_num                   ? 
_entity_src_gen.pdbx_end_seq_num                   ? 
_entity_src_gen.gene_src_common_name               ? 
_entity_src_gen.gene_src_genus                     ? 
_entity_src_gen.pdbx_gene_src_gene                 ? 
_entity_src_gen.gene_src_species                   ? 
_entity_src_gen.gene_src_strain                    ? 
_entity_src_gen.gene_src_tissue                    ? 
_entity_src_gen.gene_src_tissue_fraction           ? 
_entity_src_gen.gene_src_details                   ? 
_entity_src_gen.pdbx_gene_src_fragment             ? 
_entity_src_gen.pdbx_gene_src_scientific_name      'Silicibacter phage DSS3phi2' 
_entity_src_gen.pdbx_gene_src_ncbi_taxonomy_id     490912 
_entity_src_gen.pdbx_gene_src_variant              ? 
_entity_src_gen.pdbx_gene_src_cell_line            ? 
_entity_src_gen.pdbx_gene_src_atcc                 ? 
_entity_src_gen.pdbx_gene_src_organ                ? 
_entity_src_gen.pdbx_gene_src_organelle            ? 
_entity_src_gen.pdbx_gene_src_cell                 ? 
_entity_src_gen.pdbx_gene_src_cellular_location    ? 
_entity_src_gen.host_org_common_name               ? 
_entity_src_gen.pdbx_host_org_scientific_name      'Escherichia coli' 
_entity_src_gen.pdbx_host_org_ncbi_taxonomy_id     469008 
_entity_src_gen.host_org_genus                     ? 
_entity_src_gen.pdbx_host_org_gene                 ? 
_entity_src_gen.pdbx_host_org_organ                ? 
_entity_src_gen.host_org_species                   ? 
_entity_src_gen.pdbx_host_org_tissue               ? 
_entity_src_gen.pdbx_host_org_tissue_fraction      ? 
_entity_src_gen.pdbx_host_org_strain               'BL21(DE3)' 
_entity_src_gen.pdbx_host_org_variant              ? 
_entity_src_gen.pdbx_host_org_cell_line            ? 
_entity_src_gen.pdbx_host_org_atcc                 ? 
_entity_src_gen.pdbx_host_org_culture_collection   ? 
_entity_src_gen.pdbx_host_org_cell                 ? 
_entity_src_gen.pdbx_host_org_organelle            ? 
_entity_src_gen.pdbx_host_org_cellular_location    ? 
_entity_src_gen.pdbx_host_org_vector_type          plasmid 
_entity_src_gen.pdbx_host_org_vector               ? 
_entity_src_gen.host_org_details                   ? 
_entity_src_gen.expression_system_id               ? 
_entity_src_gen.plasmid_name                       'VCID_5533, pEMB31' 
_entity_src_gen.plasmid_details                    ? 
_entity_src_gen.pdbx_description                   ? 
# 
loop_
_chem_comp.id 
_chem_comp.type 
_chem_comp.mon_nstd_flag 
_chem_comp.name 
_chem_comp.pdbx_synonyms 
_chem_comp.formula 
_chem_comp.formula_weight 
ALA 'L-peptide linking' y ALANINE         ? 'C3 H7 N O2'     89.093  
ARG 'L-peptide linking' y ARGININE        ? 'C6 H15 N4 O2 1' 175.209 
ASN 'L-peptide linking' y ASPARAGINE      ? 'C4 H8 N2 O3'    132.118 
ASP 'L-peptide linking' y 'ASPARTIC ACID' ? 'C4 H7 N O4'     133.103 
CYS 'L-peptide linking' y CYSTEINE        ? 'C3 H7 N O2 S'   121.158 
GLN 'L-peptide linking' y GLUTAMINE       ? 'C5 H10 N2 O3'   146.144 
GLU 'L-peptide linking' y 'GLUTAMIC ACID' ? 'C5 H9 N O4'     147.129 
GLY 'peptide linking'   y GLYCINE         ? 'C2 H5 N O2'     75.067  
HIS 'L-peptide linking' y HISTIDINE       ? 'C6 H10 N3 O2 1' 156.162 
HOH non-polymer         . WATER           ? 'H2 O'           18.015  
ILE 'L-peptide linking' y ISOLEUCINE      ? 'C6 H13 N O2'    131.173 
LEU 'L-peptide linking' y LEUCINE         ? 'C6 H13 N O2'    131.173 
LYS 'L-peptide linking' y LYSINE          ? 'C6 H15 N2 O2 1' 147.195 
MET 'L-peptide linking' y METHIONINE      ? 'C5 H11 N O2 S'  149.211 
PHE 'L-peptide linking' y PHENYLALANINE   ? 'C9 H11 N O2'    165.189 
PRO 'L-peptide linking' y PROLINE         ? 'C5 H9 N O2'     115.130 
SER 'L-peptide linking' y SERINE          ? 'C3 H7 N O3'     105.093 
THR 'L-peptide linking' y THREONINE       ? 'C4 H9 N O3'     119.119 
TRP 'L-peptide linking' y TRYPTOPHAN      ? 'C11 H12 N2 O2'  204.225 
TYR 'L-peptide linking' y TYROSINE        ? 'C9 H11 N O3'    181.189 
VAL 'L-peptide linking' y VALINE          ? 'C5 H11 N O2'    117.146 
# 
loop_
_pdbx_poly_seq_scheme.asym_id 
_pdbx_poly_seq_scheme.entity_id 
_pdbx_poly_seq_scheme.seq_id 
_pdbx_poly_seq_scheme.mon_id 
_pdbx_poly_seq_scheme.ndb_seq_num 
_pdbx_poly_seq_scheme.pdb_seq_num 
_pdbx_poly_seq_scheme.auth_seq_num 
_pdbx_poly_seq_scheme.pdb_mon_id 
_pdbx_poly_seq_scheme.auth_mon_id 
_pdbx_poly_seq_scheme.pdb_strand_id 
_pdbx_poly_seq_scheme.pdb_ins_code 
_pdbx_poly_seq_scheme.hetero 
A 1 1   LEU 1   2   2   LEU LEU A . n 
A 1 2   ARG 2   3   3   ARG ARG A . n 
A 1 3   SER 3   4   4   SER SER A . n 
A 1 4   LEU 4   5   5   LEU LEU A . n 
A 1 5   SER 5   6   6   SER SER A . n 
A 1 6   ASP 6   7   7   ASP ASP A . n 
A 1 7   SER 7   8   8   SER SER A . n 
A 1 8   ASP 8   9   9   ASP ASP A . n 
A 1 9   PHE 9   10  10  PHE PHE A . n 
A 1 10  GLN 10  11  11  GLN GLN A . n 
A 1 11  LEU 11  12  12  LEU LEU A . n 
A 1 12  GLU 12  13  13  GLU GLU A . n 
A 1 13  VAL 13  14  14  VAL VAL A . n 
A 1 14  ARG 14  15  15  ARG ARG A . n 
A 1 15  GLN 15  16  16  GLN GLN A . n 
A 1 16  HIS 16  17  17  HIS HIS A . n 
A 1 17  PRO 17  18  18  PRO PRO A . n 
A 1 18  ASP 18  19  19  ASP ASP A . n 
A 1 19  PRO 19  20  20  PRO PRO A . n 
A 1 20  ILE 20  21  21  ILE ILE A . n 
A 1 21  ILE 21  22  22  ILE ILE A . n 
A 1 22  ILE 22  23  23  ILE ILE A . n 
A 1 23  MET 23  24  24  MET MET A . n 
A 1 24  PHE 24  25  25  PHE PHE A . n 
A 1 25  THR 25  26  26  THR THR A . n 
A 1 26  GLY 26  27  27  GLY GLY A . n 
A 1 27  SER 27  28  28  SER SER A . n 
A 1 28  TRP 28  29  29  TRP TRP A . n 
A 1 29  CYS 29  30  30  CYS CYS A . n 
A 1 30  GLN 30  31  31  GLN GLN A . n 
A 1 31  PRO 31  32  32  PRO PRO A . n 
A 1 32  CYS 32  33  33  CYS CYS A . n 
A 1 33  LYS 33  34  34  LYS LYS A . n 
A 1 34  LYS 34  35  35  LYS LYS A . n 
A 1 35  MET 35  36  36  MET MET A . n 
A 1 36  LYS 36  37  37  LYS LYS A . n 
A 1 37  PRO 37  38  38  PRO PRO A . n 
A 1 38  THR 38  39  39  THR THR A . n 
A 1 39  PHE 39  40  40  PHE PHE A . n 
A 1 40  GLU 40  41  41  GLU GLU A . n 
A 1 41  GLU 41  42  42  GLU GLU A . n 
A 1 42  MET 42  43  43  MET MET A . n 
A 1 43  ALA 43  44  44  ALA ALA A . n 
A 1 44  SER 44  45  45  SER SER A . n 
A 1 45  GLN 45  46  46  GLN GLN A . n 
A 1 46  MET 46  47  47  MET MET A . n 
A 1 47  GLU 47  48  48  GLU GLU A . n 
A 1 48  GLY 48  49  49  GLY GLY A . n 
A 1 49  ASP 49  50  50  ASP ASP A . n 
A 1 50  ILE 50  51  51  ILE ILE A . n 
A 1 51  ARG 51  52  52  ARG ARG A . n 
A 1 52  PHE 52  53  53  PHE PHE A . n 
A 1 53  ALA 53  54  54  ALA ALA A . n 
A 1 54  TYR 54  55  55  TYR TYR A . n 
A 1 55  MET 55  56  56  MET MET A . n 
A 1 56  ASP 56  57  57  ASP ASP A . n 
A 1 57  ALA 57  58  58  ALA ALA A . n 
A 1 58  GLU 58  59  59  GLU GLU A . n 
A 1 59  ASP 59  60  60  ASP ASP A . n 
A 1 60  ALA 60  61  61  ALA ALA A . n 
A 1 61  GLU 61  62  62  GLU GLU A . n 
A 1 62  LYS 62  63  63  LYS LYS A . n 
A 1 63  THR 63  64  64  THR THR A . n 
A 1 64  MET 64  65  65  MET MET A . n 
A 1 65  ALA 65  66  66  ALA ALA A . n 
A 1 66  GLU 66  67  67  GLU GLU A . n 
A 1 67  LEU 67  68  68  LEU LEU A . n 
A 1 68  ASN 68  69  69  ASN ASN A . n 
A 1 69  ILE 69  70  70  ILE ILE A . n 
A 1 70  ARG 70  71  71  ARG ARG A . n 
A 1 71  THR 71  72  72  THR THR A . n 
A 1 72  LEU 72  73  73  LEU LEU A . n 
A 1 73  PRO 73  74  74  PRO PRO A . n 
A 1 74  SER 74  75  75  SER SER A . n 
A 1 75  LEU 75  76  76  LEU LEU A . n 
A 1 76  ALA 76  77  77  ALA ALA A . n 
A 1 77  LEU 77  78  78  LEU LEU A . n 
A 1 78  PHE 78  79  79  PHE PHE A . n 
A 1 79  VAL 79  80  80  VAL VAL A . n 
A 1 80  ASP 80  81  81  ASP ASP A . n 
A 1 81  GLY 81  82  82  GLY GLY A . n 
A 1 82  MET 82  83  83  MET MET A . n 
A 1 83  ILE 83  84  84  ILE ILE A . n 
A 1 84  ARG 84  85  85  ARG ARG A . n 
A 1 85  GLU 85  86  86  GLU GLU A . n 
A 1 86  VAL 86  87  87  VAL VAL A . n 
A 1 87  PHE 87  88  88  PHE PHE A . n 
A 1 88  SER 88  89  89  SER SER A . n 
A 1 89  GLY 89  90  90  GLY GLY A . n 
A 1 90  THR 90  91  91  THR THR A . n 
A 1 91  MET 91  92  92  MET MET A . n 
A 1 92  ASN 92  93  93  ASN ASN A . n 
A 1 93  LYS 93  94  94  LYS LYS A . n 
A 1 94  SER 94  95  95  SER SER A . n 
A 1 95  ASP 95  96  96  ASP ASP A . n 
A 1 96  LEU 96  97  97  LEU LEU A . n 
A 1 97  ARG 97  98  98  ARG ARG A . n 
A 1 98  TYR 98  99  99  TYR TYR A . n 
A 1 99  TRP 99  100 100 TRP TRP A . n 
A 1 100 ILE 100 101 101 ILE ILE A . n 
A 1 101 ASN 101 102 102 ASN ASN A . n 
A 1 102 ASN 102 103 103 ASN ASN A . n 
A 1 103 ASN 103 104 104 ASN ASN A . n 
A 1 104 ILE 104 105 105 ILE ILE A . n 
# 
loop_
_pdbx_nonpoly_scheme.asym_id 
_pdbx_nonpoly_scheme.entity_id 
_pdbx_nonpoly_scheme.mon_id 
_pdbx_nonpoly_scheme.ndb_seq_num 
_pdbx_nonpoly_scheme.pdb_seq_num 
_pdbx_nonpoly_scheme.auth_seq_num 
_pdbx_nonpoly_scheme.pdb_mon_id 
_pdbx_nonpoly_scheme.auth_mon_id 
_pdbx_nonpoly_scheme.pdb_strand_id 
_pdbx_nonpoly_scheme.pdb_ins_code 
B 2 HOH 1  201 1  HOH HOH A . 
B 2 HOH 2  202 2  HOH HOH A . 
B 2 HOH 3  203 3  HOH HOH A . 
B 2 HOH 4  204 4  HOH HOH A . 
B 2 HOH 5  205 5  HOH HOH A . 
B 2 HOH 6  206 6  HOH HOH A . 
B 2 HOH 7  207 7  HOH HOH A . 
B 2 HOH 8  208 8  HOH HOH A . 
B 2 HOH 9  209 9  HOH HOH A . 
B 2 HOH 10 210 10 HOH HOH A . 
B 2 HOH 11 211 11 HOH HOH A . 
B 2 HOH 12 212 12 HOH HOH A . 
B 2 HOH 13 213 13 HOH HOH A . 
B 2 HOH 14 214 14 HOH HOH A . 
B 2 HOH 15 215 15 HOH HOH A . 
B 2 HOH 16 216 16 HOH HOH A . 
B 2 HOH 17 217 17 HOH HOH A . 
B 2 HOH 18 218 18 HOH HOH A . 
B 2 HOH 19 219 19 HOH HOH A . 
B 2 HOH 20 220 20 HOH HOH A . 
B 2 HOH 21 221 21 HOH HOH A . 
B 2 HOH 22 222 22 HOH HOH A . 
B 2 HOH 23 223 23 HOH HOH A . 
B 2 HOH 24 224 24 HOH HOH A . 
B 2 HOH 25 225 25 HOH HOH A . 
B 2 HOH 26 226 26 HOH HOH A . 
B 2 HOH 27 227 27 HOH HOH A . 
B 2 HOH 28 228 28 HOH HOH A . 
B 2 HOH 29 229 29 HOH HOH A . 
B 2 HOH 30 230 30 HOH HOH A . 
B 2 HOH 31 231 31 HOH HOH A . 
B 2 HOH 32 232 32 HOH HOH A . 
B 2 HOH 33 233 33 HOH HOH A . 
B 2 HOH 34 234 34 HOH HOH A . 
B 2 HOH 35 235 35 HOH HOH A . 
B 2 HOH 36 236 36 HOH HOH A . 
B 2 HOH 37 237 37 HOH HOH A . 
B 2 HOH 38 238 38 HOH HOH A . 
B 2 HOH 39 239 39 HOH HOH A . 
B 2 HOH 40 240 40 HOH HOH A . 
B 2 HOH 41 241 41 HOH HOH A . 
B 2 HOH 42 242 42 HOH HOH A . 
B 2 HOH 43 243 43 HOH HOH A . 
B 2 HOH 44 244 44 HOH HOH A . 
B 2 HOH 45 245 45 HOH HOH A . 
B 2 HOH 46 246 46 HOH HOH A . 
B 2 HOH 47 247 47 HOH HOH A . 
B 2 HOH 48 248 48 HOH HOH A . 
B 2 HOH 49 249 49 HOH HOH A . 
B 2 HOH 50 250 50 HOH HOH A . 
B 2 HOH 51 251 51 HOH HOH A . 
B 2 HOH 52 252 52 HOH HOH A . 
B 2 HOH 53 253 53 HOH HOH A . 
B 2 HOH 54 254 54 HOH HOH A . 
B 2 HOH 55 255 55 HOH HOH A . 
B 2 HOH 56 256 56 HOH HOH A . 
B 2 HOH 57 257 57 HOH HOH A . 
B 2 HOH 58 258 58 HOH HOH A . 
B 2 HOH 59 259 59 HOH HOH A . 
B 2 HOH 60 260 60 HOH HOH A . 
B 2 HOH 61 261 61 HOH HOH A . 
B 2 HOH 62 262 62 HOH HOH A . 
B 2 HOH 63 263 63 HOH HOH A . 
B 2 HOH 64 264 64 HOH HOH A . 
B 2 HOH 65 265 65 HOH HOH A . 
B 2 HOH 66 266 66 HOH HOH A . 
B 2 HOH 67 267 67 HOH HOH A . 
# 
loop_
_pdbx_unobs_or_zero_occ_atoms.id 
_pdbx_unobs_or_zero_occ_atoms.PDB_model_num 
_pdbx_unobs_or_zero_occ_atoms.polymer_flag 
_pdbx_unobs_or_zero_occ_atoms.occupancy_flag 
_pdbx_unobs_or_zero_occ_atoms.auth_asym_id 
_pdbx_unobs_or_zero_occ_atoms.auth_comp_id 
_pdbx_unobs_or_zero_occ_atoms.auth_seq_id 
_pdbx_unobs_or_zero_occ_atoms.PDB_ins_code 
_pdbx_unobs_or_zero_occ_atoms.auth_atom_id 
_pdbx_unobs_or_zero_occ_atoms.label_alt_id 
_pdbx_unobs_or_zero_occ_atoms.label_asym_id 
_pdbx_unobs_or_zero_occ_atoms.label_comp_id 
_pdbx_unobs_or_zero_occ_atoms.label_seq_id 
_pdbx_unobs_or_zero_occ_atoms.label_atom_id 
1  1 Y 1 A LYS 34  ? CD  ? A LYS 33  CD  
2  1 Y 1 A LYS 34  ? CE  ? A LYS 33  CE  
3  1 Y 1 A LYS 34  ? NZ  ? A LYS 33  NZ  
4  1 Y 1 A LYS 35  ? CG  ? A LYS 34  CG  
5  1 Y 1 A LYS 35  ? CD  ? A LYS 34  CD  
6  1 Y 1 A LYS 35  ? CE  ? A LYS 34  CE  
7  1 Y 1 A LYS 35  ? NZ  ? A LYS 34  NZ  
8  1 Y 1 A LYS 37  ? CD  ? A LYS 36  CD  
9  1 Y 1 A LYS 37  ? CE  ? A LYS 36  CE  
10 1 Y 1 A LYS 37  ? NZ  ? A LYS 36  NZ  
11 1 Y 1 A ARG 71  ? CG  ? A ARG 70  CG  
12 1 Y 1 A ARG 71  ? CD  ? A ARG 70  CD  
13 1 Y 1 A ARG 71  ? NE  ? A ARG 70  NE  
14 1 Y 1 A ARG 71  ? CZ  ? A ARG 70  CZ  
15 1 Y 1 A ARG 71  ? NH1 ? A ARG 70  NH1 
16 1 Y 1 A ARG 71  ? NH2 ? A ARG 70  NH2 
17 1 Y 1 A ILE 105 ? CG2 ? A ILE 104 CG2 
18 1 Y 1 A ILE 105 ? CD1 ? A ILE 104 CD1 
# 
loop_
_software.pdbx_ordinal 
_software.name 
_software.version 
_software.date 
_software.type 
_software.contact_author 
_software.contact_author_email 
_software.classification 
_software.location 
_software.language 
_software.citation_id 
1 SCALEPACK   .     ?                                program 'Zbyszek Otwinowski' hkl@hkl-xray.com            'data scaling'    
http://www.hkl-xray.com/                    ?   ? 
2 PHASER      2.4.0 'Tue Dec 6 02:39:25 2011 (svn )' program 'Randy J. Read'      cimr-phaser@lists.cam.ac.uk phasing           
http://www-structmed.cimr.cam.ac.uk/phaser/ ?   ? 
3 PHENIX      .     ?                                package 'Paul D. Adams'      PDAdams@lbl.gov             refinement        
http://www.phenix-online.org/               C++ ? 
4 PDB_EXTRACT 3.10  'June 10, 2010'                  package PDB                  deposit@deposit.rcsb.org    'data extraction' 
http://sw-tools.pdb.org/apps/PDB_EXTRACT/   C++ ? 
5 HKL-2000    .     ?                                ?       ?                    ?                           'data reduction'  ? 
?   ? 
6 HKL-2000    .     ?                                ?       ?                    ?                           'data scaling'    ? 
?   ? 
# 
_cell.length_a           30.219 
_cell.length_b           55.364 
_cell.length_c           54.435 
_cell.angle_alpha        90.000 
_cell.angle_beta         90.000 
_cell.angle_gamma        90.000 
_cell.entry_id           3VFI 
_cell.pdbx_unique_axis   ? 
_cell.Z_PDB              4 
_cell.length_a_esd       ? 
_cell.length_b_esd       ? 
_cell.length_c_esd       ? 
_cell.angle_alpha_esd    ? 
_cell.angle_beta_esd     ? 
_cell.angle_gamma_esd    ? 
# 
_symmetry.space_group_name_H-M             'P 21 21 21' 
_symmetry.entry_id                         3VFI 
_symmetry.Int_Tables_number                19 
_symmetry.pdbx_full_space_group_name_H-M   ? 
_symmetry.cell_setting                     ? 
_symmetry.space_group_name_Hall            ? 
# 
_exptl.crystals_number   1 
_exptl.entry_id          3VFI 
_exptl.method            'X-RAY DIFFRACTION' 
# 
_exptl_crystal.id                    1 
_exptl_crystal.density_Matthews      1.89 
_exptl_crystal.density_meas          ? 
_exptl_crystal.density_percent_sol   34.79 
_exptl_crystal.description           ? 
_exptl_crystal.F_000                 ? 
_exptl_crystal.preparation           ? 
# 
_exptl_crystal_grow.crystal_id      1 
_exptl_crystal_grow.method          'VAPOR DIFFUSION, SITTING DROP' 
_exptl_crystal_grow.pH              8.44 
_exptl_crystal_grow.temp            289 
_exptl_crystal_grow.temp_details    ? 
_exptl_crystal_grow.pdbx_details    
;0.27M Tris-HCL pH 8.44 
13.52% (w/v) PEG 1000 
13.52% (w/v) PEG 3350 
13.52% (w/v) MPD 
0.03M NaF 
0.03M NaBr 
0.03M NaI 
0.4uL@ 10mg/mL + 0.4uL, VAPOR DIFFUSION, SITTING DROP, temperature 289K
;
_exptl_crystal_grow.pdbx_pH_range   ? 
# 
_diffrn.id                     1 
_diffrn.ambient_temp           100 
_diffrn.ambient_temp_details   ? 
_diffrn.crystal_id             1 
# 
_diffrn_detector.diffrn_id              1 
_diffrn_detector.detector               CCD 
_diffrn_detector.type                   'RIGAKU SATURN 944+' 
_diffrn_detector.pdbx_collection_date   2011-12-19 
_diffrn_detector.details                ? 
# 
_diffrn_radiation.diffrn_id                        1 
_diffrn_radiation.wavelength_id                    1 
_diffrn_radiation.pdbx_diffrn_protocol             'SINGLE WAVELENGTH' 
_diffrn_radiation.monochromator                    ? 
_diffrn_radiation.pdbx_monochromatic_or_laue_m_l   M 
_diffrn_radiation.pdbx_scattering_type             x-ray 
# 
_diffrn_radiation_wavelength.id           1 
_diffrn_radiation_wavelength.wavelength   1.54178 
_diffrn_radiation_wavelength.wt           1.0 
# 
_diffrn_source.diffrn_id                   1 
_diffrn_source.source                      'ROTATING ANODE' 
_diffrn_source.type                        'RIGAKU FR-E+ SUPERBRIGHT' 
_diffrn_source.pdbx_wavelength             ? 
_diffrn_source.pdbx_wavelength_list        1.54178 
_diffrn_source.pdbx_synchrotron_site       ? 
_diffrn_source.pdbx_synchrotron_beamline   ? 
# 
_reflns.entry_id                     3VFI 
_reflns.d_resolution_high            1.730 
_reflns.d_resolution_low             50.000 
_reflns.number_obs                   9812 
_reflns.pdbx_Rmerge_I_obs            0.075 
_reflns.pdbx_netI_over_sigmaI        23.200 
_reflns.pdbx_chi_squared             1.025 
_reflns.pdbx_redundancy              4.300 
_reflns.percent_possible_obs         97.200 
_reflns.observed_criterion_sigma_F   2 
_reflns.observed_criterion_sigma_I   2 
_reflns.number_all                   10095 
_reflns.pdbx_Rsym_value              ? 
_reflns.B_iso_Wilson_estimate        ? 
_reflns.R_free_details               ? 
_reflns.limit_h_max                  ? 
_reflns.limit_h_min                  ? 
_reflns.limit_k_max                  ? 
_reflns.limit_k_min                  ? 
_reflns.limit_l_max                  ? 
_reflns.limit_l_min                  ? 
_reflns.observed_criterion_F_max     ? 
_reflns.observed_criterion_F_min     ? 
_reflns.pdbx_scaling_rejects         ? 
_reflns.pdbx_ordinal                 1 
_reflns.pdbx_diffrn_id               1 
# 
loop_
_reflns_shell.d_res_high 
_reflns_shell.d_res_low 
_reflns_shell.number_measured_obs 
_reflns_shell.number_measured_all 
_reflns_shell.number_unique_obs 
_reflns_shell.Rmerge_I_obs 
_reflns_shell.meanI_over_sigI_obs 
_reflns_shell.pdbx_Rsym_value 
_reflns_shell.pdbx_chi_squared 
_reflns_shell.pdbx_redundancy 
_reflns_shell.percent_possible_obs 
_reflns_shell.number_unique_all 
_reflns_shell.percent_possible_all 
_reflns_shell.pdbx_ordinal 
_reflns_shell.pdbx_diffrn_id 
1.730 1.760  ? ? ? 0.170 ? ? 0.571 2.100 ? 355 72.700  1  1 
1.760 1.790  ? ? ? 0.142 ? ? 0.620 2.500 ? 463 92.400  2  1 
1.790 1.830  ? ? ? 0.136 ? ? 0.628 2.800 ? 483 99.600  3  1 
1.830 1.860  ? ? ? 0.125 ? ? 0.647 2.800 ? 489 99.400  4  1 
1.860 1.900  ? ? ? 0.120 ? ? 0.728 2.900 ? 492 99.000  5  1 
1.900 1.950  ? ? ? 0.105 ? ? 0.809 3.000 ? 482 100.000 6  1 
1.950 2.000  ? ? ? 0.098 ? ? 0.851 3.000 ? 499 99.800  7  1 
2.000 2.050  ? ? ? 0.092 ? ? 0.938 3.100 ? 497 100.000 8  1 
2.050 2.110  ? ? ? 0.107 ? ? 1.398 3.400 ? 488 100.000 9  1 
2.110 2.180  ? ? ? 0.105 ? ? 1.422 3.800 ? 502 99.800  10 1 
2.180 2.260  ? ? ? 0.105 ? ? 1.518 4.200 ? 495 100.000 11 1 
2.260 2.350  ? ? ? 0.101 ? ? 1.410 4.500 ? 504 100.000 12 1 
2.350 2.450  ? ? ? 0.106 ? ? 1.397 4.800 ? 494 99.600  13 1 
2.450 2.580  ? ? ? 0.095 ? ? 1.225 4.900 ? 503 100.000 14 1 
2.580 2.750  ? ? ? 0.099 ? ? 1.240 5.400 ? 517 100.000 15 1 
2.750 2.960  ? ? ? 0.105 ? ? 1.316 6.300 ? 498 100.000 16 1 
2.960 3.260  ? ? ? 0.097 ? ? 1.114 6.500 ? 511 98.800  17 1 
3.262 3.730  ? ? ? 0.080 ? ? 0.896 6.100 ? 501 96.300  18 1 
3.733 4.690  ? ? ? 0.064 ? ? 0.632 6.000 ? 486 93.300  19 1 
4.692 50.000 ? ? ? 0.047 ? ? 0.325 5.900 ? 553 94.200  20 1 
# 
_refine.entry_id                                 3VFI 
_refine.ls_d_res_high                            1.75 
_refine.ls_d_res_low                             50 
_refine.pdbx_ls_sigma_F                          2 
_refine.pdbx_data_cutoff_high_absF               ? 
_refine.pdbx_data_cutoff_low_absF                ? 
_refine.ls_percent_reflns_obs                    ? 
_refine.ls_number_reflns_obs                     8781 
_refine.ls_number_reflns_all                     9242 
_refine.pdbx_ls_cross_valid_method               ? 
_refine.pdbx_R_Free_selection_details            5% 
_refine.details                                  ? 
_refine.ls_R_factor_all                          ? 
_refine.ls_R_factor_obs                          ? 
_refine.ls_R_factor_R_work                       0.2008 
_refine.ls_wR_factor_R_work                      ? 
_refine.ls_R_factor_R_free                       0.2327 
_refine.ls_wR_factor_R_free                      ? 
_refine.ls_percent_reflns_R_free                 ? 
_refine.ls_number_reflns_R_free                  461 
_refine.ls_R_factor_R_free_error                 ? 
_refine.B_iso_mean                               25.0787 
_refine.solvent_model_param_bsol                 ? 
_refine.solvent_model_param_ksol                 ? 
_refine.pdbx_isotropic_thermal_model             ? 
_refine.aniso_B[1][1]                            ? 
_refine.aniso_B[2][2]                            ? 
_refine.aniso_B[3][3]                            ? 
_refine.aniso_B[1][2]                            ? 
_refine.aniso_B[1][3]                            ? 
_refine.aniso_B[2][3]                            ? 
_refine.correlation_coeff_Fo_to_Fc               ? 
_refine.correlation_coeff_Fo_to_Fc_free          ? 
_refine.overall_SU_R_Cruickshank_DPI             ? 
_refine.overall_SU_R_free                        ? 
_refine.pdbx_overall_ESU_R                       ? 
_refine.pdbx_overall_ESU_R_Free                  ? 
_refine.overall_SU_ML                            ? 
_refine.overall_SU_B                             ? 
_refine.solvent_model_details                    ? 
_refine.pdbx_solvent_vdw_probe_radii             ? 
_refine.pdbx_solvent_ion_probe_radii             ? 
_refine.pdbx_solvent_shrinkage_radii             ? 
_refine.ls_number_parameters                     ? 
_refine.ls_number_restraints                     ? 
_refine.pdbx_starting_model                      ? 
_refine.pdbx_method_to_determine_struct          'MOLECULAR REPLACEMENT' 
_refine.pdbx_stereochemistry_target_values       'Engh & Huber' 
_refine.pdbx_stereochem_target_val_spec_case     ? 
_refine.overall_FOM_work_R_set                   ? 
_refine.B_iso_max                                70.110 
_refine.B_iso_min                                10.460 
_refine.pdbx_overall_phase_error                 ? 
_refine.occupancy_max                            1.000 
_refine.occupancy_min                            1.000 
_refine.pdbx_ls_sigma_I                          2 
_refine.ls_redundancy_reflns_obs                 ? 
_refine.ls_R_factor_R_free_error_details         ? 
_refine.pdbx_data_cutoff_high_rms_absF           ? 
_refine.overall_FOM_free_R_set                   ? 
_refine.pdbx_diffrn_id                           1 
_refine.pdbx_refine_id                           'X-RAY DIFFRACTION' 
_refine.pdbx_TLS_residual_ADP_flag               ? 
_refine.pdbx_overall_SU_R_free_Cruickshank_DPI   ? 
_refine.pdbx_overall_SU_R_Blow_DPI               ? 
_refine.pdbx_overall_SU_R_free_Blow_DPI          ? 
# 
_refine_hist.pdbx_refine_id                   'X-RAY DIFFRACTION' 
_refine_hist.cycle_id                         LAST 
_refine_hist.pdbx_number_atoms_protein        822 
_refine_hist.pdbx_number_atoms_nucleic_acid   0 
_refine_hist.pdbx_number_atoms_ligand         0 
_refine_hist.number_atoms_solvent             67 
_refine_hist.number_atoms_total               889 
_refine_hist.d_res_high                       1.75 
_refine_hist.d_res_low                        50 
# 
loop_
_refine_ls_restr.type 
_refine_ls_restr.dev_ideal 
_refine_ls_restr.dev_ideal_target 
_refine_ls_restr.number 
_refine_ls_restr.weight 
_refine_ls_restr.pdbx_restraint_function 
_refine_ls_restr.pdbx_refine_id 
f_bond_d  1.102 ? ? ? ? 'X-RAY DIFFRACTION' 
f_angle_d 0.007 ? ? ? ? 'X-RAY DIFFRACTION' 
# 
_refine_ls_shell.d_res_high                       1.7501 
_refine_ls_shell.d_res_low                        2.0031 
_refine_ls_shell.number_reflns_obs                2666 
_refine_ls_shell.number_reflns_R_free             140 
_refine_ls_shell.R_factor_R_work                  0.2239 
_refine_ls_shell.R_factor_R_free                  0.2975 
_refine_ls_shell.R_factor_R_free_error            ? 
_refine_ls_shell.percent_reflns_obs               88.6 
_refine_ls_shell.percent_reflns_R_free            ? 
_refine_ls_shell.pdbx_total_number_of_bins_used   ? 
_refine_ls_shell.number_reflns_R_work             ? 
_refine_ls_shell.redundancy_reflns_obs            ? 
_refine_ls_shell.number_reflns_all                ? 
_refine_ls_shell.R_factor_all                     ? 
_refine_ls_shell.pdbx_refine_id                   'X-RAY DIFFRACTION' 
# 
_struct.entry_id                  3VFI 
_struct.title                     'Crystal Structure of a Metagenomic Thioredoxin' 
_struct.pdbx_model_details        ? 
_struct.pdbx_CASP_flag            ? 
_struct.pdbx_model_type_details   ? 
# 
_struct_keywords.entry_id        3VFI 
_struct_keywords.pdbx_keywords   'ELECTRON TRANSPORT' 
_struct_keywords.text            'Thioredoxin, ELECTRON TRANSPORT' 
# 
loop_
_struct_asym.id 
_struct_asym.pdbx_blank_PDB_chainid_flag 
_struct_asym.pdbx_modified 
_struct_asym.entity_id 
_struct_asym.details 
A N N 1 ? 
B N N 2 ? 
# 
_struct_ref.id                         1 
_struct_ref.db_name                    UNP 
_struct_ref.db_code                    C4NT42_9CAUD 
_struct_ref.pdbx_db_accession          C4NT42 
_struct_ref.entity_id                  1 
_struct_ref.pdbx_seq_one_letter_code   
;LRSLSDSDFQLEVRQHPDPIIIMFTGSWCQPCKKMKPTFEEMASQMEGDIRFAYMDAEDAEKTMAELNIRTLPSLALFVD
GMIREVFSGTMNKSDLRYWINNNI
;
_struct_ref.pdbx_align_begin           2 
_struct_ref.pdbx_db_isoform            ? 
# 
_struct_ref_seq.align_id                      1 
_struct_ref_seq.ref_id                        1 
_struct_ref_seq.pdbx_PDB_id_code              3VFI 
_struct_ref_seq.pdbx_strand_id                A 
_struct_ref_seq.seq_align_beg                 1 
_struct_ref_seq.pdbx_seq_align_beg_ins_code   ? 
_struct_ref_seq.seq_align_end                 104 
_struct_ref_seq.pdbx_seq_align_end_ins_code   ? 
_struct_ref_seq.pdbx_db_accession             C4NT42 
_struct_ref_seq.db_align_beg                  2 
_struct_ref_seq.pdbx_db_align_beg_ins_code    ? 
_struct_ref_seq.db_align_end                  105 
_struct_ref_seq.pdbx_db_align_end_ins_code    ? 
_struct_ref_seq.pdbx_auth_seq_align_beg       2 
_struct_ref_seq.pdbx_auth_seq_align_end       105 
# 
_pdbx_struct_assembly.id                   1 
_pdbx_struct_assembly.details              author_and_software_defined_assembly 
_pdbx_struct_assembly.method_details       PISA 
_pdbx_struct_assembly.oligomeric_details   monomeric 
_pdbx_struct_assembly.oligomeric_count     1 
# 
_pdbx_struct_assembly_gen.assembly_id       1 
_pdbx_struct_assembly_gen.oper_expression   1 
_pdbx_struct_assembly_gen.asym_id_list      A,B 
# 
_pdbx_struct_oper_list.id                   1 
_pdbx_struct_oper_list.type                 'identity operation' 
_pdbx_struct_oper_list.name                 1_555 
_pdbx_struct_oper_list.symmetry_operation   x,y,z 
_pdbx_struct_oper_list.matrix[1][1]         1.0000000000 
_pdbx_struct_oper_list.matrix[1][2]         0.0000000000 
_pdbx_struct_oper_list.matrix[1][3]         0.0000000000 
_pdbx_struct_oper_list.vector[1]            0.0000000000 
_pdbx_struct_oper_list.matrix[2][1]         0.0000000000 
_pdbx_struct_oper_list.matrix[2][2]         1.0000000000 
_pdbx_struct_oper_list.matrix[2][3]         0.0000000000 
_pdbx_struct_oper_list.vector[2]            0.0000000000 
_pdbx_struct_oper_list.matrix[3][1]         0.0000000000 
_pdbx_struct_oper_list.matrix[3][2]         0.0000000000 
_pdbx_struct_oper_list.matrix[3][3]         1.0000000000 
_pdbx_struct_oper_list.vector[3]            0.0000000000 
# 
_struct_biol.id        1 
_struct_biol.details   ? 
# 
loop_
_struct_conf.conf_type_id 
_struct_conf.id 
_struct_conf.pdbx_PDB_helix_id 
_struct_conf.beg_label_comp_id 
_struct_conf.beg_label_asym_id 
_struct_conf.beg_label_seq_id 
_struct_conf.pdbx_beg_PDB_ins_code 
_struct_conf.end_label_comp_id 
_struct_conf.end_label_asym_id 
_struct_conf.end_label_seq_id 
_struct_conf.pdbx_end_PDB_ins_code 
_struct_conf.beg_auth_comp_id 
_struct_conf.beg_auth_asym_id 
_struct_conf.beg_auth_seq_id 
_struct_conf.end_auth_comp_id 
_struct_conf.end_auth_asym_id 
_struct_conf.end_auth_seq_id 
_struct_conf.pdbx_PDB_helix_class 
_struct_conf.details 
_struct_conf.pdbx_PDB_helix_length 
HELX_P HELX_P1 1 SER A 5  ? SER A 7   ? SER A 6  SER A 8   5 ? 3  
HELX_P HELX_P2 2 ASP A 8  ? VAL A 13  ? ASP A 9  VAL A 14  1 ? 6  
HELX_P HELX_P3 3 CYS A 29 ? MET A 46  ? CYS A 30 MET A 47  1 ? 18 
HELX_P HELX_P4 4 ALA A 60 ? LEU A 67  ? ALA A 61 LEU A 68  1 ? 8  
HELX_P HELX_P5 5 ASN A 92 ? ILE A 104 ? ASN A 93 ILE A 105 1 ? 13 
# 
_struct_conf_type.id          HELX_P 
_struct_conf_type.criteria    ? 
_struct_conf_type.reference   ? 
# 
_struct_conn.id                            disulf1 
_struct_conn.conn_type_id                  disulf 
_struct_conn.pdbx_leaving_atom_flag        ? 
_struct_conn.pdbx_PDB_id                   ? 
_struct_conn.ptnr1_label_asym_id           A 
_struct_conn.ptnr1_label_comp_id           CYS 
_struct_conn.ptnr1_label_seq_id            29 
_struct_conn.ptnr1_label_atom_id           SG 
_struct_conn.pdbx_ptnr1_label_alt_id       ? 
_struct_conn.pdbx_ptnr1_PDB_ins_code       ? 
_struct_conn.pdbx_ptnr1_standard_comp_id   ? 
_struct_conn.ptnr1_symmetry                1_555 
_struct_conn.ptnr2_label_asym_id           A 
_struct_conn.ptnr2_label_comp_id           CYS 
_struct_conn.ptnr2_label_seq_id            32 
_struct_conn.ptnr2_label_atom_id           SG 
_struct_conn.pdbx_ptnr2_label_alt_id       ? 
_struct_conn.pdbx_ptnr2_PDB_ins_code       ? 
_struct_conn.ptnr1_auth_asym_id            A 
_struct_conn.ptnr1_auth_comp_id            CYS 
_struct_conn.ptnr1_auth_seq_id             30 
_struct_conn.ptnr2_auth_asym_id            A 
_struct_conn.ptnr2_auth_comp_id            CYS 
_struct_conn.ptnr2_auth_seq_id             33 
_struct_conn.ptnr2_symmetry                1_555 
_struct_conn.pdbx_ptnr3_label_atom_id      ? 
_struct_conn.pdbx_ptnr3_label_seq_id       ? 
_struct_conn.pdbx_ptnr3_label_comp_id      ? 
_struct_conn.pdbx_ptnr3_label_asym_id      ? 
_struct_conn.pdbx_ptnr3_label_alt_id       ? 
_struct_conn.pdbx_ptnr3_PDB_ins_code       ? 
_struct_conn.details                       ? 
_struct_conn.pdbx_dist_value               2.611 
_struct_conn.pdbx_value_order              ? 
_struct_conn.pdbx_role                     ? 
# 
_struct_conn_type.id          disulf 
_struct_conn_type.criteria    ? 
_struct_conn_type.reference   ? 
# 
_pdbx_modification_feature.ordinal                            1 
_pdbx_modification_feature.label_comp_id                      CYS 
_pdbx_modification_feature.label_asym_id                      A 
_pdbx_modification_feature.label_seq_id                       29 
_pdbx_modification_feature.label_alt_id                       ? 
_pdbx_modification_feature.modified_residue_label_comp_id     CYS 
_pdbx_modification_feature.modified_residue_label_asym_id     A 
_pdbx_modification_feature.modified_residue_label_seq_id      32 
_pdbx_modification_feature.modified_residue_label_alt_id      ? 
_pdbx_modification_feature.auth_comp_id                       CYS 
_pdbx_modification_feature.auth_asym_id                       A 
_pdbx_modification_feature.auth_seq_id                        30 
_pdbx_modification_feature.PDB_ins_code                       ? 
_pdbx_modification_feature.symmetry                           1_555 
_pdbx_modification_feature.modified_residue_auth_comp_id      CYS 
_pdbx_modification_feature.modified_residue_auth_asym_id      A 
_pdbx_modification_feature.modified_residue_auth_seq_id       33 
_pdbx_modification_feature.modified_residue_PDB_ins_code      ? 
_pdbx_modification_feature.modified_residue_symmetry          1_555 
_pdbx_modification_feature.comp_id_linking_atom               SG 
_pdbx_modification_feature.modified_residue_id_linking_atom   SG 
_pdbx_modification_feature.modified_residue_id                . 
_pdbx_modification_feature.ref_pcm_id                         . 
_pdbx_modification_feature.ref_comp_id                        . 
_pdbx_modification_feature.type                               None 
_pdbx_modification_feature.category                           'Disulfide bridge' 
# 
_struct_mon_prot_cis.pdbx_id                1 
_struct_mon_prot_cis.label_comp_id          LEU 
_struct_mon_prot_cis.label_seq_id           72 
_struct_mon_prot_cis.label_asym_id          A 
_struct_mon_prot_cis.label_alt_id           . 
_struct_mon_prot_cis.pdbx_PDB_ins_code      ? 
_struct_mon_prot_cis.auth_comp_id           LEU 
_struct_mon_prot_cis.auth_seq_id            73 
_struct_mon_prot_cis.auth_asym_id           A 
_struct_mon_prot_cis.pdbx_label_comp_id_2   PRO 
_struct_mon_prot_cis.pdbx_label_seq_id_2    73 
_struct_mon_prot_cis.pdbx_label_asym_id_2   A 
_struct_mon_prot_cis.pdbx_PDB_ins_code_2    ? 
_struct_mon_prot_cis.pdbx_auth_comp_id_2    PRO 
_struct_mon_prot_cis.pdbx_auth_seq_id_2     74 
_struct_mon_prot_cis.pdbx_auth_asym_id_2    A 
_struct_mon_prot_cis.pdbx_PDB_model_num     1 
_struct_mon_prot_cis.pdbx_omega_angle       0.07 
# 
_struct_sheet.id               A 
_struct_sheet.type             ? 
_struct_sheet.number_strands   5 
_struct_sheet.details          ? 
# 
loop_
_struct_sheet_order.sheet_id 
_struct_sheet_order.range_id_1 
_struct_sheet_order.range_id_2 
_struct_sheet_order.offset 
_struct_sheet_order.sense 
A 1 2 ? parallel      
A 2 3 ? parallel      
A 3 4 ? anti-parallel 
A 4 5 ? anti-parallel 
# 
loop_
_struct_sheet_range.sheet_id 
_struct_sheet_range.id 
_struct_sheet_range.beg_label_comp_id 
_struct_sheet_range.beg_label_asym_id 
_struct_sheet_range.beg_label_seq_id 
_struct_sheet_range.pdbx_beg_PDB_ins_code 
_struct_sheet_range.end_label_comp_id 
_struct_sheet_range.end_label_asym_id 
_struct_sheet_range.end_label_seq_id 
_struct_sheet_range.pdbx_end_PDB_ins_code 
_struct_sheet_range.beg_auth_comp_id 
_struct_sheet_range.beg_auth_asym_id 
_struct_sheet_range.beg_auth_seq_id 
_struct_sheet_range.end_auth_comp_id 
_struct_sheet_range.end_auth_asym_id 
_struct_sheet_range.end_auth_seq_id 
A 1 ARG A 2  ? LEU A 4  ? ARG A 3  LEU A 5  
A 2 ARG A 51 ? ASP A 56 ? ARG A 52 ASP A 57 
A 3 ILE A 20 ? THR A 25 ? ILE A 21 THR A 26 
A 4 SER A 74 ? VAL A 79 ? SER A 75 VAL A 80 
A 5 MET A 82 ? SER A 88 ? MET A 83 SER A 89 
# 
loop_
_pdbx_struct_sheet_hbond.sheet_id 
_pdbx_struct_sheet_hbond.range_id_1 
_pdbx_struct_sheet_hbond.range_id_2 
_pdbx_struct_sheet_hbond.range_1_label_atom_id 
_pdbx_struct_sheet_hbond.range_1_label_comp_id 
_pdbx_struct_sheet_hbond.range_1_label_asym_id 
_pdbx_struct_sheet_hbond.range_1_label_seq_id 
_pdbx_struct_sheet_hbond.range_1_PDB_ins_code 
_pdbx_struct_sheet_hbond.range_1_auth_atom_id 
_pdbx_struct_sheet_hbond.range_1_auth_comp_id 
_pdbx_struct_sheet_hbond.range_1_auth_asym_id 
_pdbx_struct_sheet_hbond.range_1_auth_seq_id 
_pdbx_struct_sheet_hbond.range_2_label_atom_id 
_pdbx_struct_sheet_hbond.range_2_label_comp_id 
_pdbx_struct_sheet_hbond.range_2_label_asym_id 
_pdbx_struct_sheet_hbond.range_2_label_seq_id 
_pdbx_struct_sheet_hbond.range_2_PDB_ins_code 
_pdbx_struct_sheet_hbond.range_2_auth_atom_id 
_pdbx_struct_sheet_hbond.range_2_auth_comp_id 
_pdbx_struct_sheet_hbond.range_2_auth_asym_id 
_pdbx_struct_sheet_hbond.range_2_auth_seq_id 
A 1 2 N LEU A 4  ? N LEU A 5  O TYR A 54 ? O TYR A 55 
A 2 3 O ALA A 53 ? O ALA A 54 N MET A 23 ? N MET A 24 
A 3 4 N ILE A 20 ? N ILE A 21 O PHE A 78 ? O PHE A 79 
A 4 5 N LEU A 77 ? N LEU A 78 O ARG A 84 ? O ARG A 85 
# 
_pdbx_entry_details.entry_id                   3VFI 
_pdbx_entry_details.compound_details           ? 
_pdbx_entry_details.source_details             ? 
_pdbx_entry_details.nonpolymer_details         ? 
_pdbx_entry_details.sequence_details           ? 
_pdbx_entry_details.has_ligand_of_interest     ? 
_pdbx_entry_details.has_protein_modification   Y 
# 
_pdbx_validate_torsion.id              1 
_pdbx_validate_torsion.PDB_model_num   1 
_pdbx_validate_torsion.auth_comp_id    TRP 
_pdbx_validate_torsion.auth_asym_id    A 
_pdbx_validate_torsion.auth_seq_id     29 
_pdbx_validate_torsion.PDB_ins_code    ? 
_pdbx_validate_torsion.label_alt_id    ? 
_pdbx_validate_torsion.phi             -107.14 
_pdbx_validate_torsion.psi             69.88 
# 
_pdbx_phasing_MR.entry_id                     3VFI 
_pdbx_phasing_MR.method_rotation              ? 
_pdbx_phasing_MR.method_translation           ? 
_pdbx_phasing_MR.model_details                ? 
_pdbx_phasing_MR.R_factor                     ? 
_pdbx_phasing_MR.R_rigid_body                 ? 
_pdbx_phasing_MR.correlation_coeff_Fo_to_Fc   ? 
_pdbx_phasing_MR.correlation_coeff_Io_to_Ic   ? 
_pdbx_phasing_MR.d_res_high_rotation          2.500 
_pdbx_phasing_MR.d_res_low_rotation           20.220 
_pdbx_phasing_MR.d_res_high_translation       2.500 
_pdbx_phasing_MR.d_res_low_translation        20.220 
_pdbx_phasing_MR.packing                      ? 
_pdbx_phasing_MR.reflns_percent_rotation      ? 
_pdbx_phasing_MR.reflns_percent_translation   ? 
_pdbx_phasing_MR.sigma_F_rotation             ? 
_pdbx_phasing_MR.sigma_F_translation          ? 
_pdbx_phasing_MR.sigma_I_rotation             ? 
_pdbx_phasing_MR.sigma_I_translation          ? 
# 
_phasing.method   MR 
# 
loop_
_chem_comp_atom.comp_id 
_chem_comp_atom.atom_id 
_chem_comp_atom.type_symbol 
_chem_comp_atom.pdbx_aromatic_flag 
_chem_comp_atom.pdbx_stereo_config 
_chem_comp_atom.pdbx_ordinal 
ALA N    N N N 1   
ALA CA   C N S 2   
ALA C    C N N 3   
ALA O    O N N 4   
ALA CB   C N N 5   
ALA OXT  O N N 6   
ALA H    H N N 7   
ALA H2   H N N 8   
ALA HA   H N N 9   
ALA HB1  H N N 10  
ALA HB2  H N N 11  
ALA HB3  H N N 12  
ALA HXT  H N N 13  
ARG N    N N N 14  
ARG CA   C N S 15  
ARG C    C N N 16  
ARG O    O N N 17  
ARG CB   C N N 18  
ARG CG   C N N 19  
ARG CD   C N N 20  
ARG NE   N N N 21  
ARG CZ   C N N 22  
ARG NH1  N N N 23  
ARG NH2  N N N 24  
ARG OXT  O N N 25  
ARG H    H N N 26  
ARG H2   H N N 27  
ARG HA   H N N 28  
ARG HB2  H N N 29  
ARG HB3  H N N 30  
ARG HG2  H N N 31  
ARG HG3  H N N 32  
ARG HD2  H N N 33  
ARG HD3  H N N 34  
ARG HE   H N N 35  
ARG HH11 H N N 36  
ARG HH12 H N N 37  
ARG HH21 H N N 38  
ARG HH22 H N N 39  
ARG HXT  H N N 40  
ASN N    N N N 41  
ASN CA   C N S 42  
ASN C    C N N 43  
ASN O    O N N 44  
ASN CB   C N N 45  
ASN CG   C N N 46  
ASN OD1  O N N 47  
ASN ND2  N N N 48  
ASN OXT  O N N 49  
ASN H    H N N 50  
ASN H2   H N N 51  
ASN HA   H N N 52  
ASN HB2  H N N 53  
ASN HB3  H N N 54  
ASN HD21 H N N 55  
ASN HD22 H N N 56  
ASN HXT  H N N 57  
ASP N    N N N 58  
ASP CA   C N S 59  
ASP C    C N N 60  
ASP O    O N N 61  
ASP CB   C N N 62  
ASP CG   C N N 63  
ASP OD1  O N N 64  
ASP OD2  O N N 65  
ASP OXT  O N N 66  
ASP H    H N N 67  
ASP H2   H N N 68  
ASP HA   H N N 69  
ASP HB2  H N N 70  
ASP HB3  H N N 71  
ASP HD2  H N N 72  
ASP HXT  H N N 73  
CYS N    N N N 74  
CYS CA   C N R 75  
CYS C    C N N 76  
CYS O    O N N 77  
CYS CB   C N N 78  
CYS SG   S N N 79  
CYS OXT  O N N 80  
CYS H    H N N 81  
CYS H2   H N N 82  
CYS HA   H N N 83  
CYS HB2  H N N 84  
CYS HB3  H N N 85  
CYS HG   H N N 86  
CYS HXT  H N N 87  
GLN N    N N N 88  
GLN CA   C N S 89  
GLN C    C N N 90  
GLN O    O N N 91  
GLN CB   C N N 92  
GLN CG   C N N 93  
GLN CD   C N N 94  
GLN OE1  O N N 95  
GLN NE2  N N N 96  
GLN OXT  O N N 97  
GLN H    H N N 98  
GLN H2   H N N 99  
GLN HA   H N N 100 
GLN HB2  H N N 101 
GLN HB3  H N N 102 
GLN HG2  H N N 103 
GLN HG3  H N N 104 
GLN HE21 H N N 105 
GLN HE22 H N N 106 
GLN HXT  H N N 107 
GLU N    N N N 108 
GLU CA   C N S 109 
GLU C    C N N 110 
GLU O    O N N 111 
GLU CB   C N N 112 
GLU CG   C N N 113 
GLU CD   C N N 114 
GLU OE1  O N N 115 
GLU OE2  O N N 116 
GLU OXT  O N N 117 
GLU H    H N N 118 
GLU H2   H N N 119 
GLU HA   H N N 120 
GLU HB2  H N N 121 
GLU HB3  H N N 122 
GLU HG2  H N N 123 
GLU HG3  H N N 124 
GLU HE2  H N N 125 
GLU HXT  H N N 126 
GLY N    N N N 127 
GLY CA   C N N 128 
GLY C    C N N 129 
GLY O    O N N 130 
GLY OXT  O N N 131 
GLY H    H N N 132 
GLY H2   H N N 133 
GLY HA2  H N N 134 
GLY HA3  H N N 135 
GLY HXT  H N N 136 
HIS N    N N N 137 
HIS CA   C N S 138 
HIS C    C N N 139 
HIS O    O N N 140 
HIS CB   C N N 141 
HIS CG   C Y N 142 
HIS ND1  N Y N 143 
HIS CD2  C Y N 144 
HIS CE1  C Y N 145 
HIS NE2  N Y N 146 
HIS OXT  O N N 147 
HIS H    H N N 148 
HIS H2   H N N 149 
HIS HA   H N N 150 
HIS HB2  H N N 151 
HIS HB3  H N N 152 
HIS HD1  H N N 153 
HIS HD2  H N N 154 
HIS HE1  H N N 155 
HIS HE2  H N N 156 
HIS HXT  H N N 157 
HOH O    O N N 158 
HOH H1   H N N 159 
HOH H2   H N N 160 
ILE N    N N N 161 
ILE CA   C N S 162 
ILE C    C N N 163 
ILE O    O N N 164 
ILE CB   C N S 165 
ILE CG1  C N N 166 
ILE CG2  C N N 167 
ILE CD1  C N N 168 
ILE OXT  O N N 169 
ILE H    H N N 170 
ILE H2   H N N 171 
ILE HA   H N N 172 
ILE HB   H N N 173 
ILE HG12 H N N 174 
ILE HG13 H N N 175 
ILE HG21 H N N 176 
ILE HG22 H N N 177 
ILE HG23 H N N 178 
ILE HD11 H N N 179 
ILE HD12 H N N 180 
ILE HD13 H N N 181 
ILE HXT  H N N 182 
LEU N    N N N 183 
LEU CA   C N S 184 
LEU C    C N N 185 
LEU O    O N N 186 
LEU CB   C N N 187 
LEU CG   C N N 188 
LEU CD1  C N N 189 
LEU CD2  C N N 190 
LEU OXT  O N N 191 
LEU H    H N N 192 
LEU H2   H N N 193 
LEU HA   H N N 194 
LEU HB2  H N N 195 
LEU HB3  H N N 196 
LEU HG   H N N 197 
LEU HD11 H N N 198 
LEU HD12 H N N 199 
LEU HD13 H N N 200 
LEU HD21 H N N 201 
LEU HD22 H N N 202 
LEU HD23 H N N 203 
LEU HXT  H N N 204 
LYS N    N N N 205 
LYS CA   C N S 206 
LYS C    C N N 207 
LYS O    O N N 208 
LYS CB   C N N 209 
LYS CG   C N N 210 
LYS CD   C N N 211 
LYS CE   C N N 212 
LYS NZ   N N N 213 
LYS OXT  O N N 214 
LYS H    H N N 215 
LYS H2   H N N 216 
LYS HA   H N N 217 
LYS HB2  H N N 218 
LYS HB3  H N N 219 
LYS HG2  H N N 220 
LYS HG3  H N N 221 
LYS HD2  H N N 222 
LYS HD3  H N N 223 
LYS HE2  H N N 224 
LYS HE3  H N N 225 
LYS HZ1  H N N 226 
LYS HZ2  H N N 227 
LYS HZ3  H N N 228 
LYS HXT  H N N 229 
MET N    N N N 230 
MET CA   C N S 231 
MET C    C N N 232 
MET O    O N N 233 
MET CB   C N N 234 
MET CG   C N N 235 
MET SD   S N N 236 
MET CE   C N N 237 
MET OXT  O N N 238 
MET H    H N N 239 
MET H2   H N N 240 
MET HA   H N N 241 
MET HB2  H N N 242 
MET HB3  H N N 243 
MET HG2  H N N 244 
MET HG3  H N N 245 
MET HE1  H N N 246 
MET HE2  H N N 247 
MET HE3  H N N 248 
MET HXT  H N N 249 
PHE N    N N N 250 
PHE CA   C N S 251 
PHE C    C N N 252 
PHE O    O N N 253 
PHE CB   C N N 254 
PHE CG   C Y N 255 
PHE CD1  C Y N 256 
PHE CD2  C Y N 257 
PHE CE1  C Y N 258 
PHE CE2  C Y N 259 
PHE CZ   C Y N 260 
PHE OXT  O N N 261 
PHE H    H N N 262 
PHE H2   H N N 263 
PHE HA   H N N 264 
PHE HB2  H N N 265 
PHE HB3  H N N 266 
PHE HD1  H N N 267 
PHE HD2  H N N 268 
PHE HE1  H N N 269 
PHE HE2  H N N 270 
PHE HZ   H N N 271 
PHE HXT  H N N 272 
PRO N    N N N 273 
PRO CA   C N S 274 
PRO C    C N N 275 
PRO O    O N N 276 
PRO CB   C N N 277 
PRO CG   C N N 278 
PRO CD   C N N 279 
PRO OXT  O N N 280 
PRO H    H N N 281 
PRO HA   H N N 282 
PRO HB2  H N N 283 
PRO HB3  H N N 284 
PRO HG2  H N N 285 
PRO HG3  H N N 286 
PRO HD2  H N N 287 
PRO HD3  H N N 288 
PRO HXT  H N N 289 
SER N    N N N 290 
SER CA   C N S 291 
SER C    C N N 292 
SER O    O N N 293 
SER CB   C N N 294 
SER OG   O N N 295 
SER OXT  O N N 296 
SER H    H N N 297 
SER H2   H N N 298 
SER HA   H N N 299 
SER HB2  H N N 300 
SER HB3  H N N 301 
SER HG   H N N 302 
SER HXT  H N N 303 
THR N    N N N 304 
THR CA   C N S 305 
THR C    C N N 306 
THR O    O N N 307 
THR CB   C N R 308 
THR OG1  O N N 309 
THR CG2  C N N 310 
THR OXT  O N N 311 
THR H    H N N 312 
THR H2   H N N 313 
THR HA   H N N 314 
THR HB   H N N 315 
THR HG1  H N N 316 
THR HG21 H N N 317 
THR HG22 H N N 318 
THR HG23 H N N 319 
THR HXT  H N N 320 
TRP N    N N N 321 
TRP CA   C N S 322 
TRP C    C N N 323 
TRP O    O N N 324 
TRP CB   C N N 325 
TRP CG   C Y N 326 
TRP CD1  C Y N 327 
TRP CD2  C Y N 328 
TRP NE1  N Y N 329 
TRP CE2  C Y N 330 
TRP CE3  C Y N 331 
TRP CZ2  C Y N 332 
TRP CZ3  C Y N 333 
TRP CH2  C Y N 334 
TRP OXT  O N N 335 
TRP H    H N N 336 
TRP H2   H N N 337 
TRP HA   H N N 338 
TRP HB2  H N N 339 
TRP HB3  H N N 340 
TRP HD1  H N N 341 
TRP HE1  H N N 342 
TRP HE3  H N N 343 
TRP HZ2  H N N 344 
TRP HZ3  H N N 345 
TRP HH2  H N N 346 
TRP HXT  H N N 347 
TYR N    N N N 348 
TYR CA   C N S 349 
TYR C    C N N 350 
TYR O    O N N 351 
TYR CB   C N N 352 
TYR CG   C Y N 353 
TYR CD1  C Y N 354 
TYR CD2  C Y N 355 
TYR CE1  C Y N 356 
TYR CE2  C Y N 357 
TYR CZ   C Y N 358 
TYR OH   O N N 359 
TYR OXT  O N N 360 
TYR H    H N N 361 
TYR H2   H N N 362 
TYR HA   H N N 363 
TYR HB2  H N N 364 
TYR HB3  H N N 365 
TYR HD1  H N N 366 
TYR HD2  H N N 367 
TYR HE1  H N N 368 
TYR HE2  H N N 369 
TYR HH   H N N 370 
TYR HXT  H N N 371 
VAL N    N N N 372 
VAL CA   C N S 373 
VAL C    C N N 374 
VAL O    O N N 375 
VAL CB   C N N 376 
VAL CG1  C N N 377 
VAL CG2  C N N 378 
VAL OXT  O N N 379 
VAL H    H N N 380 
VAL H2   H N N 381 
VAL HA   H N N 382 
VAL HB   H N N 383 
VAL HG11 H N N 384 
VAL HG12 H N N 385 
VAL HG13 H N N 386 
VAL HG21 H N N 387 
VAL HG22 H N N 388 
VAL HG23 H N N 389 
VAL HXT  H N N 390 
# 
loop_
_chem_comp_bond.comp_id 
_chem_comp_bond.atom_id_1 
_chem_comp_bond.atom_id_2 
_chem_comp_bond.value_order 
_chem_comp_bond.pdbx_aromatic_flag 
_chem_comp_bond.pdbx_stereo_config 
_chem_comp_bond.pdbx_ordinal 
ALA N   CA   sing N N 1   
ALA N   H    sing N N 2   
ALA N   H2   sing N N 3   
ALA CA  C    sing N N 4   
ALA CA  CB   sing N N 5   
ALA CA  HA   sing N N 6   
ALA C   O    doub N N 7   
ALA C   OXT  sing N N 8   
ALA CB  HB1  sing N N 9   
ALA CB  HB2  sing N N 10  
ALA CB  HB3  sing N N 11  
ALA OXT HXT  sing N N 12  
ARG N   CA   sing N N 13  
ARG N   H    sing N N 14  
ARG N   H2   sing N N 15  
ARG CA  C    sing N N 16  
ARG CA  CB   sing N N 17  
ARG CA  HA   sing N N 18  
ARG C   O    doub N N 19  
ARG C   OXT  sing N N 20  
ARG CB  CG   sing N N 21  
ARG CB  HB2  sing N N 22  
ARG CB  HB3  sing N N 23  
ARG CG  CD   sing N N 24  
ARG CG  HG2  sing N N 25  
ARG CG  HG3  sing N N 26  
ARG CD  NE   sing N N 27  
ARG CD  HD2  sing N N 28  
ARG CD  HD3  sing N N 29  
ARG NE  CZ   sing N N 30  
ARG NE  HE   sing N N 31  
ARG CZ  NH1  sing N N 32  
ARG CZ  NH2  doub N N 33  
ARG NH1 HH11 sing N N 34  
ARG NH1 HH12 sing N N 35  
ARG NH2 HH21 sing N N 36  
ARG NH2 HH22 sing N N 37  
ARG OXT HXT  sing N N 38  
ASN N   CA   sing N N 39  
ASN N   H    sing N N 40  
ASN N   H2   sing N N 41  
ASN CA  C    sing N N 42  
ASN CA  CB   sing N N 43  
ASN CA  HA   sing N N 44  
ASN C   O    doub N N 45  
ASN C   OXT  sing N N 46  
ASN CB  CG   sing N N 47  
ASN CB  HB2  sing N N 48  
ASN CB  HB3  sing N N 49  
ASN CG  OD1  doub N N 50  
ASN CG  ND2  sing N N 51  
ASN ND2 HD21 sing N N 52  
ASN ND2 HD22 sing N N 53  
ASN OXT HXT  sing N N 54  
ASP N   CA   sing N N 55  
ASP N   H    sing N N 56  
ASP N   H2   sing N N 57  
ASP CA  C    sing N N 58  
ASP CA  CB   sing N N 59  
ASP CA  HA   sing N N 60  
ASP C   O    doub N N 61  
ASP C   OXT  sing N N 62  
ASP CB  CG   sing N N 63  
ASP CB  HB2  sing N N 64  
ASP CB  HB3  sing N N 65  
ASP CG  OD1  doub N N 66  
ASP CG  OD2  sing N N 67  
ASP OD2 HD2  sing N N 68  
ASP OXT HXT  sing N N 69  
CYS N   CA   sing N N 70  
CYS N   H    sing N N 71  
CYS N   H2   sing N N 72  
CYS CA  C    sing N N 73  
CYS CA  CB   sing N N 74  
CYS CA  HA   sing N N 75  
CYS C   O    doub N N 76  
CYS C   OXT  sing N N 77  
CYS CB  SG   sing N N 78  
CYS CB  HB2  sing N N 79  
CYS CB  HB3  sing N N 80  
CYS SG  HG   sing N N 81  
CYS OXT HXT  sing N N 82  
GLN N   CA   sing N N 83  
GLN N   H    sing N N 84  
GLN N   H2   sing N N 85  
GLN CA  C    sing N N 86  
GLN CA  CB   sing N N 87  
GLN CA  HA   sing N N 88  
GLN C   O    doub N N 89  
GLN C   OXT  sing N N 90  
GLN CB  CG   sing N N 91  
GLN CB  HB2  sing N N 92  
GLN CB  HB3  sing N N 93  
GLN CG  CD   sing N N 94  
GLN CG  HG2  sing N N 95  
GLN CG  HG3  sing N N 96  
GLN CD  OE1  doub N N 97  
GLN CD  NE2  sing N N 98  
GLN NE2 HE21 sing N N 99  
GLN NE2 HE22 sing N N 100 
GLN OXT HXT  sing N N 101 
GLU N   CA   sing N N 102 
GLU N   H    sing N N 103 
GLU N   H2   sing N N 104 
GLU CA  C    sing N N 105 
GLU CA  CB   sing N N 106 
GLU CA  HA   sing N N 107 
GLU C   O    doub N N 108 
GLU C   OXT  sing N N 109 
GLU CB  CG   sing N N 110 
GLU CB  HB2  sing N N 111 
GLU CB  HB3  sing N N 112 
GLU CG  CD   sing N N 113 
GLU CG  HG2  sing N N 114 
GLU CG  HG3  sing N N 115 
GLU CD  OE1  doub N N 116 
GLU CD  OE2  sing N N 117 
GLU OE2 HE2  sing N N 118 
GLU OXT HXT  sing N N 119 
GLY N   CA   sing N N 120 
GLY N   H    sing N N 121 
GLY N   H2   sing N N 122 
GLY CA  C    sing N N 123 
GLY CA  HA2  sing N N 124 
GLY CA  HA3  sing N N 125 
GLY C   O    doub N N 126 
GLY C   OXT  sing N N 127 
GLY OXT HXT  sing N N 128 
HIS N   CA   sing N N 129 
HIS N   H    sing N N 130 
HIS N   H2   sing N N 131 
HIS CA  C    sing N N 132 
HIS CA  CB   sing N N 133 
HIS CA  HA   sing N N 134 
HIS C   O    doub N N 135 
HIS C   OXT  sing N N 136 
HIS CB  CG   sing N N 137 
HIS CB  HB2  sing N N 138 
HIS CB  HB3  sing N N 139 
HIS CG  ND1  sing Y N 140 
HIS CG  CD2  doub Y N 141 
HIS ND1 CE1  doub Y N 142 
HIS ND1 HD1  sing N N 143 
HIS CD2 NE2  sing Y N 144 
HIS CD2 HD2  sing N N 145 
HIS CE1 NE2  sing Y N 146 
HIS CE1 HE1  sing N N 147 
HIS NE2 HE2  sing N N 148 
HIS OXT HXT  sing N N 149 
HOH O   H1   sing N N 150 
HOH O   H2   sing N N 151 
ILE N   CA   sing N N 152 
ILE N   H    sing N N 153 
ILE N   H2   sing N N 154 
ILE CA  C    sing N N 155 
ILE CA  CB   sing N N 156 
ILE CA  HA   sing N N 157 
ILE C   O    doub N N 158 
ILE C   OXT  sing N N 159 
ILE CB  CG1  sing N N 160 
ILE CB  CG2  sing N N 161 
ILE CB  HB   sing N N 162 
ILE CG1 CD1  sing N N 163 
ILE CG1 HG12 sing N N 164 
ILE CG1 HG13 sing N N 165 
ILE CG2 HG21 sing N N 166 
ILE CG2 HG22 sing N N 167 
ILE CG2 HG23 sing N N 168 
ILE CD1 HD11 sing N N 169 
ILE CD1 HD12 sing N N 170 
ILE CD1 HD13 sing N N 171 
ILE OXT HXT  sing N N 172 
LEU N   CA   sing N N 173 
LEU N   H    sing N N 174 
LEU N   H2   sing N N 175 
LEU CA  C    sing N N 176 
LEU CA  CB   sing N N 177 
LEU CA  HA   sing N N 178 
LEU C   O    doub N N 179 
LEU C   OXT  sing N N 180 
LEU CB  CG   sing N N 181 
LEU CB  HB2  sing N N 182 
LEU CB  HB3  sing N N 183 
LEU CG  CD1  sing N N 184 
LEU CG  CD2  sing N N 185 
LEU CG  HG   sing N N 186 
LEU CD1 HD11 sing N N 187 
LEU CD1 HD12 sing N N 188 
LEU CD1 HD13 sing N N 189 
LEU CD2 HD21 sing N N 190 
LEU CD2 HD22 sing N N 191 
LEU CD2 HD23 sing N N 192 
LEU OXT HXT  sing N N 193 
LYS N   CA   sing N N 194 
LYS N   H    sing N N 195 
LYS N   H2   sing N N 196 
LYS CA  C    sing N N 197 
LYS CA  CB   sing N N 198 
LYS CA  HA   sing N N 199 
LYS C   O    doub N N 200 
LYS C   OXT  sing N N 201 
LYS CB  CG   sing N N 202 
LYS CB  HB2  sing N N 203 
LYS CB  HB3  sing N N 204 
LYS CG  CD   sing N N 205 
LYS CG  HG2  sing N N 206 
LYS CG  HG3  sing N N 207 
LYS CD  CE   sing N N 208 
LYS CD  HD2  sing N N 209 
LYS CD  HD3  sing N N 210 
LYS CE  NZ   sing N N 211 
LYS CE  HE2  sing N N 212 
LYS CE  HE3  sing N N 213 
LYS NZ  HZ1  sing N N 214 
LYS NZ  HZ2  sing N N 215 
LYS NZ  HZ3  sing N N 216 
LYS OXT HXT  sing N N 217 
MET N   CA   sing N N 218 
MET N   H    sing N N 219 
MET N   H2   sing N N 220 
MET CA  C    sing N N 221 
MET CA  CB   sing N N 222 
MET CA  HA   sing N N 223 
MET C   O    doub N N 224 
MET C   OXT  sing N N 225 
MET CB  CG   sing N N 226 
MET CB  HB2  sing N N 227 
MET CB  HB3  sing N N 228 
MET CG  SD   sing N N 229 
MET CG  HG2  sing N N 230 
MET CG  HG3  sing N N 231 
MET SD  CE   sing N N 232 
MET CE  HE1  sing N N 233 
MET CE  HE2  sing N N 234 
MET CE  HE3  sing N N 235 
MET OXT HXT  sing N N 236 
PHE N   CA   sing N N 237 
PHE N   H    sing N N 238 
PHE N   H2   sing N N 239 
PHE CA  C    sing N N 240 
PHE CA  CB   sing N N 241 
PHE CA  HA   sing N N 242 
PHE C   O    doub N N 243 
PHE C   OXT  sing N N 244 
PHE CB  CG   sing N N 245 
PHE CB  HB2  sing N N 246 
PHE CB  HB3  sing N N 247 
PHE CG  CD1  doub Y N 248 
PHE CG  CD2  sing Y N 249 
PHE CD1 CE1  sing Y N 250 
PHE CD1 HD1  sing N N 251 
PHE CD2 CE2  doub Y N 252 
PHE CD2 HD2  sing N N 253 
PHE CE1 CZ   doub Y N 254 
PHE CE1 HE1  sing N N 255 
PHE CE2 CZ   sing Y N 256 
PHE CE2 HE2  sing N N 257 
PHE CZ  HZ   sing N N 258 
PHE OXT HXT  sing N N 259 
PRO N   CA   sing N N 260 
PRO N   CD   sing N N 261 
PRO N   H    sing N N 262 
PRO CA  C    sing N N 263 
PRO CA  CB   sing N N 264 
PRO CA  HA   sing N N 265 
PRO C   O    doub N N 266 
PRO C   OXT  sing N N 267 
PRO CB  CG   sing N N 268 
PRO CB  HB2  sing N N 269 
PRO CB  HB3  sing N N 270 
PRO CG  CD   sing N N 271 
PRO CG  HG2  sing N N 272 
PRO CG  HG3  sing N N 273 
PRO CD  HD2  sing N N 274 
PRO CD  HD3  sing N N 275 
PRO OXT HXT  sing N N 276 
SER N   CA   sing N N 277 
SER N   H    sing N N 278 
SER N   H2   sing N N 279 
SER CA  C    sing N N 280 
SER CA  CB   sing N N 281 
SER CA  HA   sing N N 282 
SER C   O    doub N N 283 
SER C   OXT  sing N N 284 
SER CB  OG   sing N N 285 
SER CB  HB2  sing N N 286 
SER CB  HB3  sing N N 287 
SER OG  HG   sing N N 288 
SER OXT HXT  sing N N 289 
THR N   CA   sing N N 290 
THR N   H    sing N N 291 
THR N   H2   sing N N 292 
THR CA  C    sing N N 293 
THR CA  CB   sing N N 294 
THR CA  HA   sing N N 295 
THR C   O    doub N N 296 
THR C   OXT  sing N N 297 
THR CB  OG1  sing N N 298 
THR CB  CG2  sing N N 299 
THR CB  HB   sing N N 300 
THR OG1 HG1  sing N N 301 
THR CG2 HG21 sing N N 302 
THR CG2 HG22 sing N N 303 
THR CG2 HG23 sing N N 304 
THR OXT HXT  sing N N 305 
TRP N   CA   sing N N 306 
TRP N   H    sing N N 307 
TRP N   H2   sing N N 308 
TRP CA  C    sing N N 309 
TRP CA  CB   sing N N 310 
TRP CA  HA   sing N N 311 
TRP C   O    doub N N 312 
TRP C   OXT  sing N N 313 
TRP CB  CG   sing N N 314 
TRP CB  HB2  sing N N 315 
TRP CB  HB3  sing N N 316 
TRP CG  CD1  doub Y N 317 
TRP CG  CD2  sing Y N 318 
TRP CD1 NE1  sing Y N 319 
TRP CD1 HD1  sing N N 320 
TRP CD2 CE2  doub Y N 321 
TRP CD2 CE3  sing Y N 322 
TRP NE1 CE2  sing Y N 323 
TRP NE1 HE1  sing N N 324 
TRP CE2 CZ2  sing Y N 325 
TRP CE3 CZ3  doub Y N 326 
TRP CE3 HE3  sing N N 327 
TRP CZ2 CH2  doub Y N 328 
TRP CZ2 HZ2  sing N N 329 
TRP CZ3 CH2  sing Y N 330 
TRP CZ3 HZ3  sing N N 331 
TRP CH2 HH2  sing N N 332 
TRP OXT HXT  sing N N 333 
TYR N   CA   sing N N 334 
TYR N   H    sing N N 335 
TYR N   H2   sing N N 336 
TYR CA  C    sing N N 337 
TYR CA  CB   sing N N 338 
TYR CA  HA   sing N N 339 
TYR C   O    doub N N 340 
TYR C   OXT  sing N N 341 
TYR CB  CG   sing N N 342 
TYR CB  HB2  sing N N 343 
TYR CB  HB3  sing N N 344 
TYR CG  CD1  doub Y N 345 
TYR CG  CD2  sing Y N 346 
TYR CD1 CE1  sing Y N 347 
TYR CD1 HD1  sing N N 348 
TYR CD2 CE2  doub Y N 349 
TYR CD2 HD2  sing N N 350 
TYR CE1 CZ   doub Y N 351 
TYR CE1 HE1  sing N N 352 
TYR CE2 CZ   sing Y N 353 
TYR CE2 HE2  sing N N 354 
TYR CZ  OH   sing N N 355 
TYR OH  HH   sing N N 356 
TYR OXT HXT  sing N N 357 
VAL N   CA   sing N N 358 
VAL N   H    sing N N 359 
VAL N   H2   sing N N 360 
VAL CA  C    sing N N 361 
VAL CA  CB   sing N N 362 
VAL CA  HA   sing N N 363 
VAL C   O    doub N N 364 
VAL C   OXT  sing N N 365 
VAL CB  CG1  sing N N 366 
VAL CB  CG2  sing N N 367 
VAL CB  HB   sing N N 368 
VAL CG1 HG11 sing N N 369 
VAL CG1 HG12 sing N N 370 
VAL CG1 HG13 sing N N 371 
VAL CG2 HG21 sing N N 372 
VAL CG2 HG22 sing N N 373 
VAL CG2 HG23 sing N N 374 
VAL OXT HXT  sing N N 375 
# 
_atom_sites.entry_id                    3VFI 
_atom_sites.fract_transf_matrix[1][1]   0.02061299 
_atom_sites.fract_transf_matrix[1][2]   0.00532264 
_atom_sites.fract_transf_matrix[1][3]   -0.02533485 
_atom_sites.fract_transf_matrix[2][1]   -0.00620233 
_atom_sites.fract_transf_matrix[2][2]   -0.01486682 
_atom_sites.fract_transf_matrix[2][3]   -0.00816974 
_atom_sites.fract_transf_matrix[3][1]   -0.01291311 
_atom_sites.fract_transf_matrix[3][2]   0.01000565 
_atom_sites.fract_transf_matrix[3][3]   -0.00840429 
_atom_sites.fract_transf_vector[1]      0.435664 
_atom_sites.fract_transf_vector[2]      -0.001654 
_atom_sites.fract_transf_vector[3]      -0.135715 
# 
loop_
_atom_type.symbol 
C 
N 
O 
S 
# 
loop_
_atom_site.group_PDB 
_atom_site.id 
_atom_site.type_symbol 
_atom_site.label_atom_id 
_atom_site.label_alt_id 
_atom_site.label_comp_id 
_atom_site.label_asym_id 
_atom_site.label_entity_id 
_atom_site.label_seq_id 
_atom_site.pdbx_PDB_ins_code 
_atom_site.Cartn_x 
_atom_site.Cartn_y 
_atom_site.Cartn_z 
_atom_site.occupancy 
_atom_site.B_iso_or_equiv 
_atom_site.pdbx_formal_charge 
_atom_site.auth_seq_id 
_atom_site.auth_comp_id 
_atom_site.auth_asym_id 
_atom_site.auth_atom_id 
_atom_site.pdbx_PDB_model_num 
ATOM   1   N N   . LEU A 1 1   ? -8.778  6.687   4.913   1.00 34.52 ? 2   LEU A N   1 
ATOM   2   C CA  . LEU A 1 1   ? -7.551  6.606   4.128   1.00 26.20 ? 2   LEU A CA  1 
ATOM   3   C C   . LEU A 1 1   ? -7.816  7.025   2.687   1.00 22.92 ? 2   LEU A C   1 
ATOM   4   O O   . LEU A 1 1   ? -8.857  6.678   2.105   1.00 21.80 ? 2   LEU A O   1 
ATOM   5   C CB  . LEU A 1 1   ? -6.912  5.205   4.156   1.00 22.78 ? 2   LEU A CB  1 
ATOM   6   C CG  . LEU A 1 1   ? -6.291  4.683   5.463   1.00 22.32 ? 2   LEU A CG  1 
ATOM   7   C CD1 . LEU A 1 1   ? -5.414  3.469   5.153   1.00 18.46 ? 2   LEU A CD1 1 
ATOM   8   C CD2 . LEU A 1 1   ? -5.454  5.749   6.176   1.00 25.28 ? 2   LEU A CD2 1 
ATOM   9   N N   . ARG A 1 2   ? -6.881  7.777   2.114   1.00 19.58 ? 3   ARG A N   1 
ATOM   10  C CA  . ARG A 1 2   ? -7.011  8.229   0.738   1.00 20.57 ? 3   ARG A CA  1 
ATOM   11  C C   . ARG A 1 2   ? -6.869  7.067   -0.234  1.00 20.10 ? 3   ARG A C   1 
ATOM   12  O O   . ARG A 1 2   ? -6.125  6.114   0.020   1.00 16.67 ? 3   ARG A O   1 
ATOM   13  C CB  . ARG A 1 2   ? -5.947  9.285   0.413   1.00 23.48 ? 3   ARG A CB  1 
ATOM   14  C CG  . ARG A 1 2   ? -6.223  10.671  0.991   1.00 30.57 ? 3   ARG A CG  1 
ATOM   15  C CD  . ARG A 1 2   ? -5.227  11.684  0.438   1.00 32.63 ? 3   ARG A CD  1 
ATOM   16  N NE  . ARG A 1 2   ? -5.078  11.547  -1.009  1.00 32.01 ? 3   ARG A NE  1 
ATOM   17  C CZ  . ARG A 1 2   ? -5.398  12.481  -1.900  1.00 35.25 ? 3   ARG A CZ  1 
ATOM   18  N NH1 . ARG A 1 2   ? -5.889  13.649  -1.506  1.00 44.22 ? 3   ARG A NH1 1 
ATOM   19  N NH2 . ARG A 1 2   ? -5.228  12.241  -3.194  1.00 29.60 ? 3   ARG A NH2 1 
ATOM   20  N N   . SER A 1 3   ? -7.575  7.163   -1.355  1.00 17.89 ? 4   SER A N   1 
ATOM   21  C CA  . SER A 1 3   ? -7.434  6.212   -2.439  1.00 16.09 ? 4   SER A CA  1 
ATOM   22  C C   . SER A 1 3   ? -6.760  6.938   -3.588  1.00 20.73 ? 4   SER A C   1 
ATOM   23  O O   . SER A 1 3   ? -7.074  8.095   -3.872  1.00 25.56 ? 4   SER A O   1 
ATOM   24  C CB  . SER A 1 3   ? -8.791  5.689   -2.910  1.00 18.57 ? 4   SER A CB  1 
ATOM   25  O OG  . SER A 1 3   ? -9.303  4.730   -2.000  1.00 21.32 ? 4   SER A OG  1 
ATOM   26  N N   . LEU A 1 4   ? -5.837  6.263   -4.249  1.00 14.78 ? 5   LEU A N   1 
ATOM   27  C CA  . LEU A 1 4   ? -5.126  6.895   -5.350  1.00 14.66 ? 5   LEU A CA  1 
ATOM   28  C C   . LEU A 1 4   ? -5.446  6.176   -6.645  1.00 19.55 ? 5   LEU A C   1 
ATOM   29  O O   . LEU A 1 4   ? -5.863  5.010   -6.631  1.00 16.82 ? 5   LEU A O   1 
ATOM   30  C CB  . LEU A 1 4   ? -3.627  6.846   -5.094  1.00 14.25 ? 5   LEU A CB  1 
ATOM   31  C CG  . LEU A 1 4   ? -3.173  7.471   -3.774  1.00 14.89 ? 5   LEU A CG  1 
ATOM   32  C CD1 . LEU A 1 4   ? -1.691  7.319   -3.651  1.00 18.13 ? 5   LEU A CD1 1 
ATOM   33  C CD2 . LEU A 1 4   ? -3.556  8.956   -3.755  1.00 21.09 ? 5   LEU A CD2 1 
ATOM   34  N N   . SER A 1 5   ? -5.237  6.868   -7.764  1.00 18.02 ? 6   SER A N   1 
ATOM   35  C CA  . SER A 1 5   ? -5.397  6.259   -9.078  1.00 19.86 ? 6   SER A CA  1 
ATOM   36  C C   . SER A 1 5   ? -4.101  6.386   -9.860  1.00 17.46 ? 6   SER A C   1 
ATOM   37  O O   . SER A 1 5   ? -3.148  7.011   -9.395  1.00 13.89 ? 6   SER A O   1 
ATOM   38  C CB  . SER A 1 5   ? -6.514  6.954   -9.842  1.00 20.05 ? 6   SER A CB  1 
ATOM   39  O OG  . SER A 1 5   ? -6.143  8.285   -10.161 1.00 21.68 ? 6   SER A OG  1 
ATOM   40  N N   . ASP A 1 6   ? -4.075  5.815   -11.058 1.00 13.50 ? 7   ASP A N   1 
ATOM   41  C CA  . ASP A 1 6   ? -2.889  5.929   -11.911 1.00 13.56 ? 7   ASP A CA  1 
ATOM   42  C C   . ASP A 1 6   ? -2.499  7.396   -12.111 1.00 15.43 ? 7   ASP A C   1 
ATOM   43  O O   . ASP A 1 6   ? -1.317  7.735   -12.136 1.00 18.03 ? 7   ASP A O   1 
ATOM   44  C CB  . ASP A 1 6   ? -3.139  5.277   -13.271 1.00 13.58 ? 7   ASP A CB  1 
ATOM   45  C CG  . ASP A 1 6   ? -3.183  3.772   -13.204 1.00 12.84 ? 7   ASP A CG  1 
ATOM   46  O OD1 . ASP A 1 6   ? -2.507  3.175   -12.343 1.00 13.48 ? 7   ASP A OD1 1 
ATOM   47  O OD2 . ASP A 1 6   ? -3.890  3.171   -14.044 1.00 16.09 ? 7   ASP A OD2 1 
ATOM   48  N N   . SER A 1 7   ? -3.496  8.265   -12.253 1.00 15.16 ? 8   SER A N   1 
ATOM   49  C CA  . SER A 1 7   ? -3.250  9.680   -12.537 1.00 21.93 ? 8   SER A CA  1 
ATOM   50  C C   . SER A 1 7   ? -2.640  10.450  -11.363 1.00 20.23 ? 8   SER A C   1 
ATOM   51  O O   . SER A 1 7   ? -2.160  11.571  -11.530 1.00 22.27 ? 8   SER A O   1 
ATOM   52  C CB  . SER A 1 7   ? -4.543  10.363  -12.991 1.00 24.25 ? 8   SER A CB  1 
ATOM   53  O OG  . SER A 1 7   ? -5.542  10.284  -11.988 1.00 36.78 ? 8   SER A OG  1 
ATOM   54  N N   . ASP A 1 8   ? -2.664  9.843   -10.183 1.00 16.36 ? 9   ASP A N   1 
ATOM   55  C CA  . ASP A 1 8   ? -2.145  10.474  -8.958  1.00 17.17 ? 9   ASP A CA  1 
ATOM   56  C C   . ASP A 1 8   ? -0.748  9.989   -8.637  1.00 17.95 ? 9   ASP A C   1 
ATOM   57  O O   . ASP A 1 8   ? -0.060  10.580  -7.810  1.00 16.01 ? 9   ASP A O   1 
ATOM   58  C CB  . ASP A 1 8   ? -3.010  10.097  -7.746  1.00 16.08 ? 9   ASP A CB  1 
ATOM   59  C CG  . ASP A 1 8   ? -4.436  10.571  -7.859  1.00 32.09 ? 9   ASP A CG  1 
ATOM   60  O OD1 . ASP A 1 8   ? -4.648  11.711  -8.317  1.00 35.66 ? 9   ASP A OD1 1 
ATOM   61  O OD2 . ASP A 1 8   ? -5.345  9.801   -7.482  1.00 28.24 ? 9   ASP A OD2 1 
ATOM   62  N N   . PHE A 1 9   ? -0.355  8.884   -9.254  1.00 14.82 ? 10  PHE A N   1 
ATOM   63  C CA  . PHE A 1 9   ? 0.807   8.128   -8.796  1.00 14.25 ? 10  PHE A CA  1 
ATOM   64  C C   . PHE A 1 9   ? 2.105   8.920   -8.889  1.00 15.95 ? 10  PHE A C   1 
ATOM   65  O O   . PHE A 1 9   ? 2.895   8.942   -7.942  1.00 16.58 ? 10  PHE A O   1 
ATOM   66  C CB  . PHE A 1 9   ? 0.921   6.823   -9.575  1.00 13.53 ? 10  PHE A CB  1 
ATOM   67  C CG  . PHE A 1 9   ? 1.820   5.819   -8.938  1.00 13.64 ? 10  PHE A CG  1 
ATOM   68  C CD1 . PHE A 1 9   ? 1.463   5.221   -7.740  1.00 12.56 ? 10  PHE A CD1 1 
ATOM   69  C CD2 . PHE A 1 9   ? 3.016   5.462   -9.533  1.00 19.92 ? 10  PHE A CD2 1 
ATOM   70  C CE1 . PHE A 1 9   ? 2.289   4.280   -7.135  1.00 13.26 ? 10  PHE A CE1 1 
ATOM   71  C CE2 . PHE A 1 9   ? 3.850   4.520   -8.933  1.00 18.09 ? 10  PHE A CE2 1 
ATOM   72  C CZ  . PHE A 1 9   ? 3.476   3.937   -7.733  1.00 15.30 ? 10  PHE A CZ  1 
ATOM   73  N N   . GLN A 1 10  ? 2.332   9.572   -10.026 1.00 15.43 ? 11  GLN A N   1 
ATOM   74  C CA  . GLN A 1 10  ? 3.574   10.329  -10.187 1.00 17.89 ? 11  GLN A CA  1 
ATOM   75  C C   . GLN A 1 10  ? 3.742   11.396  -9.109  1.00 19.06 ? 11  GLN A C   1 
ATOM   76  O O   . GLN A 1 10  ? 4.794   11.487  -8.477  1.00 20.99 ? 11  GLN A O   1 
ATOM   77  C CB  . GLN A 1 10  ? 3.686   10.926  -11.597 1.00 21.97 ? 11  GLN A CB  1 
ATOM   78  C CG  . GLN A 1 10  ? 3.940   9.882   -12.682 1.00 28.29 ? 11  GLN A CG  1 
ATOM   79  C CD  . GLN A 1 10  ? 5.206   9.059   -12.442 1.00 33.10 ? 11  GLN A CD  1 
ATOM   80  O OE1 . GLN A 1 10  ? 5.191   7.823   -12.537 1.00 35.62 ? 11  GLN A OE1 1 
ATOM   81  N NE2 . GLN A 1 10  ? 6.305   9.740   -12.133 1.00 31.63 ? 11  GLN A NE2 1 
ATOM   82  N N   . LEU A 1 11  ? 2.698   12.181  -8.876  1.00 17.31 ? 12  LEU A N   1 
ATOM   83  C CA  . LEU A 1 11  ? 2.760   13.245  -7.882  1.00 18.17 ? 12  LEU A CA  1 
ATOM   84  C C   . LEU A 1 11  ? 2.875   12.727  -6.450  1.00 21.42 ? 12  LEU A C   1 
ATOM   85  O O   . LEU A 1 11  ? 3.752   13.156  -5.688  1.00 18.20 ? 12  LEU A O   1 
ATOM   86  C CB  . LEU A 1 11  ? 1.529   14.154  -8.004  1.00 20.17 ? 12  LEU A CB  1 
ATOM   87  C CG  . LEU A 1 11  ? 1.400   15.292  -6.980  1.00 24.10 ? 12  LEU A CG  1 
ATOM   88  C CD1 . LEU A 1 11  ? 2.460   16.371  -7.188  1.00 22.71 ? 12  LEU A CD1 1 
ATOM   89  C CD2 . LEU A 1 11  ? 0.000   15.902  -7.005  1.00 29.04 ? 12  LEU A CD2 1 
ATOM   90  N N   . GLU A 1 12  ? 1.987   11.802  -6.089  1.00 16.98 ? 13  GLU A N   1 
ATOM   91  C CA  . GLU A 1 12  ? 1.827   11.413  -4.687  1.00 17.40 ? 13  GLU A CA  1 
ATOM   92  C C   . GLU A 1 12  ? 2.820   10.350  -4.238  1.00 17.55 ? 13  GLU A C   1 
ATOM   93  O O   . GLU A 1 12  ? 3.070   10.206  -3.042  1.00 16.73 ? 13  GLU A O   1 
ATOM   94  C CB  . GLU A 1 12  ? 0.393   10.926  -4.421  1.00 16.63 ? 13  GLU A CB  1 
ATOM   95  C CG  . GLU A 1 12  ? -0.694  11.984  -4.597  1.00 19.79 ? 13  GLU A CG  1 
ATOM   96  C CD  . GLU A 1 12  ? -0.587  13.147  -3.612  1.00 29.89 ? 13  GLU A CD  1 
ATOM   97  O OE1 . GLU A 1 12  ? 0.033   12.985  -2.534  1.00 33.70 ? 13  GLU A OE1 1 
ATOM   98  O OE2 . GLU A 1 12  ? -1.134  14.230  -3.918  1.00 34.85 ? 13  GLU A OE2 1 
ATOM   99  N N   . VAL A 1 13  ? 3.368   9.593   -5.188  1.00 15.38 ? 14  VAL A N   1 
ATOM   100 C CA  . VAL A 1 13  ? 4.330   8.547   -4.847  1.00 15.58 ? 14  VAL A CA  1 
ATOM   101 C C   . VAL A 1 13  ? 5.724   8.806   -5.408  1.00 15.79 ? 14  VAL A C   1 
ATOM   102 O O   . VAL A 1 13  ? 6.704   8.770   -4.676  1.00 19.00 ? 14  VAL A O   1 
ATOM   103 C CB  . VAL A 1 13  ? 3.856   7.139   -5.282  1.00 14.85 ? 14  VAL A CB  1 
ATOM   104 C CG1 . VAL A 1 13  ? 4.930   6.106   -4.963  1.00 17.31 ? 14  VAL A CG1 1 
ATOM   105 C CG2 . VAL A 1 13  ? 2.530   6.777   -4.601  1.00 13.86 ? 14  VAL A CG2 1 
ATOM   106 N N   . ARG A 1 14  ? 5.834   9.081   -6.705  1.00 17.76 ? 15  ARG A N   1 
ATOM   107 C CA  . ARG A 1 14  ? 7.162   9.250   -7.278  1.00 19.00 ? 15  ARG A CA  1 
ATOM   108 C C   . ARG A 1 14  ? 7.805   10.572  -6.863  1.00 23.52 ? 15  ARG A C   1 
ATOM   109 O O   . ARG A 1 14  ? 9.015   10.638  -6.665  1.00 25.38 ? 15  ARG A O   1 
ATOM   110 C CB  . ARG A 1 14  ? 7.134   9.132   -8.809  1.00 19.81 ? 15  ARG A CB  1 
ATOM   111 C CG  . ARG A 1 14  ? 6.676   7.780   -9.312  1.00 19.33 ? 15  ARG A CG  1 
ATOM   112 C CD  . ARG A 1 14  ? 7.500   6.669   -8.696  1.00 20.61 ? 15  ARG A CD  1 
ATOM   113 N NE  . ARG A 1 14  ? 7.248   5.375   -9.329  1.00 20.94 ? 15  ARG A NE  1 
ATOM   114 C CZ  . ARG A 1 14  ? 7.969   4.281   -9.090  1.00 23.16 ? 15  ARG A CZ  1 
ATOM   115 N NH1 . ARG A 1 14  ? 8.970   4.334   -8.228  1.00 22.25 ? 15  ARG A NH1 1 
ATOM   116 N NH2 . ARG A 1 14  ? 7.683   3.141   -9.708  1.00 21.44 ? 15  ARG A NH2 1 
ATOM   117 N N   . GLN A 1 15  ? 7.003   11.622  -6.724  1.00 19.73 ? 16  GLN A N   1 
ATOM   118 C CA  . GLN A 1 15  ? 7.569   12.957  -6.488  1.00 24.37 ? 16  GLN A CA  1 
ATOM   119 C C   . GLN A 1 15  ? 7.543   13.373  -5.023  1.00 27.77 ? 16  GLN A C   1 
ATOM   120 O O   . GLN A 1 15  ? 8.280   14.266  -4.615  1.00 27.07 ? 16  GLN A O   1 
ATOM   121 C CB  . GLN A 1 15  ? 6.848   14.019  -7.329  1.00 27.25 ? 16  GLN A CB  1 
ATOM   122 C CG  . GLN A 1 15  ? 7.114   13.947  -8.822  1.00 31.51 ? 16  GLN A CG  1 
ATOM   123 C CD  . GLN A 1 15  ? 6.117   14.767  -9.627  1.00 36.61 ? 16  GLN A CD  1 
ATOM   124 O OE1 . GLN A 1 15  ? 5.575   15.759  -9.142  1.00 40.56 ? 16  GLN A OE1 1 
ATOM   125 N NE2 . GLN A 1 15  ? 5.858   14.340  -10.855 1.00 41.97 ? 16  GLN A NE2 1 
ATOM   126 N N   . HIS A 1 16  ? 6.690   12.731  -4.235  1.00 21.38 ? 17  HIS A N   1 
ATOM   127 C CA  . HIS A 1 16  ? 6.488   13.135  -2.843  1.00 24.89 ? 17  HIS A CA  1 
ATOM   128 C C   . HIS A 1 16  ? 7.651   12.668  -1.974  1.00 23.92 ? 17  HIS A C   1 
ATOM   129 O O   . HIS A 1 16  ? 8.114   11.540  -2.115  1.00 21.07 ? 17  HIS A O   1 
ATOM   130 C CB  . HIS A 1 16  ? 5.188   12.539  -2.304  1.00 21.16 ? 17  HIS A CB  1 
ATOM   131 C CG  . HIS A 1 16  ? 4.636   13.263  -1.109  1.00 20.20 ? 17  HIS A CG  1 
ATOM   132 N ND1 . HIS A 1 16  ? 5.062   13.004  0.174   1.00 24.20 ? 17  HIS A ND1 1 
ATOM   133 C CD2 . HIS A 1 16  ? 3.679   14.205  -1.015  1.00 25.50 ? 17  HIS A CD2 1 
ATOM   134 C CE1 . HIS A 1 16  ? 4.392   13.778  1.014   1.00 23.70 ? 17  HIS A CE1 1 
ATOM   135 N NE2 . HIS A 1 16  ? 3.553   14.520  0.325   1.00 25.69 ? 17  HIS A NE2 1 
ATOM   136 N N   . PRO A 1 17  ? 8.118   13.534  -1.061  1.00 29.65 ? 18  PRO A N   1 
ATOM   137 C CA  . PRO A 1 17  ? 9.264   13.230  -0.189  1.00 27.00 ? 18  PRO A CA  1 
ATOM   138 C C   . PRO A 1 17  ? 9.029   12.169  0.902   1.00 28.80 ? 18  PRO A C   1 
ATOM   139 O O   . PRO A 1 17  ? 10.001  11.543  1.350   1.00 29.91 ? 18  PRO A O   1 
ATOM   140 C CB  . PRO A 1 17  ? 9.572   14.588  0.469   1.00 30.81 ? 18  PRO A CB  1 
ATOM   141 C CG  . PRO A 1 17  ? 8.319   15.384  0.330   1.00 31.76 ? 18  PRO A CG  1 
ATOM   142 C CD  . PRO A 1 17  ? 7.716   14.947  -0.966  1.00 32.58 ? 18  PRO A CD  1 
ATOM   143 N N   . ASP A 1 18  ? 7.784   11.978  1.331   1.00 22.25 ? 19  ASP A N   1 
ATOM   144 C CA  . ASP A 1 18  ? 7.496   11.147  2.505   1.00 16.56 ? 19  ASP A CA  1 
ATOM   145 C C   . ASP A 1 18  ? 7.207   9.693   2.141   1.00 21.70 ? 19  ASP A C   1 
ATOM   146 O O   . ASP A 1 18  ? 6.607   9.434   1.097   1.00 19.76 ? 19  ASP A O   1 
ATOM   147 C CB  . ASP A 1 18  ? 6.304   11.738  3.277   1.00 24.45 ? 19  ASP A CB  1 
ATOM   148 C CG  . ASP A 1 18  ? 6.573   13.145  3.787   1.00 31.02 ? 19  ASP A CG  1 
ATOM   149 O OD1 . ASP A 1 18  ? 7.758   13.520  3.891   1.00 30.29 ? 19  ASP A OD1 1 
ATOM   150 O OD2 . ASP A 1 18  ? 5.596   13.869  4.092   1.00 31.52 ? 19  ASP A OD2 1 
ATOM   151 N N   . PRO A 1 19  ? 7.637   8.739   2.997   1.00 15.38 ? 20  PRO A N   1 
ATOM   152 C CA  . PRO A 1 19  ? 7.392   7.313   2.719   1.00 14.76 ? 20  PRO A CA  1 
ATOM   153 C C   . PRO A 1 19  ? 5.911   7.026   2.601   1.00 13.86 ? 20  PRO A C   1 
ATOM   154 O O   . PRO A 1 19  ? 5.085   7.730   3.200   1.00 17.21 ? 20  PRO A O   1 
ATOM   155 C CB  . PRO A 1 19  ? 7.946   6.604   3.959   1.00 18.17 ? 20  PRO A CB  1 
ATOM   156 C CG  . PRO A 1 19  ? 8.968   7.533   4.489   1.00 22.78 ? 20  PRO A CG  1 
ATOM   157 C CD  . PRO A 1 19  ? 8.472   8.926   4.197   1.00 21.95 ? 20  PRO A CD  1 
ATOM   158 N N   . ILE A 1 20  ? 5.572   6.002   1.832   1.00 13.61 ? 21  ILE A N   1 
ATOM   159 C CA  . ILE A 1 20  ? 4.180   5.623   1.684   1.00 12.97 ? 21  ILE A CA  1 
ATOM   160 C C   . ILE A 1 20  ? 4.076   4.126   1.451   1.00 13.58 ? 21  ILE A C   1 
ATOM   161 O O   . ILE A 1 20  ? 4.906   3.527   0.762   1.00 13.27 ? 21  ILE A O   1 
ATOM   162 C CB  . ILE A 1 20  ? 3.490   6.427   0.539   1.00 13.11 ? 21  ILE A CB  1 
ATOM   163 C CG1 . ILE A 1 20  ? 2.001   6.079   0.419   1.00 14.13 ? 21  ILE A CG1 1 
ATOM   164 C CG2 . ILE A 1 20  ? 4.187   6.183   -0.800  1.00 13.71 ? 21  ILE A CG2 1 
ATOM   165 C CD1 . ILE A 1 20  ? 1.219   7.065   -0.455  1.00 12.78 ? 21  ILE A CD1 1 
ATOM   166 N N   . ILE A 1 21  ? 3.078   3.518   2.080   1.00 12.34 ? 22  ILE A N   1 
ATOM   167 C CA  . ILE A 1 21  ? 2.718   2.141   1.781   1.00 12.37 ? 22  ILE A CA  1 
ATOM   168 C C   . ILE A 1 21  ? 1.334   2.143   1.128   1.00 15.56 ? 22  ILE A C   1 
ATOM   169 O O   . ILE A 1 21  ? 0.382   2.749   1.638   1.00 11.94 ? 22  ILE A O   1 
ATOM   170 C CB  . ILE A 1 21  ? 2.747   1.245   3.051   1.00 12.23 ? 22  ILE A CB  1 
ATOM   171 C CG1 . ILE A 1 21  ? 2.204   -0.161  2.740   1.00 12.45 ? 22  ILE A CG1 1 
ATOM   172 C CG2 . ILE A 1 21  ? 1.968   1.894   4.186   1.00 20.45 ? 22  ILE A CG2 1 
ATOM   173 C CD1 . ILE A 1 21  ? 2.557   -1.178  3.809   1.00 21.49 ? 22  ILE A CD1 1 
ATOM   174 N N   . ILE A 1 22  ? 1.243   1.459   -0.009  1.00 12.59 ? 23  ILE A N   1 
ATOM   175 C CA  . ILE A 1 22  ? 0.001   1.365   -0.760  1.00 12.68 ? 23  ILE A CA  1 
ATOM   176 C C   . ILE A 1 22  ? -0.545  -0.026  -0.557  1.00 13.38 ? 23  ILE A C   1 
ATOM   177 O O   . ILE A 1 22  ? 0.190   -0.998  -0.724  1.00 14.16 ? 23  ILE A O   1 
ATOM   178 C CB  . ILE A 1 22  ? 0.249   1.498   -2.271  1.00 13.14 ? 23  ILE A CB  1 
ATOM   179 C CG1 . ILE A 1 22  ? 0.948   2.827   -2.605  1.00 13.17 ? 23  ILE A CG1 1 
ATOM   180 C CG2 . ILE A 1 22  ? -1.062  1.371   -3.019  1.00 14.61 ? 23  ILE A CG2 1 
ATOM   181 C CD1 . ILE A 1 22  ? 0.162   4.042   -2.177  1.00 21.72 ? 23  ILE A CD1 1 
ATOM   182 N N   . MET A 1 23  ? -1.816  -0.129  -0.182  1.00 12.89 ? 24  MET A N   1 
ATOM   183 C CA  . MET A 1 23  ? -2.486  -1.420  -0.162  1.00 13.42 ? 24  MET A CA  1 
ATOM   184 C C   . MET A 1 23  ? -3.328  -1.456  -1.405  1.00 13.90 ? 24  MET A C   1 
ATOM   185 O O   . MET A 1 23  ? -4.223  -0.622  -1.582  1.00 13.78 ? 24  MET A O   1 
ATOM   186 C CB  . MET A 1 23  ? -3.376  -1.585  1.067   1.00 13.35 ? 24  MET A CB  1 
ATOM   187 C CG  . MET A 1 23  ? -4.162  -2.878  1.054   1.00 16.08 ? 24  MET A CG  1 
ATOM   188 S SD  . MET A 1 23  ? -4.970  -3.190  2.632   1.00 15.47 ? 24  MET A SD  1 
ATOM   189 C CE  . MET A 1 23  ? -6.179  -4.394  2.100   1.00 27.53 ? 24  MET A CE  1 
ATOM   190 N N   . PHE A 1 24  ? -2.999  -2.398  -2.286  1.00 14.86 ? 25  PHE A N   1 
ATOM   191 C CA  . PHE A 1 24  ? -3.763  -2.639  -3.500  1.00 16.59 ? 25  PHE A CA  1 
ATOM   192 C C   . PHE A 1 24  ? -4.926  -3.524  -3.126  1.00 23.70 ? 25  PHE A C   1 
ATOM   193 O O   . PHE A 1 24  ? -4.745  -4.516  -2.415  1.00 17.97 ? 25  PHE A O   1 
ATOM   194 C CB  . PHE A 1 24  ? -2.878  -3.292  -4.570  1.00 16.13 ? 25  PHE A CB  1 
ATOM   195 C CG  . PHE A 1 24  ? -1.826  -2.359  -5.120  1.00 16.13 ? 25  PHE A CG  1 
ATOM   196 C CD1 . PHE A 1 24  ? -2.140  -1.458  -6.138  1.00 19.18 ? 25  PHE A CD1 1 
ATOM   197 C CD2 . PHE A 1 24  ? -0.539  -2.358  -4.604  1.00 17.29 ? 25  PHE A CD2 1 
ATOM   198 C CE1 . PHE A 1 24  ? -1.170  -0.582  -6.636  1.00 17.29 ? 25  PHE A CE1 1 
ATOM   199 C CE2 . PHE A 1 24  ? 0.431   -1.477  -5.085  1.00 17.05 ? 25  PHE A CE2 1 
ATOM   200 C CZ  . PHE A 1 24  ? 0.116   -0.598  -6.110  1.00 22.39 ? 25  PHE A CZ  1 
ATOM   201 N N   . THR A 1 25  ? -6.113  -3.151  -3.597  1.00 21.25 ? 26  THR A N   1 
ATOM   202 C CA  . THR A 1 25  ? -7.348  -3.762  -3.140  1.00 26.17 ? 26  THR A CA  1 
ATOM   203 C C   . THR A 1 25  ? -8.347  -3.844  -4.303  1.00 18.72 ? 26  THR A C   1 
ATOM   204 O O   . THR A 1 25  ? -8.102  -3.287  -5.372  1.00 19.64 ? 26  THR A O   1 
ATOM   205 C CB  . THR A 1 25  ? -7.923  -2.978  -1.939  1.00 30.04 ? 26  THR A CB  1 
ATOM   206 O OG1 . THR A 1 25  ? -9.005  -3.703  -1.337  1.00 34.58 ? 26  THR A OG1 1 
ATOM   207 C CG2 . THR A 1 25  ? -8.395  -1.587  -2.375  1.00 28.92 ? 26  THR A CG2 1 
ATOM   208 N N   . GLY A 1 26  ? -9.439  -4.577  -4.106  1.00 23.28 ? 27  GLY A N   1 
ATOM   209 C CA  . GLY A 1 26  ? -10.452 -4.759  -5.134  1.00 23.83 ? 27  GLY A CA  1 
ATOM   210 C C   . GLY A 1 26  ? -11.793 -5.098  -4.503  1.00 23.47 ? 27  GLY A C   1 
ATOM   211 O O   . GLY A 1 26  ? -11.846 -5.499  -3.337  1.00 20.98 ? 27  GLY A O   1 
ATOM   212 N N   . SER A 1 27  ? -12.872 -4.926  -5.262  1.00 24.76 ? 28  SER A N   1 
ATOM   213 C CA  . SER A 1 27  ? -14.235 -5.131  -4.754  1.00 31.77 ? 28  SER A CA  1 
ATOM   214 C C   . SER A 1 27  ? -14.617 -6.554  -4.339  1.00 39.22 ? 28  SER A C   1 
ATOM   215 O O   . SER A 1 27  ? -15.405 -6.742  -3.408  1.00 43.98 ? 28  SER A O   1 
ATOM   216 C CB  . SER A 1 27  ? -15.260 -4.623  -5.769  1.00 34.88 ? 28  SER A CB  1 
ATOM   217 O OG  . SER A 1 27  ? -15.334 -3.215  -5.732  1.00 34.11 ? 28  SER A OG  1 
ATOM   218 N N   . TRP A 1 28  ? -14.112 -7.540  -5.072  1.00 32.06 ? 29  TRP A N   1 
ATOM   219 C CA  . TRP A 1 28  ? -14.440 -8.926  -4.807  1.00 27.22 ? 29  TRP A CA  1 
ATOM   220 C C   . TRP A 1 28  ? -13.257 -9.598  -4.194  1.00 34.20 ? 29  TRP A C   1 
ATOM   221 O O   . TRP A 1 28  ? -12.607 -10.458 -4.826  1.00 32.67 ? 29  TRP A O   1 
ATOM   222 C CB  . TRP A 1 28  ? -14.843 -9.636  -6.093  1.00 28.75 ? 29  TRP A CB  1 
ATOM   223 C CG  . TRP A 1 28  ? -16.036 -9.015  -6.777  1.00 31.56 ? 29  TRP A CG  1 
ATOM   224 C CD1 . TRP A 1 28  ? -17.380 -9.331  -6.597  1.00 30.99 ? 29  TRP A CD1 1 
ATOM   225 C CD2 . TRP A 1 28  ? -16.032 -7.942  -7.784  1.00 32.82 ? 29  TRP A CD2 1 
ATOM   226 N NE1 . TRP A 1 28  ? -18.178 -8.553  -7.396  1.00 31.24 ? 29  TRP A NE1 1 
ATOM   227 C CE2 . TRP A 1 28  ? -17.434 -7.701  -8.132  1.00 36.81 ? 29  TRP A CE2 1 
ATOM   228 C CE3 . TRP A 1 28  ? -15.046 -7.190  -8.404  1.00 29.76 ? 29  TRP A CE3 1 
ATOM   229 C CZ2 . TRP A 1 28  ? -17.804 -6.745  -9.061  1.00 36.11 ? 29  TRP A CZ2 1 
ATOM   230 C CZ3 . TRP A 1 28  ? -15.433 -6.229  -9.340  1.00 31.46 ? 29  TRP A CZ3 1 
ATOM   231 C CH2 . TRP A 1 28  ? -16.779 -6.012  -9.659  1.00 33.25 ? 29  TRP A CH2 1 
ATOM   232 N N   . CYS A 1 29  ? -12.951 -9.229  -2.955  1.00 35.85 ? 30  CYS A N   1 
ATOM   233 C CA  . CYS A 1 29  ? -11.819 -9.807  -2.241  1.00 35.64 ? 30  CYS A CA  1 
ATOM   234 C C   . CYS A 1 29  ? -12.060 -9.810  -0.735  1.00 30.24 ? 30  CYS A C   1 
ATOM   235 O O   . CYS A 1 29  ? -11.885 -8.791  -0.067  1.00 31.04 ? 30  CYS A O   1 
ATOM   236 C CB  . CYS A 1 29  ? -10.533 -9.045  -2.566  1.00 32.81 ? 30  CYS A CB  1 
ATOM   237 S SG  . CYS A 1 29  ? -9.102  -9.539  -1.579  1.00 33.56 ? 30  CYS A SG  1 
ATOM   238 N N   . GLN A 1 30  ? -12.462 -10.962 -0.207  1.00 33.99 ? 31  GLN A N   1 
ATOM   239 C CA  . GLN A 1 30  ? -12.725 -11.100 1.221   1.00 36.54 ? 31  GLN A CA  1 
ATOM   240 C C   . GLN A 1 30  ? -11.475 -10.800 2.042   1.00 34.49 ? 31  GLN A C   1 
ATOM   241 O O   . GLN A 1 30  ? -11.532 -10.075 3.035   1.00 37.04 ? 31  GLN A O   1 
ATOM   242 C CB  . GLN A 1 30  ? -13.239 -12.506 1.537   1.00 45.03 ? 31  GLN A CB  1 
ATOM   243 C CG  . GLN A 1 30  ? -14.747 -12.656 1.421   1.00 54.74 ? 31  GLN A CG  1 
ATOM   244 C CD  . GLN A 1 30  ? -15.269 -12.248 0.058   1.00 61.27 ? 31  GLN A CD  1 
ATOM   245 O OE1 . GLN A 1 30  ? -15.527 -13.093 -0.800  1.00 70.11 ? 31  GLN A OE1 1 
ATOM   246 N NE2 . GLN A 1 30  ? -15.429 -10.946 -0.149  1.00 58.32 ? 31  GLN A NE2 1 
ATOM   247 N N   . PRO A 1 31  ? -10.348 -11.365 1.622   1.00 31.88 ? 32  PRO A N   1 
ATOM   248 C CA  . PRO A 1 31  ? -9.076  -11.156 2.321   1.00 33.27 ? 32  PRO A CA  1 
ATOM   249 C C   . PRO A 1 31  ? -8.748  -9.675  2.471   1.00 34.09 ? 32  PRO A C   1 
ATOM   250 O O   . PRO A 1 31  ? -8.171  -9.271  3.480   1.00 34.43 ? 32  PRO A O   1 
ATOM   251 C CB  . PRO A 1 31  ? -8.059  -11.827 1.394   1.00 32.36 ? 32  PRO A CB  1 
ATOM   252 C CG  . PRO A 1 31  ? -8.671  -11.727 0.039   1.00 37.95 ? 32  PRO A CG  1 
ATOM   253 C CD  . PRO A 1 31  ? -10.153 -11.862 0.248   1.00 34.84 ? 32  PRO A CD  1 
ATOM   254 N N   . CYS A 1 32  ? -9.118  -8.879  1.474   1.00 32.67 ? 33  CYS A N   1 
ATOM   255 C CA  . CYS A 1 32  ? -8.863  -7.443  1.504   1.00 26.00 ? 33  CYS A CA  1 
ATOM   256 C C   . CYS A 1 32  ? -9.745  -6.749  2.536   1.00 27.51 ? 33  CYS A C   1 
ATOM   257 O O   . CYS A 1 32  ? -9.310  -5.818  3.213   1.00 28.08 ? 33  CYS A O   1 
ATOM   258 C CB  . CYS A 1 32  ? -9.089  -6.829  0.120   1.00 32.50 ? 33  CYS A CB  1 
ATOM   259 S SG  . CYS A 1 32  ? -7.854  -7.294  -1.114  1.00 30.37 ? 33  CYS A SG  1 
ATOM   260 N N   . LYS A 1 33  ? -10.986 -7.210  2.652   1.00 26.18 ? 34  LYS A N   1 
ATOM   261 C CA  . LYS A 1 33  ? -11.935 -6.633  3.607   1.00 25.48 ? 34  LYS A CA  1 
ATOM   262 C C   . LYS A 1 33  ? -11.479 -6.816  5.050   1.00 29.86 ? 34  LYS A C   1 
ATOM   263 O O   . LYS A 1 33  ? -11.633 -5.922  5.884   1.00 30.58 ? 34  LYS A O   1 
ATOM   264 C CB  . LYS A 1 33  ? -13.338 -7.242  3.430   1.00 28.12 ? 34  LYS A CB  1 
ATOM   265 C CG  . LYS A 1 33  ? -14.035 -6.816  2.148   1.00 42.93 ? 34  LYS A CG  1 
ATOM   266 N N   . LYS A 1 34  ? -10.921 -7.982  5.347   1.00 28.24 ? 35  LYS A N   1 
ATOM   267 C CA  . LYS A 1 34  ? -10.468 -8.267  6.704   1.00 33.32 ? 35  LYS A CA  1 
ATOM   268 C C   . LYS A 1 34  ? -9.140  -7.586  7.020   1.00 33.10 ? 35  LYS A C   1 
ATOM   269 O O   . LYS A 1 34  ? -8.833  -7.320  8.189   1.00 34.63 ? 35  LYS A O   1 
ATOM   270 C CB  . LYS A 1 34  ? -10.328 -9.770  6.911   1.00 42.85 ? 35  LYS A CB  1 
ATOM   271 N N   . MET A 1 35  ? -8.343  -7.306  5.995   1.00 27.94 ? 36  MET A N   1 
ATOM   272 C CA  . MET A 1 35  ? -7.045  -6.688  6.256   1.00 20.89 ? 36  MET A CA  1 
ATOM   273 C C   . MET A 1 35  ? -7.142  -5.174  6.371   1.00 20.92 ? 36  MET A C   1 
ATOM   274 O O   . MET A 1 35  ? -6.267  -4.548  6.975   1.00 18.73 ? 36  MET A O   1 
ATOM   275 C CB  . MET A 1 35  ? -5.983  -7.073  5.226   1.00 26.33 ? 36  MET A CB  1 
ATOM   276 C CG  . MET A 1 35  ? -4.558  -6.841  5.775   1.00 29.18 ? 36  MET A CG  1 
ATOM   277 S SD  . MET A 1 35  ? -3.205  -7.374  4.716   1.00 45.14 ? 36  MET A SD  1 
ATOM   278 C CE  . MET A 1 35  ? -3.485  -6.379  3.260   1.00 63.90 ? 36  MET A CE  1 
ATOM   279 N N   . LYS A 1 36  ? -8.200  -4.590  5.812   1.00 19.89 ? 37  LYS A N   1 
ATOM   280 C CA  . LYS A 1 36  ? -8.382  -3.136  5.894   1.00 19.02 ? 37  LYS A CA  1 
ATOM   281 C C   . LYS A 1 36  ? -8.295  -2.591  7.335   1.00 23.28 ? 37  LYS A C   1 
ATOM   282 O O   . LYS A 1 36  ? -7.531  -1.655  7.578   1.00 18.30 ? 37  LYS A O   1 
ATOM   283 C CB  . LYS A 1 36  ? -9.681  -2.689  5.198   1.00 21.44 ? 37  LYS A CB  1 
ATOM   284 C CG  . LYS A 1 36  ? -9.591  -2.666  3.685   1.00 28.81 ? 37  LYS A CG  1 
ATOM   285 N N   . PRO A 1 37  ? -9.046  -3.181  8.298   1.00 23.05 ? 38  PRO A N   1 
ATOM   286 C CA  . PRO A 1 37  ? -8.939  -2.607  9.648   1.00 23.11 ? 38  PRO A CA  1 
ATOM   287 C C   . PRO A 1 37  ? -7.524  -2.673  10.213  1.00 20.64 ? 38  PRO A C   1 
ATOM   288 O O   . PRO A 1 37  ? -7.102  -1.746  10.910  1.00 23.59 ? 38  PRO A O   1 
ATOM   289 C CB  . PRO A 1 37  ? -9.917  -3.455  10.480  1.00 24.97 ? 38  PRO A CB  1 
ATOM   290 C CG  . PRO A 1 37  ? -10.176 -4.675  9.663   1.00 30.70 ? 38  PRO A CG  1 
ATOM   291 C CD  . PRO A 1 37  ? -10.091 -4.223  8.243   1.00 27.01 ? 38  PRO A CD  1 
ATOM   292 N N   . THR A 1 38  ? -6.788  -3.731  9.878   1.00 20.38 ? 39  THR A N   1 
ATOM   293 C CA  . THR A 1 38  ? -5.394  -3.876  10.319  1.00 20.74 ? 39  THR A CA  1 
ATOM   294 C C   . THR A 1 38  ? -4.515  -2.795  9.701   1.00 18.25 ? 39  THR A C   1 
ATOM   295 O O   . THR A 1 38  ? -3.726  -2.144  10.401  1.00 18.05 ? 39  THR A O   1 
ATOM   296 C CB  . THR A 1 38  ? -4.832  -5.255  9.952   1.00 20.08 ? 39  THR A CB  1 
ATOM   297 O OG1 . THR A 1 38  ? -5.709  -6.266  10.453  1.00 21.80 ? 39  THR A OG1 1 
ATOM   298 C CG2 . THR A 1 38  ? -3.429  -5.458  10.549  1.00 19.89 ? 39  THR A CG2 1 
ATOM   299 N N   . PHE A 1 39  ? -4.661  -2.611  8.391   1.00 17.24 ? 40  PHE A N   1 
ATOM   300 C CA  . PHE A 1 39  ? -3.927  -1.582  7.664   1.00 15.86 ? 40  PHE A CA  1 
ATOM   301 C C   . PHE A 1 39  ? -4.236  -0.212  8.281   1.00 18.81 ? 40  PHE A C   1 
ATOM   302 O O   . PHE A 1 39  ? -3.331  0.589   8.536   1.00 15.51 ? 40  PHE A O   1 
ATOM   303 C CB  . PHE A 1 39  ? -4.340  -1.634  6.191   1.00 15.22 ? 40  PHE A CB  1 
ATOM   304 C CG  . PHE A 1 39  ? -3.473  -0.818  5.270   1.00 13.89 ? 40  PHE A CG  1 
ATOM   305 C CD1 . PHE A 1 39  ? -2.123  -1.102  5.121   1.00 13.35 ? 40  PHE A CD1 1 
ATOM   306 C CD2 . PHE A 1 39  ? -4.037  0.199   4.504   1.00 14.96 ? 40  PHE A CD2 1 
ATOM   307 C CE1 . PHE A 1 39  ? -1.327  -0.344  4.245   1.00 12.34 ? 40  PHE A CE1 1 
ATOM   308 C CE2 . PHE A 1 39  ? -3.272  0.949   3.631   1.00 12.37 ? 40  PHE A CE2 1 
ATOM   309 C CZ  . PHE A 1 39  ? -1.910  0.679   3.495   1.00 11.83 ? 40  PHE A CZ  1 
ATOM   310 N N   . GLU A 1 40  ? -5.514  0.043   8.556   1.00 18.88 ? 41  GLU A N   1 
ATOM   311 C CA  . GLU A 1 40  ? -5.911  1.323   9.140   1.00 17.26 ? 41  GLU A CA  1 
ATOM   312 C C   . GLU A 1 40  ? -5.498  1.488   10.602  1.00 18.27 ? 41  GLU A C   1 
ATOM   313 O O   . GLU A 1 40  ? -5.203  2.604   11.036  1.00 21.91 ? 41  GLU A O   1 
ATOM   314 C CB  . GLU A 1 40  ? -7.412  1.571   8.942   1.00 18.15 ? 41  GLU A CB  1 
ATOM   315 C CG  . GLU A 1 40  ? -7.768  1.594   7.474   1.00 17.34 ? 41  GLU A CG  1 
ATOM   316 C CD  . GLU A 1 40  ? -9.219  1.914   7.205   1.00 30.20 ? 41  GLU A CD  1 
ATOM   317 O OE1 . GLU A 1 40  ? -9.973  2.174   8.170   1.00 33.26 ? 41  GLU A OE1 1 
ATOM   318 O OE2 . GLU A 1 40  ? -9.605  1.902   6.014   1.00 24.49 ? 41  GLU A OE2 1 
ATOM   319 N N   . GLU A 1 41  ? -5.469  0.401   11.364  1.00 19.12 ? 42  GLU A N   1 
ATOM   320 C CA  . GLU A 1 41  ? -4.941  0.492   12.717  1.00 20.17 ? 42  GLU A CA  1 
ATOM   321 C C   . GLU A 1 41  ? -3.461  0.866   12.664  1.00 19.37 ? 42  GLU A C   1 
ATOM   322 O O   . GLU A 1 41  ? -2.995  1.718   13.410  1.00 20.02 ? 42  GLU A O   1 
ATOM   323 C CB  . GLU A 1 41  ? -5.156  -0.815  13.482  1.00 24.44 ? 42  GLU A CB  1 
ATOM   324 C CG  . GLU A 1 41  ? -6.612  -0.997  13.938  1.00 22.80 ? 42  GLU A CG  1 
ATOM   325 C CD  . GLU A 1 41  ? -6.821  -2.268  14.727  1.00 27.12 ? 42  GLU A CD  1 
ATOM   326 O OE1 . GLU A 1 41  ? -5.854  -3.053  14.834  1.00 30.76 ? 42  GLU A OE1 1 
ATOM   327 O OE2 . GLU A 1 41  ? -7.945  -2.484  15.242  1.00 28.05 ? 42  GLU A OE2 1 
ATOM   328 N N   . MET A 1 42  ? -2.734  0.249   11.739  1.00 18.20 ? 43  MET A N   1 
ATOM   329 C CA  . MET A 1 42  ? -1.307  0.504   11.603  1.00 18.04 ? 43  MET A CA  1 
ATOM   330 C C   . MET A 1 42  ? -1.083  1.946   11.140  1.00 17.85 ? 43  MET A C   1 
ATOM   331 O O   . MET A 1 42  ? -0.177  2.623   11.634  1.00 18.37 ? 43  MET A O   1 
ATOM   332 C CB  . MET A 1 42  ? -0.679  -0.509  10.636  1.00 18.92 ? 43  MET A CB  1 
ATOM   333 C CG  . MET A 1 42  ? 0.843   -0.591  10.670  1.00 19.09 ? 43  MET A CG  1 
ATOM   334 S SD  . MET A 1 42  ? 1.503   -1.016  12.295  1.00 28.39 ? 43  MET A SD  1 
ATOM   335 C CE  . MET A 1 42  ? 0.988   -2.733  12.434  1.00 29.75 ? 43  MET A CE  1 
ATOM   336 N N   . ALA A 1 43  ? -1.927  2.423   10.227  1.00 16.32 ? 44  ALA A N   1 
ATOM   337 C CA  . ALA A 1 43  ? -1.848  3.806   9.757   1.00 15.96 ? 44  ALA A CA  1 
ATOM   338 C C   . ALA A 1 43  ? -1.917  4.782   10.935  1.00 20.74 ? 44  ALA A C   1 
ATOM   339 O O   . ALA A 1 43  ? -1.148  5.750   11.017  1.00 22.11 ? 44  ALA A O   1 
ATOM   340 C CB  . ALA A 1 43  ? -2.963  4.089   8.769   1.00 18.20 ? 44  ALA A CB  1 
ATOM   341 N N   . SER A 1 44  ? -2.836  4.516   11.850  1.00 22.38 ? 45  SER A N   1 
ATOM   342 C CA  . SER A 1 44  ? -3.031  5.395   13.001  1.00 24.86 ? 45  SER A CA  1 
ATOM   343 C C   . SER A 1 44  ? -1.809  5.433   13.929  1.00 28.27 ? 45  SER A C   1 
ATOM   344 O O   . SER A 1 44  ? -1.489  6.482   14.501  1.00 33.86 ? 45  SER A O   1 
ATOM   345 C CB  . SER A 1 44  ? -4.316  5.025   13.762  1.00 32.35 ? 45  SER A CB  1 
ATOM   346 O OG  . SER A 1 44  ? -4.221  3.753   14.391  1.00 34.10 ? 45  SER A OG  1 
ATOM   347 N N   . GLN A 1 45  ? -1.124  4.299   14.067  1.00 24.76 ? 46  GLN A N   1 
ATOM   348 C CA  . GLN A 1 45  ? 0.079   4.208   14.897  1.00 27.37 ? 46  GLN A CA  1 
ATOM   349 C C   . GLN A 1 45  ? 1.284   4.894   14.268  1.00 28.38 ? 46  GLN A C   1 
ATOM   350 O O   . GLN A 1 45  ? 2.172   5.388   14.969  1.00 31.02 ? 46  GLN A O   1 
ATOM   351 C CB  . GLN A 1 45  ? 0.464   2.748   15.120  1.00 25.62 ? 46  GLN A CB  1 
ATOM   352 C CG  . GLN A 1 45  ? -0.488  1.954   15.966  1.00 33.79 ? 46  GLN A CG  1 
ATOM   353 C CD  . GLN A 1 45  ? 0.177   0.740   16.589  1.00 37.94 ? 46  GLN A CD  1 
ATOM   354 O OE1 . GLN A 1 45  ? 0.386   -0.281  15.929  1.00 40.60 ? 46  GLN A OE1 1 
ATOM   355 N NE2 . GLN A 1 45  ? 0.522   0.850   17.867  1.00 41.87 ? 46  GLN A NE2 1 
ATOM   356 N N   . MET A 1 46  ? 1.340   4.875   12.944  1.00 23.74 ? 47  MET A N   1 
ATOM   357 C CA  . MET A 1 46  ? 2.522   5.347   12.238  1.00 22.50 ? 47  MET A CA  1 
ATOM   358 C C   . MET A 1 46  ? 2.275   6.698   11.602  1.00 23.33 ? 47  MET A C   1 
ATOM   359 O O   . MET A 1 46  ? 3.011   7.109   10.713  1.00 22.19 ? 47  MET A O   1 
ATOM   360 C CB  . MET A 1 46  ? 2.953   4.329   11.178  1.00 20.56 ? 47  MET A CB  1 
ATOM   361 C CG  . MET A 1 46  ? 3.176   2.936   11.750  1.00 24.03 ? 47  MET A CG  1 
ATOM   362 S SD  . MET A 1 46  ? 4.139   1.886   10.664  1.00 24.84 ? 47  MET A SD  1 
ATOM   363 C CE  . MET A 1 46  ? 4.816   0.713   11.854  1.00 33.22 ? 47  MET A CE  1 
ATOM   364 N N   . GLU A 1 47  ? 1.238   7.395   12.061  1.00 29.64 ? 48  GLU A N   1 
ATOM   365 C CA  . GLU A 1 47  ? 0.920   8.703   11.486  1.00 37.70 ? 48  GLU A CA  1 
ATOM   366 C C   . GLU A 1 47  ? 2.079   9.686   11.677  1.00 41.08 ? 48  GLU A C   1 
ATOM   367 O O   . GLU A 1 47  ? 2.563   9.886   12.797  1.00 38.75 ? 48  GLU A O   1 
ATOM   368 C CB  . GLU A 1 47  ? -0.378  9.283   12.058  1.00 42.08 ? 48  GLU A CB  1 
ATOM   369 C CG  . GLU A 1 47  ? -0.493  10.793  11.864  1.00 47.86 ? 48  GLU A CG  1 
ATOM   370 C CD  . GLU A 1 47  ? -1.926  11.304  11.886  1.00 51.84 ? 48  GLU A CD  1 
ATOM   371 O OE1 . GLU A 1 47  ? -2.510  11.412  12.986  1.00 51.36 ? 48  GLU A OE1 1 
ATOM   372 O OE2 . GLU A 1 47  ? -2.460  11.612  10.799  1.00 51.71 ? 48  GLU A OE2 1 
ATOM   373 N N   . GLY A 1 48  ? 2.536   10.278  10.575  1.00 37.26 ? 49  GLY A N   1 
ATOM   374 C CA  . GLY A 1 48  ? 3.629   11.229  10.624  1.00 37.10 ? 49  GLY A CA  1 
ATOM   375 C C   . GLY A 1 48  ? 4.976   10.563  10.423  1.00 35.72 ? 49  GLY A C   1 
ATOM   376 O O   . GLY A 1 48  ? 6.014   11.228  10.410  1.00 36.64 ? 49  GLY A O   1 
ATOM   377 N N   . ASP A 1 49  ? 4.960   9.243   10.270  1.00 28.43 ? 50  ASP A N   1 
ATOM   378 C CA  . ASP A 1 49  ? 6.174   8.487   9.981   1.00 24.57 ? 50  ASP A CA  1 
ATOM   379 C C   . ASP A 1 49  ? 6.057   7.900   8.576   1.00 23.86 ? 50  ASP A C   1 
ATOM   380 O O   . ASP A 1 49  ? 6.953   8.030   7.746   1.00 26.35 ? 50  ASP A O   1 
ATOM   381 C CB  . ASP A 1 49  ? 6.354   7.361   11.010  1.00 30.14 ? 50  ASP A CB  1 
ATOM   382 C CG  . ASP A 1 49  ? 6.499   7.883   12.430  1.00 46.20 ? 50  ASP A CG  1 
ATOM   383 O OD1 . ASP A 1 49  ? 7.082   8.975   12.601  1.00 52.73 ? 50  ASP A OD1 1 
ATOM   384 O OD2 . ASP A 1 49  ? 6.033   7.206   13.375  1.00 48.52 ? 50  ASP A OD2 1 
ATOM   385 N N   . ILE A 1 50  ? 4.932   7.255   8.311   1.00 18.46 ? 51  ILE A N   1 
ATOM   386 C CA  . ILE A 1 50  ? 4.681   6.685   6.989   1.00 14.41 ? 51  ILE A CA  1 
ATOM   387 C C   . ILE A 1 50  ? 3.248   6.986   6.559   1.00 18.95 ? 51  ILE A C   1 
ATOM   388 O O   . ILE A 1 50  ? 2.332   6.914   7.386   1.00 17.82 ? 51  ILE A O   1 
ATOM   389 C CB  . ILE A 1 50  ? 4.910   5.159   7.000   1.00 19.55 ? 51  ILE A CB  1 
ATOM   390 C CG1 . ILE A 1 50  ? 6.322   4.832   7.499   1.00 19.61 ? 51  ILE A CG1 1 
ATOM   391 C CG2 . ILE A 1 50  ? 4.720   4.573   5.608   1.00 17.99 ? 51  ILE A CG2 1 
ATOM   392 C CD1 . ILE A 1 50  ? 6.738   3.415   7.203   1.00 28.52 ? 51  ILE A CD1 1 
ATOM   393 N N   . ARG A 1 51  ? 3.052   7.342   5.285   1.00 12.35 ? 52  ARG A N   1 
ATOM   394 C CA  . ARG A 1 51  ? 1.716   7.575   4.749   1.00 12.53 ? 52  ARG A CA  1 
ATOM   395 C C   . ARG A 1 51  ? 1.128   6.240   4.324   1.00 10.47 ? 52  ARG A C   1 
ATOM   396 O O   . ARG A 1 51  ? 1.876   5.354   3.928   1.00 11.26 ? 52  ARG A O   1 
ATOM   397 C CB  . ARG A 1 51  ? 1.766   8.520   3.542   1.00 12.39 ? 52  ARG A CB  1 
ATOM   398 C CG  . ARG A 1 51  ? 2.254   9.939   3.862   1.00 15.03 ? 52  ARG A CG  1 
ATOM   399 C CD  . ARG A 1 51  ? 2.417   10.748  2.573   1.00 15.44 ? 52  ARG A CD  1 
ATOM   400 N NE  . ARG A 1 51  ? 3.412   10.167  1.660   1.00 14.09 ? 52  ARG A NE  1 
ATOM   401 C CZ  . ARG A 1 51  ? 3.311   10.192  0.328   1.00 14.61 ? 52  ARG A CZ  1 
ATOM   402 N NH1 . ARG A 1 51  ? 2.252   10.754  -0.255  1.00 15.55 ? 52  ARG A NH1 1 
ATOM   403 N NH2 . ARG A 1 51  ? 4.261   9.648   -0.422  1.00 10.46 ? 52  ARG A NH2 1 
ATOM   404 N N   . PHE A 1 52  ? -0.193  6.101   4.442   1.00 10.62 ? 53  PHE A N   1 
ATOM   405 C CA  . PHE A 1 52  ? -0.895  4.872   4.070   1.00 11.56 ? 53  PHE A CA  1 
ATOM   406 C C   . PHE A 1 52  ? -2.003  5.259   3.096   1.00 16.35 ? 53  PHE A C   1 
ATOM   407 O O   . PHE A 1 52  ? -2.707  6.242   3.331   1.00 13.79 ? 53  PHE A O   1 
ATOM   408 C CB  . PHE A 1 52  ? -1.543  4.232   5.304   1.00 12.53 ? 53  PHE A CB  1 
ATOM   409 C CG  . PHE A 1 52  ? -0.576  3.523   6.225   1.00 12.92 ? 53  PHE A CG  1 
ATOM   410 C CD1 . PHE A 1 52  ? 0.508   4.185   6.794   1.00 14.84 ? 53  PHE A CD1 1 
ATOM   411 C CD2 . PHE A 1 52  ? -0.774  2.180   6.543   1.00 14.51 ? 53  PHE A CD2 1 
ATOM   412 C CE1 . PHE A 1 52  ? 1.380   3.519   7.654   1.00 17.79 ? 53  PHE A CE1 1 
ATOM   413 C CE2 . PHE A 1 52  ? 0.088   1.518   7.410   1.00 12.85 ? 53  PHE A CE2 1 
ATOM   414 C CZ  . PHE A 1 52  ? 1.174   2.184   7.954   1.00 12.48 ? 53  PHE A CZ  1 
ATOM   415 N N   . ALA A 1 53  ? -2.172  4.493   2.016   1.00 10.89 ? 54  ALA A N   1 
ATOM   416 C CA  . ALA A 1 53  ? -3.200  4.778   1.020   1.00 11.05 ? 54  ALA A CA  1 
ATOM   417 C C   . ALA A 1 53  ? -3.633  3.483   0.362   1.00 11.49 ? 54  ALA A C   1 
ATOM   418 O O   . ALA A 1 53  ? -2.904  2.495   0.417   1.00 11.54 ? 54  ALA A O   1 
ATOM   419 C CB  . ALA A 1 53  ? -2.672  5.739   -0.033  1.00 10.66 ? 54  ALA A CB  1 
ATOM   420 N N   . TYR A 1 54  ? -4.827  3.496   -0.217  1.00 11.96 ? 55  TYR A N   1 
ATOM   421 C CA  . TYR A 1 54  ? -5.314  2.393   -1.037  1.00 12.55 ? 55  TYR A CA  1 
ATOM   422 C C   . TYR A 1 54  ? -5.164  2.700   -2.514  1.00 12.40 ? 55  TYR A C   1 
ATOM   423 O O   . TYR A 1 54  ? -5.194  3.862   -2.937  1.00 13.13 ? 55  TYR A O   1 
ATOM   424 C CB  . TYR A 1 54  ? -6.803  2.151   -0.782  1.00 13.48 ? 55  TYR A CB  1 
ATOM   425 C CG  . TYR A 1 54  ? -7.119  1.703   0.617   1.00 15.61 ? 55  TYR A CG  1 
ATOM   426 C CD1 . TYR A 1 54  ? -6.589  0.519   1.116   1.00 14.65 ? 55  TYR A CD1 1 
ATOM   427 C CD2 . TYR A 1 54  ? -7.973  2.444   1.432   1.00 15.06 ? 55  TYR A CD2 1 
ATOM   428 C CE1 . TYR A 1 54  ? -6.869  0.096   2.404   1.00 14.83 ? 55  TYR A CE1 1 
ATOM   429 C CE2 . TYR A 1 54  ? -8.277  2.018   2.731   1.00 14.86 ? 55  TYR A CE2 1 
ATOM   430 C CZ  . TYR A 1 54  ? -7.717  0.844   3.207   1.00 18.69 ? 55  TYR A CZ  1 
ATOM   431 O OH  . TYR A 1 54  ? -7.989  0.396   4.487   1.00 18.97 ? 55  TYR A OH  1 
ATOM   432 N N   . MET A 1 55  ? -5.040  1.654   -3.316  1.00 12.78 ? 56  MET A N   1 
ATOM   433 C CA  . MET A 1 55  ? -5.263  1.808   -4.747  1.00 12.99 ? 56  MET A CA  1 
ATOM   434 C C   . MET A 1 55  ? -6.121  0.646   -5.170  1.00 21.91 ? 56  MET A C   1 
ATOM   435 O O   . MET A 1 55  ? -5.723  -0.508  -5.012  1.00 22.51 ? 56  MET A O   1 
ATOM   436 C CB  . MET A 1 55  ? -3.959  1.817   -5.540  1.00 12.50 ? 56  MET A CB  1 
ATOM   437 C CG  . MET A 1 55  ? -3.172  3.120   -5.374  1.00 16.85 ? 56  MET A CG  1 
ATOM   438 S SD  . MET A 1 55  ? -1.714  3.215   -6.400  1.00 14.33 ? 56  MET A SD  1 
ATOM   439 C CE  . MET A 1 55  ? -2.403  3.977   -7.892  1.00 11.88 ? 56  MET A CE  1 
ATOM   440 N N   . ASP A 1 56  ? -7.297  0.960   -5.695  1.00 14.68 ? 57  ASP A N   1 
ATOM   441 C CA  . ASP A 1 56  ? -8.216  -0.077  -6.157  1.00 15.90 ? 57  ASP A CA  1 
ATOM   442 C C   . ASP A 1 56  ? -7.765  -0.535  -7.530  1.00 16.95 ? 57  ASP A C   1 
ATOM   443 O O   . ASP A 1 56  ? -7.294  0.276   -8.329  1.00 15.59 ? 57  ASP A O   1 
ATOM   444 C CB  . ASP A 1 56  ? -9.635  0.477   -6.260  1.00 16.73 ? 57  ASP A CB  1 
ATOM   445 C CG  . ASP A 1 56  ? -10.671 -0.609  -6.458  1.00 25.19 ? 57  ASP A CG  1 
ATOM   446 O OD1 . ASP A 1 56  ? -10.695 -1.217  -7.547  1.00 20.53 ? 57  ASP A OD1 1 
ATOM   447 O OD2 . ASP A 1 56  ? -11.482 -0.837  -5.532  1.00 28.66 ? 57  ASP A OD2 1 
ATOM   448 N N   . ALA A 1 57  ? -7.945  -1.826  -7.809  1.00 17.08 ? 58  ALA A N   1 
ATOM   449 C CA  . ALA A 1 57  ? -7.591  -2.390  -9.105  1.00 17.53 ? 58  ALA A CA  1 
ATOM   450 C C   . ALA A 1 57  ? -8.211  -1.617  -10.267 1.00 19.93 ? 58  ALA A C   1 
ATOM   451 O O   . ALA A 1 57  ? -7.567  -1.420  -11.299 1.00 21.54 ? 58  ALA A O   1 
ATOM   452 C CB  . ALA A 1 57  ? -8.007  -3.867  -9.164  1.00 18.89 ? 58  ALA A CB  1 
ATOM   453 N N   . GLU A 1 58  ? -9.462  -1.184  -10.104 1.00 19.46 ? 59  GLU A N   1 
ATOM   454 C CA  . GLU A 1 58  ? -10.195 -0.501  -11.179 1.00 19.15 ? 59  GLU A CA  1 
ATOM   455 C C   . GLU A 1 58  ? -9.602  0.863   -11.556 1.00 23.01 ? 59  GLU A C   1 
ATOM   456 O O   . GLU A 1 58  ? -9.772  1.333   -12.690 1.00 24.16 ? 59  GLU A O   1 
ATOM   457 C CB  . GLU A 1 58  ? -11.681 -0.363  -10.809 1.00 23.02 ? 59  GLU A CB  1 
ATOM   458 C CG  . GLU A 1 58  ? -12.405 -1.707  -10.728 1.00 33.98 ? 59  GLU A CG  1 
ATOM   459 C CD  . GLU A 1 58  ? -13.906 -1.586  -10.902 1.00 44.79 ? 59  GLU A CD  1 
ATOM   460 O OE1 . GLU A 1 58  ? -14.562 -0.963  -10.038 1.00 49.19 ? 59  GLU A OE1 1 
ATOM   461 O OE2 . GLU A 1 58  ? -14.430 -2.114  -11.904 1.00 47.28 ? 59  GLU A OE2 1 
ATOM   462 N N   . ASP A 1 59  ? -8.900  1.484   -10.610 1.00 16.94 ? 60  ASP A N   1 
ATOM   463 C CA  . ASP A 1 59  ? -8.291  2.808   -10.798 1.00 16.09 ? 60  ASP A CA  1 
ATOM   464 C C   . ASP A 1 59  ? -6.772  2.770   -10.955 1.00 16.63 ? 60  ASP A C   1 
ATOM   465 O O   . ASP A 1 59  ? -6.146  3.820   -11.172 1.00 14.65 ? 60  ASP A O   1 
ATOM   466 C CB  . ASP A 1 59  ? -8.560  3.710   -9.583  1.00 15.56 ? 60  ASP A CB  1 
ATOM   467 C CG  . ASP A 1 59  ? -10.025 4.003   -9.371  1.00 25.31 ? 60  ASP A CG  1 
ATOM   468 O OD1 . ASP A 1 59  ? -10.734 4.288   -10.361 1.00 27.83 ? 60  ASP A OD1 1 
ATOM   469 O OD2 . ASP A 1 59  ? -10.450 3.956   -8.194  1.00 31.08 ? 60  ASP A OD2 1 
ATOM   470 N N   . ALA A 1 60  ? -6.182  1.583   -10.807 1.00 17.21 ? 61  ALA A N   1 
ATOM   471 C CA  . ALA A 1 60  ? -4.720  1.450   -10.743 1.00 15.77 ? 61  ALA A CA  1 
ATOM   472 C C   . ALA A 1 60  ? -4.163  0.398   -11.709 1.00 14.99 ? 61  ALA A C   1 
ATOM   473 O O   . ALA A 1 60  ? -3.152  -0.244  -11.417 1.00 16.50 ? 61  ALA A O   1 
ATOM   474 C CB  . ALA A 1 60  ? -4.286  1.125   -9.318  1.00 16.35 ? 61  ALA A CB  1 
ATOM   475 N N   . GLU A 1 61  ? -4.840  0.197   -12.831 1.00 15.90 ? 62  GLU A N   1 
ATOM   476 C CA  . GLU A 1 61  ? -4.404  -0.782  -13.830 1.00 19.41 ? 62  GLU A CA  1 
ATOM   477 C C   . GLU A 1 61  ? -2.960  -0.602  -14.290 1.00 18.76 ? 62  GLU A C   1 
ATOM   478 O O   . GLU A 1 61  ? -2.202  -1.572  -14.370 1.00 16.39 ? 62  GLU A O   1 
ATOM   479 C CB  . GLU A 1 61  ? -5.342  -0.759  -15.039 1.00 18.10 ? 62  GLU A CB  1 
ATOM   480 C CG  . GLU A 1 61  ? -6.644  -1.481  -14.786 1.00 22.21 ? 62  GLU A CG  1 
ATOM   481 C CD  . GLU A 1 61  ? -7.580  -1.453  -15.971 1.00 28.71 ? 62  GLU A CD  1 
ATOM   482 O OE1 . GLU A 1 61  ? -7.172  -0.995  -17.058 1.00 29.91 ? 62  GLU A OE1 1 
ATOM   483 O OE2 . GLU A 1 61  ? -8.741  -1.885  -15.807 1.00 40.15 ? 62  GLU A OE2 1 
ATOM   484 N N   . LYS A 1 62  ? -2.576  0.636   -14.588 1.00 15.67 ? 63  LYS A N   1 
ATOM   485 C CA  . LYS A 1 62  ? -1.227  0.909   -15.102 1.00 16.47 ? 63  LYS A CA  1 
ATOM   486 C C   . LYS A 1 62  ? -0.153  0.758   -14.026 1.00 15.78 ? 63  LYS A C   1 
ATOM   487 O O   . LYS A 1 62  ? 0.939   0.255   -14.297 1.00 15.26 ? 63  LYS A O   1 
ATOM   488 C CB  . LYS A 1 62  ? -1.159  2.299   -15.730 1.00 18.84 ? 63  LYS A CB  1 
ATOM   489 C CG  . LYS A 1 62  ? -2.010  2.417   -16.995 1.00 27.06 ? 63  LYS A CG  1 
ATOM   490 C CD  . LYS A 1 62  ? -2.099  3.854   -17.492 1.00 36.79 ? 63  LYS A CD  1 
ATOM   491 C CE  . LYS A 1 62  ? -2.896  3.915   -18.785 1.00 42.72 ? 63  LYS A CE  1 
ATOM   492 N NZ  . LYS A 1 62  ? -2.299  3.009   -19.813 1.00 44.00 ? 63  LYS A NZ  1 
ATOM   493 N N   . THR A 1 63  ? -0.474  1.191   -12.810 1.00 14.63 ? 64  THR A N   1 
ATOM   494 C CA  . THR A 1 63  ? 0.441   1.087   -11.682 1.00 13.38 ? 64  THR A CA  1 
ATOM   495 C C   . THR A 1 63  ? 0.701   -0.357  -11.305 1.00 21.10 ? 64  THR A C   1 
ATOM   496 O O   . THR A 1 63  ? 1.848   -0.768  -11.091 1.00 19.95 ? 64  THR A O   1 
ATOM   497 C CB  . THR A 1 63  ? -0.112  1.865   -10.480 1.00 13.76 ? 64  THR A CB  1 
ATOM   498 O OG1 . THR A 1 63  ? -0.293  3.234   -10.873 1.00 14.81 ? 64  THR A OG1 1 
ATOM   499 C CG2 . THR A 1 63  ? 0.826   1.774   -9.278  1.00 17.23 ? 64  THR A CG2 1 
ATOM   500 N N   . MET A 1 64  ? -0.369  -1.137  -11.251 1.00 18.85 ? 65  MET A N   1 
ATOM   501 C CA  . MET A 1 64  ? -0.240  -2.533  -10.893 1.00 14.79 ? 65  MET A CA  1 
ATOM   502 C C   . MET A 1 64  ? 0.541   -3.262  -11.964 1.00 18.58 ? 65  MET A C   1 
ATOM   503 O O   . MET A 1 64  ? 1.340   -4.135  -11.649 1.00 25.53 ? 65  MET A O   1 
ATOM   504 C CB  . MET A 1 64  ? -1.617  -3.159  -10.690 1.00 15.46 ? 65  MET A CB  1 
ATOM   505 C CG  . MET A 1 64  ? -2.226  -2.790  -9.339  1.00 14.99 ? 65  MET A CG  1 
ATOM   506 S SD  . MET A 1 64  ? -3.905  -3.391  -9.138  1.00 21.55 ? 65  MET A SD  1 
ATOM   507 C CE  . MET A 1 64  ? -3.740  -5.037  -9.826  1.00 57.59 ? 65  MET A CE  1 
ATOM   508 N N   . ALA A 1 65  ? 0.330   -2.886  -13.226 1.00 15.85 ? 66  ALA A N   1 
ATOM   509 C CA  . ALA A 1 65  ? 1.023   -3.545  -14.327 1.00 16.66 ? 66  ALA A CA  1 
ATOM   510 C C   . ALA A 1 65  ? 2.530   -3.331  -14.217 1.00 25.67 ? 66  ALA A C   1 
ATOM   511 O O   . ALA A 1 65  ? 3.298   -4.291  -14.169 1.00 24.14 ? 66  ALA A O   1 
ATOM   512 C CB  . ALA A 1 65  ? 0.514   -3.053  -15.663 1.00 20.71 ? 66  ALA A CB  1 
ATOM   513 N N   . GLU A 1 66  ? 2.952   -2.072  -14.140 1.00 21.69 ? 67  GLU A N   1 
ATOM   514 C CA  . GLU A 1 66  ? 4.387   -1.782  -14.134 1.00 23.57 ? 67  GLU A CA  1 
ATOM   515 C C   . GLU A 1 66  ? 5.094   -2.249  -12.857 1.00 26.46 ? 67  GLU A C   1 
ATOM   516 O O   . GLU A 1 66  ? 6.309   -2.455  -12.871 1.00 31.81 ? 67  GLU A O   1 
ATOM   517 C CB  . GLU A 1 66  ? 4.653   -0.296  -14.369 1.00 29.23 ? 67  GLU A CB  1 
ATOM   518 C CG  . GLU A 1 66  ? 4.106   0.599   -13.284 1.00 28.38 ? 67  GLU A CG  1 
ATOM   519 C CD  . GLU A 1 66  ? 4.343   2.072   -13.576 1.00 33.51 ? 67  GLU A CD  1 
ATOM   520 O OE1 . GLU A 1 66  ? 4.853   2.400   -14.677 1.00 38.56 ? 67  GLU A OE1 1 
ATOM   521 O OE2 . GLU A 1 66  ? 4.003   2.901   -12.703 1.00 30.79 ? 67  GLU A OE2 1 
ATOM   522 N N   . LEU A 1 67  ? 4.351   -2.413  -11.763 1.00 26.01 ? 68  LEU A N   1 
ATOM   523 C CA  . LEU A 1 67  ? 4.914   -2.984  -10.532 1.00 30.07 ? 68  LEU A CA  1 
ATOM   524 C C   . LEU A 1 67  ? 4.718   -4.502  -10.454 1.00 31.71 ? 68  LEU A C   1 
ATOM   525 O O   . LEU A 1 67  ? 5.083   -5.131  -9.459  1.00 29.41 ? 68  LEU A O   1 
ATOM   526 C CB  . LEU A 1 67  ? 4.293   -2.335  -9.300  1.00 31.50 ? 68  LEU A CB  1 
ATOM   527 C CG  . LEU A 1 67  ? 4.525   -0.834  -9.130  1.00 31.26 ? 68  LEU A CG  1 
ATOM   528 C CD1 . LEU A 1 67  ? 3.778   -0.331  -7.916  1.00 29.02 ? 68  LEU A CD1 1 
ATOM   529 C CD2 . LEU A 1 67  ? 6.012   -0.539  -9.012  1.00 37.32 ? 68  LEU A CD2 1 
ATOM   530 N N   . ASN A 1 68  ? 4.124   -5.063  -11.506 1.00 29.12 ? 69  ASN A N   1 
ATOM   531 C CA  . ASN A 1 68  ? 3.800   -6.492  -11.597 1.00 32.91 ? 69  ASN A CA  1 
ATOM   532 C C   . ASN A 1 68  ? 3.086   -7.066  -10.367 1.00 28.51 ? 69  ASN A C   1 
ATOM   533 O O   . ASN A 1 68  ? 3.397   -8.158  -9.903  1.00 31.69 ? 69  ASN A O   1 
ATOM   534 C CB  . ASN A 1 68  ? 5.041   -7.318  -11.962 1.00 36.43 ? 69  ASN A CB  1 
ATOM   535 C CG  . ASN A 1 68  ? 4.710   -8.494  -12.859 1.00 44.25 ? 69  ASN A CG  1 
ATOM   536 O OD1 . ASN A 1 68  ? 3.860   -9.320  -12.527 1.00 46.36 ? 69  ASN A OD1 1 
ATOM   537 N ND2 . ASN A 1 68  ? 5.364   -8.562  -14.015 1.00 51.64 ? 69  ASN A ND2 1 
ATOM   538 N N   . ILE A 1 69  ? 2.123   -6.310  -9.849  1.00 23.97 ? 70  ILE A N   1 
ATOM   539 C CA  . ILE A 1 69  ? 1.362   -6.734  -8.681  1.00 28.37 ? 70  ILE A CA  1 
ATOM   540 C C   . ILE A 1 69  ? 0.077   -7.447  -9.089  1.00 33.55 ? 70  ILE A C   1 
ATOM   541 O O   . ILE A 1 69  ? -0.784  -6.865  -9.750  1.00 28.82 ? 70  ILE A O   1 
ATOM   542 C CB  . ILE A 1 69  ? 1.009   -5.541  -7.774  1.00 35.71 ? 70  ILE A CB  1 
ATOM   543 C CG1 . ILE A 1 69  ? 2.263   -5.017  -7.071  1.00 38.49 ? 70  ILE A CG1 1 
ATOM   544 C CG2 . ILE A 1 69  ? -0.050  -5.938  -6.757  1.00 31.39 ? 70  ILE A CG2 1 
ATOM   545 C CD1 . ILE A 1 69  ? 2.290   -3.512  -6.912  1.00 36.37 ? 70  ILE A CD1 1 
ATOM   546 N N   . ARG A 1 70  ? -0.046  -8.710  -8.693  1.00 39.71 ? 71  ARG A N   1 
ATOM   547 C CA  . ARG A 1 70  ? -1.225  -9.503  -9.018  1.00 44.68 ? 71  ARG A CA  1 
ATOM   548 C C   . ARG A 1 70  ? -2.026  -9.841  -7.766  1.00 46.23 ? 71  ARG A C   1 
ATOM   549 O O   . ARG A 1 70  ? -3.162  -9.394  -7.603  1.00 49.01 ? 71  ARG A O   1 
ATOM   550 C CB  . ARG A 1 70  ? -0.822  -10.786 -9.748  1.00 50.80 ? 71  ARG A CB  1 
ATOM   551 N N   . THR A 1 71  ? -1.428  -10.634 -6.883  1.00 47.11 ? 72  THR A N   1 
ATOM   552 C CA  . THR A 1 71  ? -2.084  -11.034 -5.644  1.00 46.12 ? 72  THR A CA  1 
ATOM   553 C C   . THR A 1 71  ? -2.818  -9.884  -4.962  1.00 41.72 ? 72  THR A C   1 
ATOM   554 O O   . THR A 1 71  ? -2.388  -8.732  -5.032  1.00 37.08 ? 72  THR A O   1 
ATOM   555 C CB  . THR A 1 71  ? -1.069  -11.556 -4.610  1.00 56.80 ? 72  THR A CB  1 
ATOM   556 O OG1 . THR A 1 71  ? -0.106  -10.534 -4.324  1.00 59.17 ? 72  THR A OG1 1 
ATOM   557 C CG2 . THR A 1 71  ? -0.352  -12.787 -5.142  1.00 59.52 ? 72  THR A CG2 1 
ATOM   558 N N   . LEU A 1 72  ? -3.927  -10.204 -4.304  1.00 25.15 ? 73  LEU A N   1 
ATOM   559 C CA  . LEU A 1 72  ? -4.761  -9.192  -3.665  1.00 25.89 ? 73  LEU A CA  1 
ATOM   560 C C   . LEU A 1 72  ? -5.238  -9.658  -2.293  1.00 25.56 ? 73  LEU A C   1 
ATOM   561 O O   . LEU A 1 72  ? -5.762  -10.762 -2.150  1.00 25.86 ? 73  LEU A O   1 
ATOM   562 C CB  . LEU A 1 72  ? -5.960  -8.849  -4.550  1.00 26.87 ? 73  LEU A CB  1 
ATOM   563 C CG  . LEU A 1 72  ? -5.720  -7.806  -5.643  1.00 28.88 ? 73  LEU A CG  1 
ATOM   564 C CD1 . LEU A 1 72  ? -7.041  -7.310  -6.212  1.00 26.97 ? 73  LEU A CD1 1 
ATOM   565 C CD2 . LEU A 1 72  ? -4.894  -6.647  -5.107  1.00 27.12 ? 73  LEU A CD2 1 
ATOM   566 N N   . PRO A 1 73  ? -5.050  -8.810  -1.287  1.00 27.37 ? 74  PRO A N   1 
ATOM   567 C CA  . PRO A 1 73  ? -4.421  -7.501  -1.491  1.00 18.92 ? 74  PRO A CA  1 
ATOM   568 C C   . PRO A 1 73  ? -2.898  -7.594  -1.474  1.00 23.18 ? 74  PRO A C   1 
ATOM   569 O O   . PRO A 1 73  ? -2.347  -8.594  -1.015  1.00 22.62 ? 74  PRO A O   1 
ATOM   570 C CB  . PRO A 1 73  ? -4.910  -6.692  -0.288  1.00 22.81 ? 74  PRO A CB  1 
ATOM   571 C CG  . PRO A 1 73  ? -5.153  -7.713  0.770   1.00 20.81 ? 74  PRO A CG  1 
ATOM   572 C CD  . PRO A 1 73  ? -5.651  -8.935  0.052   1.00 23.30 ? 74  PRO A CD  1 
ATOM   573 N N   . SER A 1 74  ? -2.233  -6.558  -1.973  1.00 18.57 ? 75  SER A N   1 
ATOM   574 C CA  . SER A 1 74  ? -0.775  -6.528  -2.011  1.00 17.45 ? 75  SER A CA  1 
ATOM   575 C C   . SER A 1 74  ? -0.362  -5.263  -1.298  1.00 16.41 ? 75  SER A C   1 
ATOM   576 O O   . SER A 1 74  ? -1.151  -4.318  -1.265  1.00 19.30 ? 75  SER A O   1 
ATOM   577 C CB  . SER A 1 74  ? -0.247  -6.505  -3.447  1.00 18.40 ? 75  SER A CB  1 
ATOM   578 O OG  . SER A 1 74  ? -0.270  -7.801  -4.034  1.00 24.06 ? 75  SER A OG  1 
ATOM   579 N N   . LEU A 1 75  ? 0.841   -5.245  -0.719  1.00 15.33 ? 76  LEU A N   1 
ATOM   580 C CA  . LEU A 1 75  ? 1.363   -4.009  -0.130  1.00 13.55 ? 76  LEU A CA  1 
ATOM   581 C C   . LEU A 1 75  ? 2.640   -3.606  -0.850  1.00 18.69 ? 76  LEU A C   1 
ATOM   582 O O   . LEU A 1 75  ? 3.455   -4.456  -1.187  1.00 19.12 ? 76  LEU A O   1 
ATOM   583 C CB  . LEU A 1 75  ? 1.667   -4.177  1.353   1.00 15.68 ? 76  LEU A CB  1 
ATOM   584 C CG  . LEU A 1 75  ? 0.552   -4.695  2.264   1.00 16.53 ? 76  LEU A CG  1 
ATOM   585 C CD1 . LEU A 1 75  ? 1.069   -4.825  3.669   1.00 23.01 ? 76  LEU A CD1 1 
ATOM   586 C CD2 . LEU A 1 75  ? -0.681  -3.794  2.244   1.00 16.25 ? 76  LEU A CD2 1 
ATOM   587 N N   . ALA A 1 76  ? 2.823   -2.305  -1.054  1.00 12.58 ? 77  ALA A N   1 
ATOM   588 C CA  . ALA A 1 76  ? 4.021   -1.798  -1.716  1.00 13.06 ? 77  ALA A CA  1 
ATOM   589 C C   . ALA A 1 76  ? 4.511   -0.606  -0.916  1.00 11.76 ? 77  ALA A C   1 
ATOM   590 O O   . ALA A 1 76  ? 3.777   0.370   -0.770  1.00 14.12 ? 77  ALA A O   1 
ATOM   591 C CB  . ALA A 1 76  ? 3.705   -1.387  -3.148  1.00 16.73 ? 77  ALA A CB  1 
ATOM   592 N N   . LEU A 1 77  ? 5.722   -0.716  -0.381  1.00 12.56 ? 78  LEU A N   1 
ATOM   593 C CA  . LEU A 1 77  ? 6.344   0.334   0.423   1.00 11.78 ? 78  LEU A CA  1 
ATOM   594 C C   . LEU A 1 77  ? 7.299   1.115   -0.457  1.00 12.45 ? 78  LEU A C   1 
ATOM   595 O O   . LEU A 1 77  ? 8.134   0.528   -1.121  1.00 15.17 ? 78  LEU A O   1 
ATOM   596 C CB  . LEU A 1 77  ? 7.107   -0.275  1.609   1.00 12.62 ? 78  LEU A CB  1 
ATOM   597 C CG  . LEU A 1 77  ? 7.948   0.674   2.473   1.00 16.98 ? 78  LEU A CG  1 
ATOM   598 C CD1 . LEU A 1 77  ? 7.056   1.773   3.013   1.00 18.85 ? 78  LEU A CD1 1 
ATOM   599 C CD2 . LEU A 1 77  ? 8.628   -0.064  3.635   1.00 21.99 ? 78  LEU A CD2 1 
ATOM   600 N N   . PHE A 1 78  ? 7.155   2.438   -0.463  1.00 11.21 ? 79  PHE A N   1 
ATOM   601 C CA  . PHE A 1 78  ? 8.026   3.333   -1.211  1.00 11.80 ? 79  PHE A CA  1 
ATOM   602 C C   . PHE A 1 78  ? 8.760   4.257   -0.245  1.00 13.49 ? 79  PHE A C   1 
ATOM   603 O O   . PHE A 1 78  ? 8.174   4.747   0.715   1.00 14.07 ? 79  PHE A O   1 
ATOM   604 C CB  . PHE A 1 78  ? 7.202   4.180   -2.192  1.00 10.96 ? 79  PHE A CB  1 
ATOM   605 C CG  . PHE A 1 78  ? 6.522   3.381   -3.270  1.00 11.33 ? 79  PHE A CG  1 
ATOM   606 C CD1 . PHE A 1 78  ? 5.298   2.766   -3.039  1.00 10.59 ? 79  PHE A CD1 1 
ATOM   607 C CD2 . PHE A 1 78  ? 7.105   3.252   -4.521  1.00 15.30 ? 79  PHE A CD2 1 
ATOM   608 C CE1 . PHE A 1 78  ? 4.668   2.019   -4.051  1.00 11.22 ? 79  PHE A CE1 1 
ATOM   609 C CE2 . PHE A 1 78  ? 6.488   2.521   -5.526  1.00 13.81 ? 79  PHE A CE2 1 
ATOM   610 C CZ  . PHE A 1 78  ? 5.270   1.896   -5.285  1.00 12.53 ? 79  PHE A CZ  1 
ATOM   611 N N   . VAL A 1 79  ? 10.040  4.479   -0.513  1.00 13.98 ? 80  VAL A N   1 
ATOM   612 C CA  . VAL A 1 79  ? 10.855  5.410   0.254   1.00 15.95 ? 80  VAL A CA  1 
ATOM   613 C C   . VAL A 1 79  ? 11.634  6.240   -0.751  1.00 18.13 ? 80  VAL A C   1 
ATOM   614 O O   . VAL A 1 79  ? 12.236  5.687   -1.679  1.00 18.46 ? 80  VAL A O   1 
ATOM   615 C CB  . VAL A 1 79  ? 11.841  4.683   1.193   1.00 17.48 ? 80  VAL A CB  1 
ATOM   616 C CG1 . VAL A 1 79  ? 12.853  5.669   1.799   1.00 21.78 ? 80  VAL A CG1 1 
ATOM   617 C CG2 . VAL A 1 79  ? 11.098  3.946   2.279   1.00 16.45 ? 80  VAL A CG2 1 
ATOM   618 N N   . ASP A 1 80  ? 11.614  7.561   -0.568  1.00 22.97 ? 81  ASP A N   1 
ATOM   619 C CA  . ASP A 1 80  ? 12.249  8.488   -1.510  1.00 26.93 ? 81  ASP A CA  1 
ATOM   620 C C   . ASP A 1 80  ? 11.711  8.294   -2.931  1.00 27.08 ? 81  ASP A C   1 
ATOM   621 O O   . ASP A 1 80  ? 12.457  8.409   -3.910  1.00 26.22 ? 81  ASP A O   1 
ATOM   622 C CB  . ASP A 1 80  ? 13.785  8.344   -1.480  1.00 28.37 ? 81  ASP A CB  1 
ATOM   623 C CG  . ASP A 1 80  ? 14.383  8.666   -0.114  1.00 36.64 ? 81  ASP A CG  1 
ATOM   624 O OD1 . ASP A 1 80  ? 13.784  9.466   0.636   1.00 42.62 ? 81  ASP A OD1 1 
ATOM   625 O OD2 . ASP A 1 80  ? 15.456  8.111   0.210   1.00 37.53 ? 81  ASP A OD2 1 
ATOM   626 N N   . GLY A 1 81  ? 10.416  7.993   -3.032  1.00 20.35 ? 82  GLY A N   1 
ATOM   627 C CA  . GLY A 1 81  ? 9.758   7.790   -4.314  1.00 23.85 ? 82  GLY A CA  1 
ATOM   628 C C   . GLY A 1 81  ? 10.179  6.537   -5.069  1.00 22.28 ? 82  GLY A C   1 
ATOM   629 O O   . GLY A 1 81  ? 9.891   6.400   -6.254  1.00 20.57 ? 82  GLY A O   1 
ATOM   630 N N   . MET A 1 82  ? 10.867  5.620   -4.389  1.00 20.18 ? 83  MET A N   1 
ATOM   631 C CA  . MET A 1 82  ? 11.362  4.404   -5.030  1.00 18.63 ? 83  MET A CA  1 
ATOM   632 C C   . MET A 1 82  ? 10.843  3.166   -4.329  1.00 20.80 ? 83  MET A C   1 
ATOM   633 O O   . MET A 1 82  ? 10.720  3.155   -3.109  1.00 17.02 ? 83  MET A O   1 
ATOM   634 C CB  . MET A 1 82  ? 12.888  4.388   -5.034  1.00 25.02 ? 83  MET A CB  1 
ATOM   635 C CG  . MET A 1 82  ? 13.479  5.320   -6.076  1.00 27.27 ? 83  MET A CG  1 
ATOM   636 S SD  . MET A 1 82  ? 15.256  5.303   -5.988  1.00 34.31 ? 83  MET A SD  1 
ATOM   637 C CE  . MET A 1 82  ? 15.526  6.337   -4.537  1.00 49.28 ? 83  MET A CE  1 
ATOM   638 N N   . ILE A 1 83  ? 10.555  2.120   -5.091  1.00 17.43 ? 84  ILE A N   1 
ATOM   639 C CA  . ILE A 1 83  ? 10.017  0.908   -4.478  1.00 17.37 ? 84  ILE A CA  1 
ATOM   640 C C   . ILE A 1 83  ? 11.028  0.268   -3.524  1.00 18.58 ? 84  ILE A C   1 
ATOM   641 O O   . ILE A 1 83  ? 12.221  0.153   -3.839  1.00 22.10 ? 84  ILE A O   1 
ATOM   642 C CB  . ILE A 1 83  ? 9.484   -0.102  -5.524  1.00 23.15 ? 84  ILE A CB  1 
ATOM   643 C CG1 . ILE A 1 83  ? 8.673   -1.211  -4.857  1.00 23.74 ? 84  ILE A CG1 1 
ATOM   644 C CG2 . ILE A 1 83  ? 10.611  -0.701  -6.332  1.00 25.69 ? 84  ILE A CG2 1 
ATOM   645 C CD1 . ILE A 1 83  ? 7.449   -0.709  -4.123  1.00 23.07 ? 84  ILE A CD1 1 
ATOM   646 N N   . ARG A 1 84  ? 10.546  -0.098  -2.336  1.00 17.71 ? 85  ARG A N   1 
ATOM   647 C CA  . ARG A 1 84  ? 11.371  -0.747  -1.325  1.00 22.55 ? 85  ARG A CA  1 
ATOM   648 C C   . ARG A 1 84  ? 11.084  -2.234  -1.302  1.00 24.59 ? 85  ARG A C   1 
ATOM   649 O O   . ARG A 1 84  ? 11.987  -3.056  -1.440  1.00 26.69 ? 85  ARG A O   1 
ATOM   650 C CB  . ARG A 1 84  ? 11.090  -0.162  0.057   1.00 25.40 ? 85  ARG A CB  1 
ATOM   651 C CG  . ARG A 1 84  ? 11.979  0.990   0.410   1.00 28.07 ? 85  ARG A CG  1 
ATOM   652 C CD  . ARG A 1 84  ? 13.419  0.530   0.523   1.00 29.63 ? 85  ARG A CD  1 
ATOM   653 N NE  . ARG A 1 84  ? 14.311  1.668   0.664   1.00 35.07 ? 85  ARG A NE  1 
ATOM   654 C CZ  . ARG A 1 84  ? 14.694  2.185   1.827   1.00 40.40 ? 85  ARG A CZ  1 
ATOM   655 N NH1 . ARG A 1 84  ? 14.263  1.655   2.965   1.00 41.57 ? 85  ARG A NH1 1 
ATOM   656 N NH2 . ARG A 1 84  ? 15.511  3.231   1.846   1.00 42.37 ? 85  ARG A NH2 1 
ATOM   657 N N   . GLU A 1 85  ? 9.816   -2.580  -1.137  1.00 20.53 ? 86  GLU A N   1 
ATOM   658 C CA  . GLU A 1 85  ? 9.434   -3.983  -1.084  1.00 22.95 ? 86  GLU A CA  1 
ATOM   659 C C   . GLU A 1 85  ? 7.962   -4.129  -1.460  1.00 21.92 ? 86  GLU A C   1 
ATOM   660 O O   . GLU A 1 85  ? 7.176   -3.190  -1.293  1.00 17.59 ? 86  GLU A O   1 
ATOM   661 C CB  . GLU A 1 85  ? 9.704   -4.533  0.323   1.00 25.10 ? 86  GLU A CB  1 
ATOM   662 C CG  . GLU A 1 85  ? 9.529   -6.027  0.473   1.00 36.20 ? 86  GLU A CG  1 
ATOM   663 C CD  . GLU A 1 85  ? 10.444  -6.798  -0.439  1.00 44.37 ? 86  GLU A CD  1 
ATOM   664 O OE1 . GLU A 1 85  ? 11.677  -6.767  -0.216  1.00 42.75 ? 86  GLU A OE1 1 
ATOM   665 O OE2 . GLU A 1 85  ? 9.925   -7.425  -1.388  1.00 52.07 ? 86  GLU A OE2 1 
ATOM   666 N N   . VAL A 1 86  ? 7.595   -5.293  -1.992  1.00 22.22 ? 87  VAL A N   1 
ATOM   667 C CA  . VAL A 1 86  ? 6.207   -5.585  -2.321  1.00 19.83 ? 87  VAL A CA  1 
ATOM   668 C C   . VAL A 1 86  ? 5.813   -6.891  -1.646  1.00 27.84 ? 87  VAL A C   1 
ATOM   669 O O   . VAL A 1 86  ? 6.527   -7.902  -1.764  1.00 26.57 ? 87  VAL A O   1 
ATOM   670 C CB  . VAL A 1 86  ? 5.984   -5.685  -3.847  1.00 24.90 ? 87  VAL A CB  1 
ATOM   671 C CG1 . VAL A 1 86  ? 4.611   -6.260  -4.150  1.00 23.97 ? 87  VAL A CG1 1 
ATOM   672 C CG2 . VAL A 1 86  ? 6.127   -4.316  -4.492  1.00 21.39 ? 87  VAL A CG2 1 
ATOM   673 N N   . PHE A 1 87  ? 4.706   -6.867  -0.905  1.00 20.26 ? 88  PHE A N   1 
ATOM   674 C CA  . PHE A 1 87  ? 4.221   -8.078  -0.249  1.00 21.29 ? 88  PHE A CA  1 
ATOM   675 C C   . PHE A 1 87  ? 2.917   -8.540  -0.894  1.00 21.63 ? 88  PHE A C   1 
ATOM   676 O O   . PHE A 1 87  ? 1.989   -7.754  -1.090  1.00 21.96 ? 88  PHE A O   1 
ATOM   677 C CB  . PHE A 1 87  ? 4.030   -7.881  1.258   1.00 28.05 ? 88  PHE A CB  1 
ATOM   678 C CG  . PHE A 1 87  ? 3.796   -9.169  1.996   1.00 28.83 ? 88  PHE A CG  1 
ATOM   679 C CD1 . PHE A 1 87  ? 2.528   -9.724  2.067   1.00 26.16 ? 88  PHE A CD1 1 
ATOM   680 C CD2 . PHE A 1 87  ? 4.860   -9.847  2.581   1.00 28.64 ? 88  PHE A CD2 1 
ATOM   681 C CE1 . PHE A 1 87  ? 2.321   -10.934 2.729   1.00 25.52 ? 88  PHE A CE1 1 
ATOM   682 C CE2 . PHE A 1 87  ? 4.660   -11.045 3.244   1.00 32.62 ? 88  PHE A CE2 1 
ATOM   683 C CZ  . PHE A 1 87  ? 3.386   -11.589 3.317   1.00 30.57 ? 88  PHE A CZ  1 
ATOM   684 N N   . SER A 1 88  ? 2.861   -9.825  -1.222  1.00 29.56 ? 89  SER A N   1 
ATOM   685 C CA  . SER A 1 88  ? 1.710   -10.412 -1.889  1.00 29.27 ? 89  SER A CA  1 
ATOM   686 C C   . SER A 1 88  ? 0.844   -11.180 -0.890  1.00 27.36 ? 89  SER A C   1 
ATOM   687 O O   . SER A 1 88  ? 1.277   -12.205 -0.360  1.00 27.68 ? 89  SER A O   1 
ATOM   688 C CB  . SER A 1 88  ? 2.195   -11.375 -2.976  1.00 40.13 ? 89  SER A CB  1 
ATOM   689 O OG  . SER A 1 88  ? 3.023   -10.708 -3.915  1.00 44.17 ? 89  SER A OG  1 
ATOM   690 N N   . GLY A 1 89  ? -0.366  -10.685 -0.631  1.00 26.72 ? 90  GLY A N   1 
ATOM   691 C CA  . GLY A 1 89  ? -1.282  -11.353 0.285   1.00 30.63 ? 90  GLY A CA  1 
ATOM   692 C C   . GLY A 1 89  ? -1.503  -10.666 1.629   1.00 28.65 ? 90  GLY A C   1 
ATOM   693 O O   . GLY A 1 89  ? -1.039  -9.543  1.854   1.00 28.78 ? 90  GLY A O   1 
ATOM   694 N N   . THR A 1 90  ? -2.212  -11.349 2.529   1.00 27.39 ? 91  THR A N   1 
ATOM   695 C CA  . THR A 1 90  ? -2.582  -10.775 3.824   1.00 30.21 ? 91  THR A CA  1 
ATOM   696 C C   . THR A 1 90  ? -1.499  -10.864 4.893   1.00 27.86 ? 91  THR A C   1 
ATOM   697 O O   . THR A 1 90  ? -0.634  -11.746 4.859   1.00 27.72 ? 91  THR A O   1 
ATOM   698 C CB  . THR A 1 90  ? -3.847  -11.438 4.407   1.00 30.87 ? 91  THR A CB  1 
ATOM   699 O OG1 . THR A 1 90  ? -3.680  -12.859 4.423   1.00 37.15 ? 91  THR A OG1 1 
ATOM   700 C CG2 . THR A 1 90  ? -5.054  -11.092 3.575   1.00 32.82 ? 91  THR A CG2 1 
ATOM   701 N N   . MET A 1 91  ? -1.583  -9.951  5.858   1.00 25.31 ? 92  MET A N   1 
ATOM   702 C CA  . MET A 1 91  ? -0.750  -10.005 7.049   1.00 25.13 ? 92  MET A CA  1 
ATOM   703 C C   . MET A 1 91  ? -1.575  -9.602  8.261   1.00 26.89 ? 92  MET A C   1 
ATOM   704 O O   . MET A 1 91  ? -2.435  -8.708  8.167   1.00 19.71 ? 92  MET A O   1 
ATOM   705 C CB  . MET A 1 91  ? 0.450   -9.061  6.910   1.00 28.87 ? 92  MET A CB  1 
ATOM   706 C CG  . MET A 1 91  ? 1.712   -9.738  6.425   1.00 35.40 ? 92  MET A CG  1 
ATOM   707 S SD  . MET A 1 91  ? 3.121   -8.628  6.450   1.00 36.35 ? 92  MET A SD  1 
ATOM   708 C CE  . MET A 1 91  ? 2.709   -7.508  5.133   1.00 24.96 ? 92  MET A CE  1 
ATOM   709 N N   . ASN A 1 92  ? -1.321  -10.258 9.391   1.00 23.33 ? 93  ASN A N   1 
ATOM   710 C CA  . ASN A 1 92  ? -1.870  -9.796  10.658  1.00 22.27 ? 93  ASN A CA  1 
ATOM   711 C C   . ASN A 1 92  ? -1.090  -8.574  11.138  1.00 17.65 ? 93  ASN A C   1 
ATOM   712 O O   . ASN A 1 92  ? -0.118  -8.151  10.488  1.00 18.28 ? 93  ASN A O   1 
ATOM   713 C CB  . ASN A 1 92  ? -1.883  -10.912 11.710  1.00 27.02 ? 93  ASN A CB  1 
ATOM   714 C CG  . ASN A 1 92  ? -0.505  -11.491 11.969  1.00 25.72 ? 93  ASN A CG  1 
ATOM   715 O OD1 . ASN A 1 92  ? 0.508   -10.819 11.789  1.00 24.23 ? 93  ASN A OD1 1 
ATOM   716 N ND2 . ASN A 1 92  ? -0.460  -12.748 12.396  1.00 30.27 ? 93  ASN A ND2 1 
ATOM   717 N N   . LYS A 1 93  ? -1.509  -8.002  12.263  1.00 14.47 ? 94  LYS A N   1 
ATOM   718 C CA  . LYS A 1 93  ? -0.940  -6.736  12.723  1.00 14.18 ? 94  LYS A CA  1 
ATOM   719 C C   . LYS A 1 93  ? 0.545   -6.845  13.093  1.00 17.57 ? 94  LYS A C   1 
ATOM   720 O O   . LYS A 1 93  ? 1.338   -5.937  12.801  1.00 14.53 ? 94  LYS A O   1 
ATOM   721 C CB  . LYS A 1 93  ? -1.754  -6.209  13.906  1.00 22.71 ? 94  LYS A CB  1 
ATOM   722 C CG  . LYS A 1 93  ? -1.413  -4.806  14.351  1.00 28.55 ? 94  LYS A CG  1 
ATOM   723 C CD  . LYS A 1 93  ? -2.239  -4.448  15.583  1.00 34.60 ? 94  LYS A CD  1 
ATOM   724 C CE  . LYS A 1 93  ? -2.247  -2.951  15.832  1.00 43.29 ? 94  LYS A CE  1 
ATOM   725 N NZ  . LYS A 1 93  ? -0.870  -2.401  15.910  1.00 48.74 ? 94  LYS A NZ  1 
ATOM   726 N N   . SER A 1 94  ? 0.927   -7.949  13.735  1.00 15.20 ? 95  SER A N   1 
ATOM   727 C CA  . SER A 1 94  ? 2.331   -8.103  14.133  1.00 16.03 ? 95  SER A CA  1 
ATOM   728 C C   . SER A 1 94  ? 3.260   -8.324  12.934  1.00 19.59 ? 95  SER A C   1 
ATOM   729 O O   . SER A 1 94  ? 4.368   -7.795  12.901  1.00 17.98 ? 95  SER A O   1 
ATOM   730 C CB  . SER A 1 94  ? 2.509   -9.188  15.205  1.00 22.02 ? 95  SER A CB  1 
ATOM   731 O OG  . SER A 1 94  ? 1.864   -10.393 14.850  1.00 26.44 ? 95  SER A OG  1 
ATOM   732 N N   . ASP A 1 95  ? 2.807   -9.097  11.947  1.00 16.48 ? 96  ASP A N   1 
ATOM   733 C CA  . ASP A 1 95  ? 3.619   -9.330  10.754  1.00 17.97 ? 96  ASP A CA  1 
ATOM   734 C C   . ASP A 1 95  ? 3.739   -8.058  9.926   1.00 17.74 ? 96  ASP A C   1 
ATOM   735 O O   . ASP A 1 95  ? 4.789   -7.793  9.327   1.00 17.51 ? 96  ASP A O   1 
ATOM   736 C CB  . ASP A 1 95  ? 3.037   -10.476 9.910   1.00 17.82 ? 96  ASP A CB  1 
ATOM   737 C CG  . ASP A 1 95  ? 3.366   -11.854 10.481  1.00 26.95 ? 96  ASP A CG  1 
ATOM   738 O OD1 . ASP A 1 95  ? 4.400   -11.998 11.176  1.00 23.20 ? 96  ASP A OD1 1 
ATOM   739 O OD2 . ASP A 1 95  ? 2.593   -12.816 10.236  1.00 23.47 ? 96  ASP A OD2 1 
ATOM   740 N N   . LEU A 1 96  ? 2.659   -7.277  9.893   1.00 14.19 ? 97  LEU A N   1 
ATOM   741 C CA  . LEU A 1 96  ? 2.647   -6.003  9.184   1.00 13.09 ? 97  LEU A CA  1 
ATOM   742 C C   . LEU A 1 96  ? 3.645   -5.040  9.811   1.00 14.01 ? 97  LEU A C   1 
ATOM   743 O O   . LEU A 1 96  ? 4.443   -4.402  9.108   1.00 14.62 ? 97  LEU A O   1 
ATOM   744 C CB  . LEU A 1 96  ? 1.225   -5.401  9.154   1.00 10.79 ? 97  LEU A CB  1 
ATOM   745 C CG  . LEU A 1 96  ? 1.134   -4.022  8.482   1.00 15.00 ? 97  LEU A CG  1 
ATOM   746 C CD1 . LEU A 1 96  ? 1.730   -4.090  7.072   1.00 14.17 ? 97  LEU A CD1 1 
ATOM   747 C CD2 . LEU A 1 96  ? -0.304  -3.497  8.430   1.00 12.52 ? 97  LEU A CD2 1 
ATOM   748 N N   . ARG A 1 97  ? 3.633   -4.940  11.136  1.00 14.84 ? 98  ARG A N   1 
ATOM   749 C CA  . ARG A 1 97  ? 4.606   -4.068  11.809  1.00 15.35 ? 98  ARG A CA  1 
ATOM   750 C C   . ARG A 1 97  ? 6.040   -4.489  11.492  1.00 18.42 ? 98  ARG A C   1 
ATOM   751 O O   . ARG A 1 97  ? 6.888   -3.652  11.161  1.00 18.40 ? 98  ARG A O   1 
ATOM   752 C CB  . ARG A 1 97  ? 4.369   -4.037  13.323  1.00 15.56 ? 98  ARG A CB  1 
ATOM   753 C CG  . ARG A 1 97  ? 5.211   -2.965  14.030  1.00 18.02 ? 98  ARG A CG  1 
ATOM   754 C CD  . ARG A 1 97  ? 5.232   -3.181  15.531  1.00 21.65 ? 98  ARG A CD  1 
ATOM   755 N NE  . ARG A 1 97  ? 3.887   -3.277  16.081  1.00 26.59 ? 98  ARG A NE  1 
ATOM   756 C CZ  . ARG A 1 97  ? 3.147   -2.231  16.434  1.00 34.10 ? 98  ARG A CZ  1 
ATOM   757 N NH1 . ARG A 1 97  ? 3.625   -1.002  16.293  1.00 38.91 ? 98  ARG A NH1 1 
ATOM   758 N NH2 . ARG A 1 97  ? 1.930   -2.417  16.933  1.00 30.91 ? 98  ARG A NH2 1 
ATOM   759 N N   . TYR A 1 98  ? 6.308   -5.786  11.594  1.00 18.95 ? 99  TYR A N   1 
ATOM   760 C CA  . TYR A 1 98  ? 7.648   -6.302  11.324  1.00 22.35 ? 99  TYR A CA  1 
ATOM   761 C C   . TYR A 1 98  ? 8.054   -5.990  9.887   1.00 24.49 ? 99  TYR A C   1 
ATOM   762 O O   . TYR A 1 98  ? 9.173   -5.545  9.636   1.00 25.23 ? 99  TYR A O   1 
ATOM   763 C CB  . TYR A 1 98  ? 7.708   -7.810  11.568  1.00 24.44 ? 99  TYR A CB  1 
ATOM   764 C CG  . TYR A 1 98  ? 9.075   -8.418  11.351  1.00 28.70 ? 99  TYR A CG  1 
ATOM   765 C CD1 . TYR A 1 98  ? 9.472   -8.860  10.090  1.00 31.08 ? 99  TYR A CD1 1 
ATOM   766 C CD2 . TYR A 1 98  ? 9.974   -8.541  12.401  1.00 31.83 ? 99  TYR A CD2 1 
ATOM   767 C CE1 . TYR A 1 98  ? 10.718  -9.414  9.884   1.00 37.05 ? 99  TYR A CE1 1 
ATOM   768 C CE2 . TYR A 1 98  ? 11.225  -9.093  12.204  1.00 38.59 ? 99  TYR A CE2 1 
ATOM   769 C CZ  . TYR A 1 98  ? 11.593  -9.530  10.944  1.00 41.31 ? 99  TYR A CZ  1 
ATOM   770 O OH  . TYR A 1 98  ? 12.838  -10.080 10.742  1.00 45.82 ? 99  TYR A OH  1 
ATOM   771 N N   . TRP A 1 99  ? 7.141   -6.226  8.947   1.00 20.03 ? 100 TRP A N   1 
ATOM   772 C CA  . TRP A 1 99  ? 7.429   -5.995  7.534   1.00 20.22 ? 100 TRP A CA  1 
ATOM   773 C C   . TRP A 1 99  ? 7.792   -4.530  7.278   1.00 19.88 ? 100 TRP A C   1 
ATOM   774 O O   . TRP A 1 99  ? 8.784   -4.238  6.615   1.00 21.46 ? 100 TRP A O   1 
ATOM   775 C CB  . TRP A 1 99  ? 6.242   -6.432  6.668   1.00 18.49 ? 100 TRP A CB  1 
ATOM   776 C CG  . TRP A 1 99  ? 6.494   -6.383  5.179   1.00 19.42 ? 100 TRP A CG  1 
ATOM   777 C CD1 . TRP A 1 99  ? 7.131   -7.323  4.419   1.00 26.02 ? 100 TRP A CD1 1 
ATOM   778 C CD2 . TRP A 1 99  ? 6.065   -5.358  4.269   1.00 17.56 ? 100 TRP A CD2 1 
ATOM   779 N NE1 . TRP A 1 99  ? 7.154   -6.933  3.095   1.00 27.65 ? 100 TRP A NE1 1 
ATOM   780 C CE2 . TRP A 1 99  ? 6.506   -5.732  2.978   1.00 27.79 ? 100 TRP A CE2 1 
ATOM   781 C CE3 . TRP A 1 99  ? 5.384   -4.159  4.424   1.00 15.69 ? 100 TRP A CE3 1 
ATOM   782 C CZ2 . TRP A 1 99  ? 6.263   -4.942  1.848   1.00 23.68 ? 100 TRP A CZ2 1 
ATOM   783 C CZ3 . TRP A 1 99  ? 5.148   -3.379  3.307   1.00 14.99 ? 100 TRP A CZ3 1 
ATOM   784 C CH2 . TRP A 1 99  ? 5.583   -3.776  2.036   1.00 16.15 ? 100 TRP A CH2 1 
ATOM   785 N N   . ILE A 1 100 ? 6.995   -3.613  7.825   1.00 21.70 ? 101 ILE A N   1 
ATOM   786 C CA  . ILE A 1 100 ? 7.243   -2.180  7.649   1.00 22.79 ? 101 ILE A CA  1 
ATOM   787 C C   . ILE A 1 100 ? 8.578   -1.770  8.269   1.00 20.17 ? 101 ILE A C   1 
ATOM   788 O O   . ILE A 1 100 ? 9.456   -1.224  7.588   1.00 25.49 ? 101 ILE A O   1 
ATOM   789 C CB  . ILE A 1 100 ? 6.093   -1.337  8.258   1.00 19.60 ? 101 ILE A CB  1 
ATOM   790 C CG1 . ILE A 1 100 ? 4.810   -1.497  7.437   1.00 16.04 ? 101 ILE A CG1 1 
ATOM   791 C CG2 . ILE A 1 100 ? 6.480   0.141   8.321   1.00 18.40 ? 101 ILE A CG2 1 
ATOM   792 C CD1 . ILE A 1 100 ? 3.561   -1.023  8.163   1.00 13.80 ? 101 ILE A CD1 1 
ATOM   793 N N   . ASN A 1 101 ? 8.740   -2.035  9.560   1.00 20.30 ? 102 ASN A N   1 
ATOM   794 C CA  . ASN A 1 101 ? 9.921   -1.571  10.290  1.00 27.48 ? 102 ASN A CA  1 
ATOM   795 C C   . ASN A 1 101 ? 11.223  -2.195  9.808   1.00 34.36 ? 102 ASN A C   1 
ATOM   796 O O   . ASN A 1 101 ? 12.286  -1.572  9.894   1.00 36.94 ? 102 ASN A O   1 
ATOM   797 C CB  . ASN A 1 101 ? 9.760   -1.808  11.792  1.00 27.24 ? 102 ASN A CB  1 
ATOM   798 C CG  . ASN A 1 101 ? 8.690   -0.933  12.408  1.00 31.81 ? 102 ASN A CG  1 
ATOM   799 O OD1 . ASN A 1 101 ? 8.438   0.185   11.949  1.00 31.92 ? 102 ASN A OD1 1 
ATOM   800 N ND2 . ASN A 1 101 ? 8.055   -1.434  13.458  1.00 37.18 ? 102 ASN A ND2 1 
ATOM   801 N N   . ASN A 1 102 ? 11.146  -3.422  9.304   1.00 30.39 ? 103 ASN A N   1 
ATOM   802 C CA  . ASN A 1 102 ? 12.331  -4.085  8.775   1.00 39.22 ? 103 ASN A CA  1 
ATOM   803 C C   . ASN A 1 102 ? 12.722  -3.537  7.399   1.00 37.53 ? 103 ASN A C   1 
ATOM   804 O O   . ASN A 1 102 ? 13.874  -3.651  6.988   1.00 41.61 ? 103 ASN A O   1 
ATOM   805 C CB  . ASN A 1 102 ? 12.123  -5.603  8.709   1.00 45.29 ? 103 ASN A CB  1 
ATOM   806 C CG  . ASN A 1 102 ? 13.391  -6.387  9.005   1.00 56.52 ? 103 ASN A CG  1 
ATOM   807 O OD1 . ASN A 1 102 ? 14.050  -6.171  10.027  1.00 60.66 ? 103 ASN A OD1 1 
ATOM   808 N ND2 . ASN A 1 102 ? 13.737  -7.307  8.110   1.00 61.03 ? 103 ASN A ND2 1 
ATOM   809 N N   . ASN A 1 103 ? 11.757  -2.947  6.701   1.00 39.15 ? 104 ASN A N   1 
ATOM   810 C CA  . ASN A 1 103 ? 12.002  -2.388  5.378   1.00 35.52 ? 104 ASN A CA  1 
ATOM   811 C C   . ASN A 1 103 ? 12.039  -0.863  5.394   1.00 26.44 ? 104 ASN A C   1 
ATOM   812 O O   . ASN A 1 103 ? 12.552  -0.235  4.467   1.00 35.27 ? 104 ASN A O   1 
ATOM   813 C CB  . ASN A 1 103 ? 10.945  -2.877  4.385   1.00 37.94 ? 104 ASN A CB  1 
ATOM   814 C CG  . ASN A 1 103 ? 11.103  -4.345  4.042   1.00 42.54 ? 104 ASN A CG  1 
ATOM   815 O OD1 . ASN A 1 103 ? 10.169  -5.134  4.187   1.00 39.36 ? 104 ASN A OD1 1 
ATOM   816 N ND2 . ASN A 1 103 ? 12.292  -4.721  3.585   1.00 47.71 ? 104 ASN A ND2 1 
ATOM   817 N N   . ILE A 1 104 ? 11.524  -0.270  6.421   1.00 30.00 ? 105 ILE A N   1 
ATOM   818 C CA  . ILE A 1 104 ? 11.462  1.178   6.590   1.00 30.00 ? 105 ILE A CA  1 
ATOM   819 C C   . ILE A 1 104 ? 10.227  1.760   5.912   1.00 30.00 ? 105 ILE A C   1 
ATOM   820 O O   . ILE A 1 104 ? 10.137  2.970   5.698   1.00 30.00 ? 105 ILE A O   1 
ATOM   821 C CB  . ILE A 1 104 ? 12.719  1.866   6.027   1.00 20.00 ? 105 ILE A CB  1 
ATOM   822 C CG1 . ILE A 1 104 ? 13.982  1.249   6.632   1.00 20.00 ? 105 ILE A CG1 1 
HETATM 823 O O   . HOH B 2 .   ? -8.130  3.668   -5.919  1.00 13.88 ? 201 HOH A O   1 
HETATM 824 O O   . HOH B 2 .   ? 0.481   9.672   -12.263 1.00 25.22 ? 202 HOH A O   1 
HETATM 825 O O   . HOH B 2 .   ? -9.821  -3.972  14.118  1.00 26.19 ? 203 HOH A O   1 
HETATM 826 O O   . HOH B 2 .   ? 6.577   -9.839  8.625   1.00 19.74 ? 204 HOH A O   1 
HETATM 827 O O   . HOH B 2 .   ? 0.535   12.561  -10.939 1.00 23.41 ? 205 HOH A O   1 
HETATM 828 O O   . HOH B 2 .   ? -4.947  -4.048  17.223  1.00 23.84 ? 206 HOH A O   1 
HETATM 829 O O   . HOH B 2 .   ? 8.350   7.467   -1.029  1.00 24.81 ? 207 HOH A O   1 
HETATM 830 O O   . HOH B 2 .   ? 6.802   9.170   -1.983  1.00 14.58 ? 208 HOH A O   1 
HETATM 831 O O   . HOH B 2 .   ? -1.265  7.877   6.389   1.00 26.00 ? 209 HOH A O   1 
HETATM 832 O O   . HOH B 2 .   ? 10.511  8.839   1.616   1.00 24.66 ? 210 HOH A O   1 
HETATM 833 O O   . HOH B 2 .   ? -6.139  7.521   -13.303 1.00 22.98 ? 211 HOH A O   1 
HETATM 834 O O   . HOH B 2 .   ? -0.001  7.033   8.665   1.00 24.08 ? 212 HOH A O   1 
HETATM 835 O O   . HOH B 2 .   ? 12.671  11.895  -0.291  1.00 34.56 ? 213 HOH A O   1 
HETATM 836 O O   . HOH B 2 .   ? 1.457   4.259   -13.070 1.00 28.74 ? 214 HOH A O   1 
HETATM 837 O O   . HOH B 2 .   ? -12.130 -3.610  -7.872  1.00 26.85 ? 215 HOH A O   1 
HETATM 838 O O   . HOH B 2 .   ? -7.441  5.162   -13.353 1.00 26.84 ? 216 HOH A O   1 
HETATM 839 O O   . HOH B 2 .   ? 6.854   -11.233 10.927  1.00 26.79 ? 217 HOH A O   1 
HETATM 840 O O   . HOH B 2 .   ? -4.453  8.442   3.348   1.00 19.33 ? 218 HOH A O   1 
HETATM 841 O O   . HOH B 2 .   ? 1.964   9.766   8.007   1.00 30.83 ? 219 HOH A O   1 
HETATM 842 O O   . HOH B 2 .   ? -9.582  2.429   -3.094  1.00 26.84 ? 220 HOH A O   1 
HETATM 843 O O   . HOH B 2 .   ? 8.759   -2.725  -12.255 1.00 27.55 ? 221 HOH A O   1 
HETATM 844 O O   . HOH B 2 .   ? -6.335  4.846   10.203  1.00 35.93 ? 222 HOH A O   1 
HETATM 845 O O   . HOH B 2 .   ? -1.452  14.390  -10.067 1.00 26.57 ? 223 HOH A O   1 
HETATM 846 O O   . HOH B 2 .   ? -4.038  -8.803  13.156  1.00 29.04 ? 224 HOH A O   1 
HETATM 847 O O   . HOH B 2 .   ? -11.114 3.710   -5.838  1.00 28.77 ? 225 HOH A O   1 
HETATM 848 O O   . HOH B 2 .   ? -5.351  -8.342  9.463   1.00 37.07 ? 226 HOH A O   1 
HETATM 849 O O   . HOH B 2 .   ? 5.863   0.334   15.241  1.00 32.91 ? 227 HOH A O   1 
HETATM 850 O O   . HOH B 2 .   ? 1.497   0.077   -16.963 1.00 28.18 ? 228 HOH A O   1 
HETATM 851 O O   . HOH B 2 .   ? -0.951  -9.692  15.214  1.00 36.34 ? 229 HOH A O   1 
HETATM 852 O O   . HOH B 2 .   ? 0.412   -12.594 9.106   1.00 28.74 ? 230 HOH A O   1 
HETATM 853 O O   . HOH B 2 .   ? 0.916   10.767  -14.794 1.00 29.55 ? 231 HOH A O   1 
HETATM 854 O O   . HOH B 2 .   ? -9.086  -6.167  13.134  1.00 40.73 ? 232 HOH A O   1 
HETATM 855 O O   . HOH B 2 .   ? -2.419  -2.016  -17.352 1.00 24.46 ? 233 HOH A O   1 
HETATM 856 O O   . HOH B 2 .   ? 15.494  -3.171  9.066   1.00 49.07 ? 234 HOH A O   1 
HETATM 857 O O   . HOH B 2 .   ? -0.124  14.889  -0.827  1.00 38.56 ? 235 HOH A O   1 
HETATM 858 O O   . HOH B 2 .   ? 2.120   -14.134 12.527  1.00 39.00 ? 236 HOH A O   1 
HETATM 859 O O   . HOH B 2 .   ? 4.329   15.612  -4.564  1.00 27.89 ? 237 HOH A O   1 
HETATM 860 O O   . HOH B 2 .   ? -10.200 3.049   10.551  1.00 39.25 ? 238 HOH A O   1 
HETATM 861 O O   . HOH B 2 .   ? 15.653  -9.802  9.601   1.00 45.98 ? 239 HOH A O   1 
HETATM 862 O O   . HOH B 2 .   ? 5.669   1.604   -17.287 1.00 31.13 ? 240 HOH A O   1 
HETATM 863 O O   . HOH B 2 .   ? -10.974 0.376   -3.089  1.00 43.76 ? 241 HOH A O   1 
HETATM 864 O O   . HOH B 2 .   ? -8.965  0.324   12.041  1.00 30.51 ? 242 HOH A O   1 
HETATM 865 O O   . HOH B 2 .   ? 5.515   17.517  -4.773  1.00 35.31 ? 243 HOH A O   1 
HETATM 866 O O   . HOH B 2 .   ? 5.949   4.837   13.880  1.00 34.87 ? 244 HOH A O   1 
HETATM 867 O O   . HOH B 2 .   ? -10.611 -5.887  -8.681  1.00 44.74 ? 245 HOH A O   1 
HETATM 868 O O   . HOH B 2 .   ? -2.906  13.820  -7.731  1.00 34.74 ? 246 HOH A O   1 
HETATM 869 O O   . HOH B 2 .   ? 11.205  14.757  -3.583  1.00 51.85 ? 247 HOH A O   1 
HETATM 870 O O   . HOH B 2 .   ? -2.152  -14.098 2.415   1.00 40.70 ? 248 HOH A O   1 
HETATM 871 O O   . HOH B 2 .   ? 11.296  13.898  -6.492  1.00 47.28 ? 249 HOH A O   1 
HETATM 872 O O   . HOH B 2 .   ? 0.809   -14.676 0.330   1.00 40.06 ? 250 HOH A O   1 
HETATM 873 O O   . HOH B 2 .   ? -7.067  1.758   -14.049 1.00 22.94 ? 251 HOH A O   1 
HETATM 874 O O   . HOH B 2 .   ? 11.389  7.263   -8.389  1.00 31.04 ? 252 HOH A O   1 
HETATM 875 O O   . HOH B 2 .   ? -6.497  8.301   -15.663 1.00 40.15 ? 253 HOH A O   1 
HETATM 876 O O   . HOH B 2 .   ? -5.424  4.178   -16.229 1.00 28.69 ? 254 HOH A O   1 
HETATM 877 O O   . HOH B 2 .   ? -8.170  3.061   12.578  1.00 38.68 ? 255 HOH A O   1 
HETATM 878 O O   . HOH B 2 .   ? 13.999  -2.698  -3.555  1.00 35.69 ? 256 HOH A O   1 
HETATM 879 O O   . HOH B 2 .   ? -1.697  -7.697  17.056  1.00 43.57 ? 257 HOH A O   1 
HETATM 880 O O   . HOH B 2 .   ? 14.506  4.402   -0.772  1.00 43.02 ? 258 HOH A O   1 
HETATM 881 O O   . HOH B 2 .   ? -13.974 -1.173  -6.452  1.00 38.25 ? 259 HOH A O   1 
HETATM 882 O O   . HOH B 2 .   ? 0.118   -14.184 3.558   1.00 40.38 ? 260 HOH A O   1 
HETATM 883 O O   . HOH B 2 .   ? 1.920   14.126  -12.388 1.00 35.54 ? 261 HOH A O   1 
HETATM 884 O O   . HOH B 2 .   ? -2.556  11.586  8.162   1.00 36.61 ? 262 HOH A O   1 
HETATM 885 O O   . HOH B 2 .   ? 11.449  10.405  -7.589  1.00 50.49 ? 263 HOH A O   1 
HETATM 886 O O   . HOH B 2 .   ? -12.151 -7.698  -6.071  1.00 30.00 ? 264 HOH A O   1 
HETATM 887 O O   . HOH B 2 .   ? -11.153 0.620   9.996   1.00 30.00 ? 265 HOH A O   1 
HETATM 888 O O   . HOH B 2 .   ? 8.870   9.399   8.269   1.00 30.00 ? 266 HOH A O   1 
HETATM 889 O O   . HOH B 2 .   ? -16.911 -2.524  -8.877  1.00 30.00 ? 267 HOH A O   1 
# 
loop_
_atom_site_anisotrop.id 
_atom_site_anisotrop.type_symbol 
_atom_site_anisotrop.pdbx_label_atom_id 
_atom_site_anisotrop.pdbx_label_alt_id 
_atom_site_anisotrop.pdbx_label_comp_id 
_atom_site_anisotrop.pdbx_label_asym_id 
_atom_site_anisotrop.pdbx_label_seq_id 
_atom_site_anisotrop.pdbx_PDB_ins_code 
_atom_site_anisotrop.U[1][1] 
_atom_site_anisotrop.U[2][2] 
_atom_site_anisotrop.U[3][3] 
_atom_site_anisotrop.U[1][2] 
_atom_site_anisotrop.U[1][3] 
_atom_site_anisotrop.U[2][3] 
_atom_site_anisotrop.pdbx_auth_seq_id 
_atom_site_anisotrop.pdbx_auth_comp_id 
_atom_site_anisotrop.pdbx_auth_asym_id 
_atom_site_anisotrop.pdbx_auth_atom_id 
1   N N   . LEU A 1   ? 0.3724 0.6243 0.3149 0.0393  0.0400  -0.0160 2   LEU A N   
2   C CA  . LEU A 1   ? 0.2774 0.4992 0.2190 0.0312  0.0307  -0.0158 2   LEU A CA  
3   C C   . LEU A 1   ? 0.2405 0.4382 0.1921 0.0427  0.0300  -0.0126 2   LEU A C   
4   O O   . LEU A 1   ? 0.2169 0.4280 0.1833 0.0516  0.0289  -0.0018 2   LEU A O   
5   C CB  . LEU A 1   ? 0.2260 0.4630 0.1765 0.0146  0.0158  -0.0021 2   LEU A CB  
6   C CG  . LEU A 1   ? 0.2176 0.4724 0.1581 -0.0017 0.0113  -0.0027 2   LEU A CG  
7   C CD1 . LEU A 1   ? 0.1635 0.4207 0.1172 -0.0162 -0.0055 0.0091  2   LEU A CD1 
8   C CD2 . LEU A 1   ? 0.2697 0.5031 0.1877 -0.0049 0.0183  -0.0211 2   LEU A CD2 
9   N N   . ARG A 2   ? 0.2129 0.3752 0.1559 0.0416  0.0301  -0.0212 3   ARG A N   
10  C CA  . ARG A 2   ? 0.2317 0.3691 0.1808 0.0499  0.0290  -0.0177 3   ARG A CA  
11  C C   . ARG A 2   ? 0.2192 0.3633 0.1813 0.0436  0.0177  -0.0028 3   ARG A C   
12  O O   . ARG A 2   ? 0.1712 0.3259 0.1364 0.0306  0.0100  0.0011  3   ARG A O   
13  C CB  . ARG A 2   ? 0.2857 0.3852 0.2213 0.0472  0.0314  -0.0294 3   ARG A CB  
14  C CG  . ARG A 2   ? 0.3850 0.4673 0.3092 0.0573  0.0414  -0.0447 3   ARG A CG  
15  C CD  . ARG A 2   ? 0.4278 0.4702 0.3417 0.0540  0.0411  -0.0526 3   ARG A CD  
16  N NE  . ARG A 2   ? 0.4226 0.4499 0.3437 0.0535  0.0355  -0.0414 3   ARG A NE  
17  C CZ  . ARG A 2   ? 0.4726 0.4735 0.3934 0.0624  0.0365  -0.0407 3   ARG A CZ  
18  N NH1 . ARG A 2   ? 0.5928 0.5777 0.5095 0.0740  0.0422  -0.0514 3   ARG A NH1 
19  N NH2 . ARG A 2   ? 0.4032 0.3936 0.3278 0.0594  0.0311  -0.0296 3   ARG A NH2 
20  N N   . SER A 3   ? 0.1910 0.3274 0.1613 0.0529  0.0160  0.0050  4   SER A N   
21  C CA  . SER A 3   ? 0.1651 0.3018 0.1446 0.0480  0.0057  0.0169  4   SER A CA  
22  C C   . SER A 3   ? 0.2382 0.3404 0.2091 0.0480  0.0066  0.0134  4   SER A C   
23  O O   . SER A 3   ? 0.3084 0.3900 0.2729 0.0569  0.0125  0.0089  4   SER A O   
24  C CB  . SER A 3   ? 0.1856 0.3406 0.1793 0.0569  0.0014  0.0302  4   SER A CB  
25  O OG  . SER A 3   ? 0.2055 0.3954 0.2093 0.0532  -0.0021 0.0371  4   SER A OG  
26  N N   . LEU A 4   ? 0.1645 0.2609 0.1361 0.0375  0.0004  0.0157  5   LEU A N   
27  C CA  . LEU A 4   ? 0.1758 0.2429 0.1382 0.0352  0.0020  0.0130  5   LEU A CA  
28  C C   . LEU A 4   ? 0.2362 0.3032 0.2034 0.0353  -0.0052 0.0233  5   LEU A C   
29  O O   . LEU A 4   ? 0.1907 0.2790 0.1694 0.0341  -0.0130 0.0308  5   LEU A O   
30  C CB  . LEU A 4   ? 0.1747 0.2340 0.1327 0.0223  0.0030  0.0045  5   LEU A CB  
31  C CG  . LEU A 4   ? 0.1850 0.2438 0.1367 0.0195  0.0082  -0.0061 5   LEU A CG  
32  C CD1 . LEU A 4   ? 0.2287 0.2808 0.1794 0.0060  0.0070  -0.0122 5   LEU A CD1 
33  C CD2 . LEU A 4   ? 0.2755 0.3106 0.2153 0.0287  0.0160  -0.0126 5   LEU A CD2 
34  N N   . SER A 5   ? 0.2286 0.2704 0.1854 0.0359  -0.0034 0.0240  6   SER A N   
35  C CA  . SER A 5   ? 0.2534 0.2917 0.2096 0.0340  -0.0098 0.0323  6   SER A CA  
36  C C   . SER A 5   ? 0.2320 0.2533 0.1780 0.0233  -0.0067 0.0268  6   SER A C   
37  O O   . SER A 5   ? 0.1916 0.2034 0.1329 0.0178  -0.0003 0.0181  6   SER A O   
38  C CB  . SER A 5   ? 0.2613 0.2872 0.2135 0.0440  -0.0114 0.0408  6   SER A CB  
39  O OG  . SER A 5   ? 0.2954 0.2936 0.2348 0.0444  -0.0054 0.0369  6   SER A OG  
40  N N   . ASP A 6   ? 0.1841 0.2023 0.1264 0.0201  -0.0111 0.0316  7   ASP A N   
41  C CA  . ASP A 6   ? 0.1926 0.1976 0.1248 0.0098  -0.0066 0.0264  7   ASP A CA  
42  C C   . ASP A 6   ? 0.2296 0.2093 0.1473 0.0080  0.0010  0.0246  7   ASP A C   
43  O O   . ASP A 6   ? 0.2666 0.2386 0.1800 -0.0013 0.0073  0.0177  7   ASP A O   
44  C CB  . ASP A 6   ? 0.1959 0.1988 0.1212 0.0080  -0.0117 0.0320  7   ASP A CB  
45  C CG  . ASP A 6   ? 0.1747 0.1988 0.1143 0.0070  -0.0198 0.0313  7   ASP A CG  
46  O OD1 . ASP A 6   ? 0.1733 0.2118 0.1272 0.0035  -0.0199 0.0245  7   ASP A OD1 
47  O OD2 . ASP A 6   ? 0.2163 0.2418 0.1533 0.0092  -0.0275 0.0378  7   ASP A OD2 
48  N N   . SER A 7   ? 0.2321 0.1992 0.1446 0.0170  -0.0004 0.0312  8   SER A N   
49  C CA  . SER A 7   ? 0.3313 0.2710 0.2310 0.0160  0.0040  0.0314  8   SER A CA  
50  C C   . SER A 7   ? 0.3112 0.2448 0.2128 0.0150  0.0100  0.0213  8   SER A C   
51  O O   . SER A 7   ? 0.3482 0.2580 0.2399 0.0113  0.0132  0.0200  8   SER A O   
52  C CB  . SER A 7   ? 0.3651 0.2932 0.2632 0.0274  -0.0011 0.0413  8   SER A CB  
53  O OG  . SER A 7   ? 0.5323 0.4476 0.4175 0.0228  -0.0054 0.0511  8   SER A OG  
54  N N   . ASP A 8   ? 0.2512 0.2056 0.1649 0.0175  0.0103  0.0150  9   ASP A N   
55  C CA  . ASP A 8   ? 0.2625 0.2134 0.1767 0.0165  0.0150  0.0046  9   ASP A CA  
56  C C   . ASP A 8   ? 0.2690 0.2269 0.1859 0.0032  0.0171  -0.0025 9   ASP A C   
57  O O   . ASP A 8   ? 0.2475 0.1984 0.1624 -0.0013 0.0202  -0.0107 9   ASP A O   
58  C CB  . ASP A 8   ? 0.2382 0.2104 0.1624 0.0258  0.0140  0.0023  9   ASP A CB  
59  C CG  . ASP A 8   ? 0.4407 0.4108 0.3675 0.0404  0.0128  0.0080  9   ASP A CG  
60  O OD1 . ASP A 8   ? 0.4968 0.4416 0.4165 0.0450  0.0140  0.0086  9   ASP A OD1 
61  O OD2 . ASP A 8   ? 0.3803 0.3746 0.3180 0.0471  0.0098  0.0126  9   ASP A OD2 
62  N N   . PHE A 9   ? 0.2225 0.1949 0.1457 -0.0027 0.0146  0.0001  10  PHE A N   
63  C CA  . PHE A 9   ? 0.2071 0.1936 0.1404 -0.0129 0.0147  -0.0064 10  PHE A CA  
64  C C   . PHE A 9   ? 0.2356 0.2065 0.1637 -0.0239 0.0206  -0.0124 10  PHE A C   
65  O O   . PHE A 9   ? 0.2401 0.2153 0.1745 -0.0301 0.0208  -0.0193 10  PHE A O   
66  C CB  . PHE A 9   ? 0.1896 0.1924 0.1322 -0.0155 0.0106  -0.0035 10  PHE A CB  
67  C CG  . PHE A 9   ? 0.1788 0.2007 0.1386 -0.0226 0.0074  -0.0092 10  PHE A CG  
68  C CD1 . PHE A 9   ? 0.1556 0.1952 0.1264 -0.0204 0.0011  -0.0090 10  PHE A CD1 
69  C CD2 . PHE A 9   ? 0.2559 0.2794 0.2217 -0.0319 0.0104  -0.0143 10  PHE A CD2 
70  C CE1 . PHE A 9   ? 0.1530 0.2095 0.1412 -0.0277 -0.0042 -0.0126 10  PHE A CE1 
71  C CE2 . PHE A 9   ? 0.2201 0.2613 0.2059 -0.0377 0.0061  -0.0194 10  PHE A CE2 
72  C CZ  . PHE A 9   ? 0.1759 0.2323 0.1729 -0.0357 -0.0022 -0.0180 10  PHE A CZ  
73  N N   . GLN A 10  ? 0.2390 0.1918 0.1555 -0.0275 0.0245  -0.0088 11  GLN A N   
74  C CA  . GLN A 10  ? 0.2762 0.2153 0.1885 -0.0395 0.0300  -0.0128 11  GLN A CA  
75  C C   . GLN A 10  ? 0.2974 0.2211 0.2059 -0.0396 0.0303  -0.0181 11  GLN A C   
76  O O   . GLN A 10  ? 0.3191 0.2447 0.2336 -0.0488 0.0314  -0.0245 11  GLN A O   
77  C CB  . GLN A 10  ? 0.3383 0.2604 0.2361 -0.0444 0.0339  -0.0059 11  GLN A CB  
78  C CG  . GLN A 10  ? 0.4125 0.3500 0.3124 -0.0485 0.0357  -0.0042 11  GLN A CG  
79  C CD  . GLN A 10  ? 0.4613 0.4184 0.3780 -0.0574 0.0391  -0.0129 11  GLN A CD  
80  O OE1 . GLN A 10  ? 0.4823 0.4597 0.4115 -0.0552 0.0364  -0.0158 11  GLN A OE1 
81  N NE2 . GLN A 10  ? 0.4440 0.3948 0.3631 -0.0677 0.0439  -0.0168 11  GLN A NE2 
82  N N   . LEU A 11  ? 0.2828 0.1919 0.1828 -0.0288 0.0287  -0.0162 12  LEU A N   
83  C CA  . LEU A 11  ? 0.3012 0.1933 0.1960 -0.0273 0.0288  -0.0232 12  LEU A CA  
84  C C   . LEU A 11  ? 0.3337 0.2437 0.2363 -0.0266 0.0273  -0.0319 12  LEU A C   
85  O O   . LEU A 11  ? 0.2955 0.1989 0.1970 -0.0348 0.0273  -0.0394 12  LEU A O   
86  C CB  . LEU A 11  ? 0.3354 0.2086 0.2223 -0.0139 0.0275  -0.0202 12  LEU A CB  
87  C CG  . LEU A 11  ? 0.3934 0.2473 0.2749 -0.0090 0.0276  -0.0297 12  LEU A CG  
88  C CD1 . LEU A 11  ? 0.3877 0.2138 0.2614 -0.0208 0.0276  -0.0318 12  LEU A CD1 
89  C CD2 . LEU A 11  ? 0.4598 0.3034 0.3401 0.0078  0.0262  -0.0280 12  LEU A CD2 
90  N N   . GLU A 12  ? 0.2676 0.2004 0.1772 -0.0180 0.0249  -0.0298 13  GLU A N   
91  C CA  . GLU A 12  ? 0.2660 0.2157 0.1796 -0.0163 0.0230  -0.0362 13  GLU A CA  
92  C C   . GLU A 12  ? 0.2569 0.2274 0.1825 -0.0280 0.0192  -0.0377 13  GLU A C   
93  O O   . GLU A 12  ? 0.2431 0.2229 0.1696 -0.0317 0.0168  -0.0432 13  GLU A O   
94  C CB  . GLU A 12  ? 0.2494 0.2162 0.1662 -0.0029 0.0218  -0.0320 13  GLU A CB  
95  C CG  . GLU A 12  ? 0.2979 0.2472 0.2069 0.0107  0.0248  -0.0320 13  GLU A CG  
96  C CD  . GLU A 12  ? 0.4350 0.3667 0.3340 0.0131  0.0282  -0.0442 13  GLU A CD  
97  O OE1 . GLU A 12  ? 0.4813 0.4212 0.3781 0.0059  0.0281  -0.0523 13  GLU A OE1 
98  O OE2 . GLU A 12  ? 0.5073 0.4159 0.4008 0.0221  0.0300  -0.0457 13  GLU A OE2 
99  N N   . VAL A 13  ? 0.2236 0.2018 0.1590 -0.0337 0.0184  -0.0328 14  VAL A N   
100 C CA  . VAL A 13  ? 0.2142 0.2120 0.1659 -0.0436 0.0140  -0.0344 14  VAL A CA  
101 C C   . VAL A 13  ? 0.2180 0.2075 0.1745 -0.0556 0.0171  -0.0373 14  VAL A C   
102 O O   . VAL A 13  ? 0.2547 0.2480 0.2193 -0.0653 0.0146  -0.0421 14  VAL A O   
103 C CB  . VAL A 13  ? 0.1927 0.2134 0.1583 -0.0400 0.0087  -0.0283 14  VAL A CB  
104 C CG1 . VAL A 13  ? 0.2112 0.2497 0.1969 -0.0499 0.0030  -0.0306 14  VAL A CG1 
105 C CG2 . VAL A 13  ? 0.1762 0.2101 0.1402 -0.0301 0.0047  -0.0240 14  VAL A CG2 
106 N N   . ARG A 14  ? 0.2527 0.2139 0.2081 -0.0922 0.0206  0.0160  15  ARG A N   
107 C CA  . ARG A 14  ? 0.2604 0.2347 0.2270 -0.0993 0.0314  0.0200  15  ARG A CA  
108 C C   . ARG A 14  ? 0.3173 0.2856 0.2908 -0.1120 0.0307  0.0263  15  ARG A C   
109 O O   . ARG A 14  ? 0.3282 0.3136 0.3225 -0.1202 0.0352  0.0282  15  ARG A O   
110 C CB  . ARG A 14  ? 0.2766 0.2500 0.2260 -0.0959 0.0420  0.0234  15  ARG A CB  
111 C CG  . ARG A 14  ? 0.2711 0.2496 0.2136 -0.0840 0.0422  0.0162  15  ARG A CG  
112 C CD  . ARG A 14  ? 0.2742 0.2715 0.2375 -0.0810 0.0425  0.0105  15  ARG A CD  
113 N NE  . ARG A 14  ? 0.2810 0.2796 0.2349 -0.0698 0.0436  0.0040  15  ARG A NE  
114 C CZ  . ARG A 14  ? 0.3012 0.3129 0.2660 -0.0636 0.0452  -0.0012 15  ARG A CZ  
115 N NH1 . ARG A 14  ? 0.2768 0.3047 0.2638 -0.0673 0.0463  -0.0006 15  ARG A NH1 
116 N NH2 . ARG A 14  ? 0.2852 0.2922 0.2370 -0.0532 0.0447  -0.0075 15  ARG A NH2 
117 N N   . GLN A 15  ? 0.2834 0.2273 0.2391 -0.1136 0.0242  0.0294  16  GLN A N   
118 C CA  . GLN A 15  ? 0.3461 0.2770 0.3028 -0.1266 0.0229  0.0358  16  GLN A CA  
119 C C   . GLN A 15  ? 0.3882 0.3125 0.3545 -0.1284 0.0094  0.0316  16  GLN A C   
120 O O   . GLN A 15  ? 0.3787 0.2966 0.3532 -0.1406 0.0065  0.0347  16  GLN A O   
121 C CB  . GLN A 15  ? 0.4020 0.3049 0.3284 -0.1268 0.0244  0.0428  16  GLN A CB  
122 C CG  . GLN A 15  ? 0.4581 0.3651 0.3739 -0.1274 0.0387  0.0494  16  GLN A CG  
123 C CD  . GLN A 15  ? 0.5436 0.4226 0.4248 -0.1220 0.0388  0.0543  16  GLN A CD  
124 O OE1 . GLN A 15  ? 0.6072 0.4606 0.4732 -0.1228 0.0300  0.0559  16  GLN A OE1 
125 N NE2 . GLN A 15  ? 0.6149 0.4983 0.4816 -0.1143 0.0480  0.0560  16  GLN A NE2 
126 N N   . HIS A 16  ? 0.3074 0.2328 0.2722 -0.1164 0.0008  0.0248  17  HIS A N   
127 C CA  . HIS A 16  ? 0.3533 0.2708 0.3217 -0.1142 -0.0123 0.0209  17  HIS A CA  
128 C C   . HIS A 16  ? 0.3241 0.2629 0.3220 -0.1191 -0.0138 0.0167  17  HIS A C   
129 O O   . HIS A 16  ? 0.2749 0.2370 0.2885 -0.1161 -0.0075 0.0138  17  HIS A O   
130 C CB  . HIS A 16  ? 0.3099 0.2262 0.2680 -0.0992 -0.0194 0.0166  17  HIS A CB  
131 C CG  . HIS A 16  ? 0.3054 0.2069 0.2554 -0.0933 -0.0326 0.0147  17  HIS A CG  
132 N ND1 . HIS A 16  ? 0.3473 0.2581 0.3141 -0.0908 -0.0401 0.0099  17  HIS A ND1 
133 C CD2 . HIS A 16  ? 0.3886 0.2673 0.3132 -0.0868 -0.0398 0.0167  17  HIS A CD2 
134 C CE1 . HIS A 16  ? 0.3516 0.2453 0.3035 -0.0831 -0.0515 0.0090  17  HIS A CE1 
135 N NE2 . HIS A 16  ? 0.3920 0.2660 0.3181 -0.0804 -0.0516 0.0131  17  HIS A NE2 
136 N N   . PRO A 17  ? 0.3974 0.3275 0.4016 -0.1255 -0.0232 0.0157  18  PRO A N   
137 C CA  . PRO A 17  ? 0.3475 0.2985 0.3800 -0.1305 -0.0264 0.0112  18  PRO A CA  
138 C C   . PRO A 17  ? 0.3619 0.3277 0.4045 -0.1165 -0.0322 0.0035  18  PRO A C   
139 O O   . PRO A 17  ? 0.3603 0.3499 0.4264 -0.1174 -0.0310 -0.0004 18  PRO A O   
140 C CB  . PRO A 17  ? 0.4036 0.3340 0.4333 -0.1389 -0.0373 0.0113  18  PRO A CB  
141 C CG  . PRO A 17  ? 0.4377 0.3342 0.4346 -0.1332 -0.0435 0.0140  18  PRO A CG  
142 C CD  . PRO A 17  ? 0.4522 0.3501 0.4356 -0.1299 -0.0311 0.0191  18  PRO A CD  
143 N N   . ASP A 18  ? 0.2888 0.2425 0.3141 -0.1033 -0.0381 0.0020  19  ASP A N   
144 C CA  . ASP A 18  ? 0.2107 0.1750 0.2435 -0.0905 -0.0445 -0.0034 19  ASP A CA  
145 C C   . ASP A 18  ? 0.2691 0.2492 0.3061 -0.0830 -0.0365 -0.0043 19  ASP A C   
146 O O   . ASP A 18  ? 0.2500 0.2259 0.2750 -0.0833 -0.0297 -0.0012 19  ASP A O   
147 C CB  . ASP A 18  ? 0.3239 0.2689 0.3363 -0.0796 -0.0554 -0.0035 19  ASP A CB  
148 C CG  . ASP A 18  ? 0.4167 0.3408 0.4211 -0.0844 -0.0660 -0.0041 19  ASP A CG  
149 O OD1 . ASP A 18  ? 0.4006 0.3290 0.4213 -0.0964 -0.0671 -0.0058 19  ASP A OD1 
150 O OD2 . ASP A 18  ? 0.4377 0.3410 0.4190 -0.0759 -0.0738 -0.0030 19  ASP A OD2 
151 N N   . PRO A 19  ? 0.1786 0.1749 0.2310 -0.0760 -0.0381 -0.0088 20  PRO A N   
152 C CA  . PRO A 19  ? 0.1667 0.1731 0.2210 -0.0690 -0.0317 -0.0099 20  PRO A CA  
153 C C   . PRO A 19  ? 0.1649 0.1603 0.2016 -0.0625 -0.0334 -0.0071 20  PRO A C   
154 O O   . PRO A 19  ? 0.2143 0.1994 0.2402 -0.0583 -0.0411 -0.0054 20  PRO A O   
155 C CB  . PRO A 19  ? 0.2007 0.2201 0.2697 -0.0605 -0.0362 -0.0146 20  PRO A CB  
156 C CG  . PRO A 19  ? 0.2530 0.2777 0.3349 -0.0666 -0.0414 -0.0171 20  PRO A CG  
157 C CD  . PRO A 19  ? 0.2538 0.2586 0.3216 -0.0744 -0.0459 -0.0136 20  PRO A CD  
158 N N   . ILE A 20  ? 0.1619 0.1600 0.1951 -0.0613 -0.0271 -0.0069 21  ILE A N   
159 C CA  . ILE A 20  ? 0.1607 0.1518 0.1801 -0.0570 -0.0291 -0.0044 21  ILE A CA  
160 C C   . ILE A 20  ? 0.1661 0.1617 0.1883 -0.0541 -0.0255 -0.0063 21  ILE A C   
161 O O   . ILE A 20  ? 0.1593 0.1590 0.1860 -0.0558 -0.0190 -0.0092 21  ILE A O   
162 C CB  . ILE A 20  ? 0.1718 0.1521 0.1742 -0.0617 -0.0272 -0.0012 21  ILE A CB  
163 C CG1 . ILE A 20  ? 0.1898 0.1675 0.1797 -0.0572 -0.0306 0.0011  21  ILE A CG1 
164 C CG2 . ILE A 20  ? 0.1791 0.1609 0.1808 -0.0676 -0.0178 -0.0021 21  ILE A CG2 
165 C CD1 . ILE A 20  ? 0.1824 0.1501 0.1532 -0.0584 -0.0310 0.0041  21  ILE A CD1 
166 N N   . ILE A 21  ? 0.1517 0.1464 0.1709 -0.0492 -0.0298 -0.0043 22  ILE A N   
167 C CA  . ILE A 21  ? 0.1530 0.1461 0.1709 -0.0485 -0.0279 -0.0050 22  ILE A CA  
168 C C   . ILE A 21  ? 0.1989 0.1876 0.2045 -0.0517 -0.0300 -0.0019 22  ILE A C   
169 O O   . ILE A 21  ? 0.1536 0.1450 0.1552 -0.0497 -0.0348 0.0026  22  ILE A O   
170 C CB  . ILE A 21  ? 0.1474 0.1437 0.1736 -0.0418 -0.0306 -0.0042 22  ILE A CB  
171 C CG1 . ILE A 21  ? 0.1538 0.1432 0.1758 -0.0429 -0.0299 -0.0039 22  ILE A CG1 
172 C CG2 . ILE A 21  ? 0.2502 0.2507 0.2760 -0.0369 -0.0368 0.0007  22  ILE A CG2 
173 C CD1 . ILE A 21  ? 0.2666 0.2552 0.2947 -0.0362 -0.0305 -0.0034 22  ILE A CD1 
174 N N   . ILE A 22  ? 0.1655 0.1486 0.1645 -0.0554 -0.0269 -0.0046 23  ILE A N   
175 C CA  . ILE A 22  ? 0.1712 0.1514 0.1591 -0.0589 -0.0296 -0.0031 23  ILE A CA  
176 C C   . ILE A 22  ? 0.1805 0.1577 0.1704 -0.0607 -0.0325 -0.0032 23  ILE A C   
177 O O   . ILE A 22  ? 0.1924 0.1621 0.1836 -0.0598 -0.0301 -0.0074 23  ILE A O   
178 C CB  . ILE A 22  ? 0.1830 0.1570 0.1596 -0.0615 -0.0253 -0.0069 23  ILE A CB  
179 C CG1 . ILE A 22  ? 0.1839 0.1586 0.1582 -0.0616 -0.0209 -0.0058 23  ILE A CG1 
180 C CG2 . ILE A 22  ? 0.2058 0.1782 0.1710 -0.0643 -0.0296 -0.0064 23  ILE A CG2 
181 C CD1 . ILE A 22  ? 0.2938 0.2691 0.2623 -0.0606 -0.0254 -0.0012 23  ILE A CD1 
182 N N   . MET A 23  ? 0.1725 0.1553 0.1622 -0.0630 -0.0377 0.0018  24  MET A N   
183 C CA  . MET A 23  ? 0.1801 0.1588 0.1710 -0.0684 -0.0412 0.0027  24  MET A CA  
184 C C   . MET A 23  ? 0.1902 0.1670 0.1708 -0.0743 -0.0442 0.0002  24  MET A C   
185 O O   . MET A 23  ? 0.1861 0.1741 0.1632 -0.0744 -0.0468 0.0034  24  MET A O   
186 C CB  . MET A 23  ? 0.1726 0.1628 0.1720 -0.0684 -0.0447 0.0113  24  MET A CB  
187 C CG  . MET A 23  ? 0.2080 0.1938 0.2094 -0.0772 -0.0485 0.0140  24  MET A CG  
188 S SD  . MET A 23  ? 0.1912 0.1920 0.2044 -0.0766 -0.0501 0.0262  24  MET A SD  
189 C CE  . MET A 23  ? 0.3445 0.3427 0.3589 -0.0924 -0.0557 0.0295  24  MET A CE  
190 N N   . PHE A 24  ? 0.2096 0.1716 0.1833 -0.0772 -0.0444 -0.0062 25  PHE A N   
191 C CA  . PHE A 24  ? 0.2365 0.1942 0.1994 -0.0825 -0.0488 -0.0103 25  PHE A CA  
192 C C   . PHE A 24  ? 0.3241 0.2840 0.2924 -0.0919 -0.0564 -0.0064 25  PHE A C   
193 O O   . PHE A 24  ? 0.2524 0.2035 0.2268 -0.0948 -0.0574 -0.0045 25  PHE A O   
194 C CB  . PHE A 24  ? 0.2408 0.1803 0.1918 -0.0797 -0.0465 -0.0193 25  PHE A CB  
195 C CG  . PHE A 24  ? 0.2418 0.1833 0.1878 -0.0720 -0.0382 -0.0216 25  PHE A CG  
196 C CD1 . PHE A 24  ? 0.2829 0.2281 0.2178 -0.0708 -0.0370 -0.0226 25  PHE A CD1 
197 C CD2 . PHE A 24  ? 0.2543 0.1957 0.2070 -0.0664 -0.0316 -0.0220 25  PHE A CD2 
198 C CE1 . PHE A 24  ? 0.2599 0.2065 0.1903 -0.0654 -0.0286 -0.0229 25  PHE A CE1 
199 C CE2 . PHE A 24  ? 0.2500 0.1965 0.2011 -0.0618 -0.0238 -0.0227 25  PHE A CE2 
200 C CZ  . PHE A 24  ? 0.3209 0.2692 0.2607 -0.0620 -0.0220 -0.0226 25  PHE A CZ  
201 N N   . THR A 25  ? 0.2895 0.2623 0.2559 -0.0966 -0.0619 -0.0049 26  THR A N   
202 C CA  . THR A 25  ? 0.3448 0.3288 0.3206 -0.1070 -0.0689 0.0011  26  THR A CA  
203 C C   . THR A 25  ? 0.2514 0.2399 0.2199 -0.1136 -0.0767 -0.0034 26  THR A C   
204 O O   . THR A 25  ? 0.2694 0.2529 0.2241 -0.1078 -0.0757 -0.0103 26  THR A O   
205 C CB  . THR A 25  ? 0.3817 0.3906 0.3692 -0.1033 -0.0672 0.0119  26  THR A CB  
206 O OG1 . THR A 25  ? 0.4306 0.4530 0.4301 -0.1137 -0.0723 0.0199  26  THR A OG1 
207 C CG2 . THR A 25  ? 0.3646 0.3898 0.3446 -0.0958 -0.0670 0.0121  26  THR A CG2 
208 N N   . GLY A 26  ? 0.3029 0.3006 0.2812 -0.1211 -0.0811 0.0009  27  GLY A N   
209 C CA  . GLY A 26  ? 0.3089 0.3130 0.2837 -0.1253 -0.0877 -0.0035 27  GLY A CA  
210 C C   . GLY A 26  ? 0.2912 0.3186 0.2819 -0.1331 -0.0908 0.0056  27  GLY A C   
211 O O   . GLY A 26  ? 0.2542 0.2862 0.2567 -0.1364 -0.0880 0.0148  27  GLY A O   
212 N N   . SER A 27  ? 0.3022 0.3457 0.2929 -0.1354 -0.0965 0.0035  28  SER A N   
213 C CA  . SER A 27  ? 0.3766 0.4475 0.3829 -0.1426 -0.0993 0.0121  28  SER A CA  
214 C C   . SER A 27  ? 0.4703 0.5322 0.4876 -0.1562 -0.1022 0.0158  28  SER A C   
215 O O   . SER A 27  ? 0.5188 0.6016 0.5506 -0.1619 -0.1010 0.0272  28  SER A O   
216 C CB  . SER A 27  ? 0.4107 0.5008 0.4138 -0.1409 -0.1052 0.0072  28  SER A CB  
217 O OG  . SER A 27  ? 0.3970 0.5056 0.3934 -0.1279 -0.1019 0.0092  28  SER A OG  
218 N N   . TRP A 28  ? 0.3925 0.4236 0.4019 -0.1609 -0.1061 0.0066  29  TRP A N   
219 C CA  . TRP A 28  ? 0.3329 0.3517 0.3498 -0.1740 -0.1100 0.0093  29  TRP A CA  
220 C C   . TRP A 28  ? 0.4332 0.4214 0.4447 -0.1728 -0.1057 0.0099  29  TRP A C   
221 O O   . TRP A 28  ? 0.4278 0.3847 0.4289 -0.1753 -0.1095 0.0017  29  TRP A O   
222 C CB  . TRP A 28  ? 0.3579 0.3651 0.3693 -0.1807 -0.1197 -0.0017 29  TRP A CB  
223 C CG  . TRP A 28  ? 0.3811 0.4196 0.3983 -0.1815 -0.1248 -0.0030 29  TRP A CG  
224 C CD1 . TRP A 28  ? 0.3592 0.4251 0.3930 -0.1919 -0.1288 0.0041  29  TRP A CD1 
225 C CD2 . TRP A 28  ? 0.3984 0.4446 0.4039 -0.1704 -0.1265 -0.0117 29  TRP A CD2 
226 N NE1 . TRP A 28  ? 0.3541 0.4452 0.3876 -0.1872 -0.1331 -0.0005 29  TRP A NE1 
227 C CE2 . TRP A 28  ? 0.4350 0.5133 0.4504 -0.1736 -0.1319 -0.0102 29  TRP A CE2 
228 C CE3 . TRP A 28  ? 0.3715 0.4009 0.3582 -0.1578 -0.1238 -0.0204 29  TRP A CE3 
229 C CZ2 . TRP A 28  ? 0.4246 0.5171 0.4303 -0.1632 -0.1351 -0.0175 29  TRP A CZ2 
230 C CZ3 . TRP A 28  ? 0.3919 0.4347 0.3687 -0.1486 -0.1264 -0.0267 29  TRP A CZ3 
231 C CH2 . TRP A 28  ? 0.4014 0.4747 0.3871 -0.1507 -0.1322 -0.0255 29  TRP A CH2 
232 N N   . CYS A 29  ? 0.4490 0.4465 0.4666 -0.1677 -0.0981 0.0193  30  CYS A N   
233 C CA  . CYS A 29  ? 0.4568 0.4287 0.4689 -0.1634 -0.0932 0.0196  30  CYS A CA  
234 C C   . CYS A 29  ? 0.3789 0.3657 0.4044 -0.1655 -0.0883 0.0342  30  CYS A C   
235 O O   . CYS A 29  ? 0.3812 0.3872 0.4111 -0.1573 -0.0832 0.0400  30  CYS A O   
236 C CB  . CYS A 29  ? 0.4263 0.3925 0.4278 -0.1501 -0.0887 0.0127  30  CYS A CB  
237 S SG  . CYS A 29  ? 0.4461 0.3871 0.4420 -0.1421 -0.0823 0.0125  30  CYS A SG  
238 N N   . GLN A 30  ? 0.3163 0.4087 0.5666 -0.1653 -0.0910 0.1076  31  GLN A N   
239 C CA  . GLN A 30  ? 0.3340 0.4486 0.6058 -0.1563 -0.0864 0.1354  31  GLN A CA  
240 C C   . GLN A 30  ? 0.3130 0.4203 0.5772 -0.1404 -0.0757 0.1326  31  GLN A C   
241 O O   . GLN A 30  ? 0.3350 0.4679 0.6046 -0.1259 -0.0694 0.1509  31  GLN A O   
242 C CB  . GLN A 30  ? 0.4329 0.5461 0.7319 -0.1703 -0.0921 0.1519  31  GLN A CB  
243 C CG  . GLN A 30  ? 0.5388 0.6830 0.8580 -0.1798 -0.1011 0.1736  31  GLN A CG  
244 C CD  . GLN A 30  ? 0.6271 0.7668 0.9340 -0.1935 -0.1111 0.1570  31  GLN A CD  
245 O OE1 . GLN A 30  ? 0.7451 0.8641 1.0548 -0.2132 -0.1198 0.1462  31  GLN A OE1 
246 N NE2 . GLN A 30  ? 0.5884 0.7466 0.8808 -0.1833 -0.1097 0.1552  31  GLN A NE2 
247 N N   . PRO A 31  ? 0.2954 0.3690 0.5469 -0.1428 -0.0730 0.1112  32  PRO A N   
248 C CA  . PRO A 31  ? 0.3154 0.3871 0.5616 -0.1283 -0.0641 0.1104  32  PRO A CA  
249 C C   . PRO A 31  ? 0.3279 0.4132 0.5540 -0.1159 -0.0593 0.1022  32  PRO A C   
250 O O   . PRO A 31  ? 0.3290 0.4247 0.5546 -0.1036 -0.0526 0.1086  32  PRO A O   
251 C CB  . PRO A 31  ? 0.3206 0.3530 0.5558 -0.1342 -0.0626 0.0894  32  PRO A CB  
252 C CG  . PRO A 31  ? 0.4011 0.4139 0.6268 -0.1505 -0.0694 0.0737  32  PRO A CG  
253 C CD  . PRO A 31  ? 0.3464 0.3845 0.5930 -0.1583 -0.0769 0.0939  32  PRO A CD  
254 N N   . CYS A 32  ? 0.3152 0.4005 0.5255 -0.1193 -0.0625 0.0887  33  CYS A N   
255 C CA  . CYS A 32  ? 0.2324 0.3303 0.4252 -0.1085 -0.0578 0.0831  33  CYS A CA  
256 C C   . CYS A 32  ? 0.2361 0.3691 0.4400 -0.0984 -0.0544 0.1101  33  CYS A C   
257 O O   . CYS A 32  ? 0.2424 0.3872 0.4372 -0.0863 -0.0470 0.1129  33  CYS A O   
258 C CB  . CYS A 32  ? 0.3222 0.4140 0.4986 -0.1135 -0.0617 0.0659  33  CYS A CB  
259 S SG  . CYS A 32  ? 0.3145 0.3684 0.4709 -0.1201 -0.0612 0.0332  33  CYS A SG  
260 N N   . LYS A 33  ? 0.2071 0.3577 0.4298 -0.1035 -0.0592 0.1307  34  LYS A N   
261 C CA  . LYS A 33  ? 0.1834 0.3695 0.4153 -0.0922 -0.0544 0.1590  34  LYS A CA  
262 C C   . LYS A 33  ? 0.2330 0.4302 0.4714 -0.0788 -0.0455 0.1751  34  LYS A C   
263 O O   . LYS A 33  ? 0.2375 0.4572 0.4672 -0.0630 -0.0363 0.1880  34  LYS A O   
264 C CB  . LYS A 33  ? 0.2036 0.4071 0.4577 -0.1016 -0.0620 0.1795  34  LYS A CB  
265 C CG  . LYS A 33  ? 0.3928 0.5978 0.6406 -0.1118 -0.0700 0.1707  34  LYS A CG  
266 N N   . LYS A 34  ? 0.2129 0.3949 0.4651 -0.0840 -0.0474 0.1750  35  LYS A N   
267 C CA  . LYS A 34  ? 0.2705 0.4646 0.5308 -0.0711 -0.0394 0.1923  35  LYS A CA  
268 C C   . LYS A 34  ? 0.2769 0.4643 0.5166 -0.0619 -0.0326 0.1769  35  LYS A C   
269 O O   . LYS A 34  ? 0.2913 0.4970 0.5277 -0.0472 -0.0241 0.1907  35  LYS A O   
270 C CB  . LYS A 34  ? 0.3871 0.5687 0.6722 -0.0793 -0.0431 0.2000  35  LYS A CB  
271 N N   . MET A 35  ? 0.2248 0.3875 0.4490 -0.0701 -0.0362 0.1487  36  MET A N   
272 C CA  . MET A 35  ? 0.1425 0.3010 0.3502 -0.0634 -0.0312 0.1343  36  MET A CA  
273 C C   . MET A 35  ? 0.1448 0.3197 0.3304 -0.0544 -0.0260 0.1297  36  MET A C   
274 O O   . MET A 35  ? 0.1187 0.3017 0.2911 -0.0461 -0.0207 0.1246  36  MET A O   
275 C CB  . MET A 35  ? 0.2246 0.3504 0.4256 -0.0734 -0.0356 0.1079  36  MET A CB  
276 C CG  . MET A 35  ? 0.2625 0.3890 0.4571 -0.0667 -0.0311 0.1007  36  MET A CG  
277 S SD  . MET A 35  ? 0.4782 0.5698 0.6673 -0.0745 -0.0339 0.0748  36  MET A SD  
278 C CE  . MET A 35  ? 0.7302 0.8058 0.8919 -0.0804 -0.0364 0.0488  36  MET A CE  
279 N N   . LYS A 36  ? 0.1305 0.3128 0.3124 -0.0558 -0.0275 0.1327  37  LYS A N   
280 C CA  . LYS A 36  ? 0.1206 0.3195 0.2826 -0.0456 -0.0210 0.1309  37  LYS A CA  
281 C C   . LYS A 36  ? 0.1692 0.3941 0.3213 -0.0263 -0.0092 0.1468  37  LYS A C   
282 O O   . LYS A 36  ? 0.1115 0.3410 0.2429 -0.0188 -0.0038 0.1346  37  LYS A O   
283 C CB  . LYS A 36  ? 0.1473 0.3564 0.3110 -0.0470 -0.0230 0.1390  37  LYS A CB  
284 C CG  . LYS A 36  ? 0.2489 0.4345 0.4111 -0.0629 -0.0333 0.1187  37  LYS A CG  
285 N N   . PRO A 37  ? 0.1565 0.3986 0.3208 -0.0172 -0.0051 0.1732  38  PRO A N   
286 C CA  . PRO A 37  ? 0.1558 0.4199 0.3024 0.0046  0.0070  0.1860  38  PRO A CA  
287 C C   . PRO A 37  ? 0.1289 0.3899 0.2654 0.0067  0.0084  0.1733  38  PRO A C   
288 O O   . PRO A 37  ? 0.1722 0.4440 0.2801 0.0222  0.0165  0.1682  38  PRO A O   
289 C CB  . PRO A 37  ? 0.1680 0.4476 0.3334 0.0116  0.0088  0.2158  38  PRO A CB  
290 C CG  . PRO A 37  ? 0.2358 0.4995 0.4312 -0.0091 -0.0032 0.2171  38  PRO A CG  
291 C CD  . PRO A 37  ? 0.1970 0.4422 0.3871 -0.0238 -0.0106 0.1931  38  PRO A CD  
292 N N   . THR A 38  ? 0.1252 0.3686 0.2806 -0.0075 0.0001  0.1665  39  THR A N   
293 C CA  . THR A 38  ? 0.1318 0.3744 0.2816 -0.0059 -0.0008 0.1555  39  THR A CA  
294 C C   . THR A 38  ? 0.1166 0.3408 0.2357 -0.0089 -0.0043 0.1245  39  THR A C   
295 O O   . THR A 38  ? 0.1250 0.3479 0.2128 0.0007  -0.0026 0.1138  39  THR A O   
296 C CB  . THR A 38  ? 0.1215 0.3443 0.2970 -0.0184 -0.0074 0.1550  39  THR A CB  
297 O OG1 . THR A 38  ? 0.1345 0.3623 0.3313 -0.0167 -0.0056 0.1811  39  THR A OG1 
298 C CG2 . THR A 38  ? 0.1185 0.3467 0.2904 -0.0131 -0.0075 0.1493  39  THR A CG2 
299 N N   . PHE A 39  ? 0.1089 0.3139 0.2324 -0.0231 -0.0099 0.1092  40  PHE A N   
300 C CA  . PHE A 39  ? 0.1095 0.2908 0.2022 -0.0267 -0.0123 0.0803  40  PHE A CA  
301 C C   . PHE A 39  ? 0.1590 0.3428 0.2126 -0.0112 -0.0042 0.0773  40  PHE A C   
302 O O   . PHE A 39  ? 0.1327 0.3024 0.1541 -0.0087 -0.0042 0.0588  40  PHE A O   
303 C CB  . PHE A 39  ? 0.1028 0.2683 0.2070 -0.0417 -0.0182 0.0705  40  PHE A CB  
304 C CG  . PHE A 39  ? 0.1030 0.2423 0.1825 -0.0477 -0.0206 0.0422  40  PHE A CG  
305 C CD1 . PHE A 39  ? 0.1016 0.2269 0.1788 -0.0531 -0.0239 0.0266  40  PHE A CD1 
306 C CD2 . PHE A 39  ? 0.1256 0.2565 0.1865 -0.0475 -0.0189 0.0339  40  PHE A CD2 
307 C CE1 . PHE A 39  ? 0.1026 0.2066 0.1596 -0.0591 -0.0251 0.0030  40  PHE A CE1 
308 C CE2 . PHE A 39  ? 0.1079 0.2148 0.1471 -0.0530 -0.0199 0.0102  40  PHE A CE2 
309 C CZ  . PHE A 39  ? 0.1060 0.1996 0.1438 -0.0596 -0.0230 -0.0053 40  PHE A CZ  
310 N N   . GLU A 40  ? 0.1533 0.3547 0.2094 -0.0008 0.0031  0.0968  41  GLU A N   
311 C CA  . GLU A 40  ? 0.1469 0.3465 0.1626 0.0175  0.0135  0.0956  41  GLU A CA  
312 C C   . GLU A 40  ? 0.1655 0.3731 0.1556 0.0335  0.0190  0.1003  41  GLU A C   
313 O O   . GLU A 40  ? 0.2325 0.4229 0.1771 0.0436  0.0239  0.0861  41  GLU A O   
314 C CB  . GLU A 40  ? 0.1480 0.3670 0.1746 0.0269  0.0213  0.1171  41  GLU A CB  
315 C CG  . GLU A 40  ? 0.1347 0.3455 0.1785 0.0113  0.0142  0.1095  41  GLU A CG  
316 C CD  . GLU A 40  ? 0.2859 0.5205 0.3411 0.0200  0.0205  0.1314  41  GLU A CD  
317 O OE1 . GLU A 40  ? 0.3198 0.5709 0.3727 0.0403  0.0297  0.1469  41  GLU A OE1 
318 O OE2 . GLU A 40  ? 0.2090 0.4422 0.2792 0.0072  0.0132  0.1278  41  GLU A OE2 
319 N N   . GLU A 41  ? 0.1599 0.3907 0.1757 0.0356  0.0183  0.1199  42  GLU A N   
320 C CA  . GLU A 41  ? 0.1787 0.4178 0.1698 0.0497  0.0215  0.1225  42  GLU A CA  
321 C C   . GLU A 41  ? 0.1837 0.4025 0.1499 0.0400  0.0119  0.0950  42  GLU A C   
322 O O   . GLU A 41  ? 0.2090 0.4173 0.1343 0.0480  0.0129  0.0817  42  GLU A O   
323 C CB  . GLU A 41  ? 0.2109 0.4776 0.2400 0.0530  0.0228  0.1478  42  GLU A CB  
324 C CG  . GLU A 41  ? 0.1751 0.4622 0.2288 0.0650  0.0336  0.1681  42  GLU A CG  
325 C CD  . GLU A 41  ? 0.2086 0.5224 0.2994 0.0667  0.0376  0.1914  42  GLU A CD  
326 O OE1 . GLU A 41  ? 0.2530 0.5650 0.3508 0.0582  0.0325  0.1929  42  GLU A OE1 
327 O OE2 . GLU A 41  ? 0.2088 0.5393 0.3173 0.0759  0.0455  0.2074  42  GLU A OE2 
328 N N   . MET A 42  ? 0.1626 0.3726 0.1563 0.0215  0.0024  0.0842  43  MET A N   
329 C CA  . MET A 42  ? 0.1695 0.3664 0.1494 0.0112  -0.0064 0.0612  43  MET A CA  
330 C C   . MET A 42  ? 0.1900 0.3588 0.1297 0.0076  -0.0061 0.0360  43  MET A C   
331 O O   . MET A 42  ? 0.2096 0.3704 0.1181 0.0058  -0.0105 0.0200  43  MET A O   
332 C CB  . MET A 42  ? 0.1689 0.3620 0.1879 -0.0044 -0.0134 0.0578  43  MET A CB  
333 C CG  . MET A 42  ? 0.1723 0.3643 0.1884 -0.0119 -0.0213 0.0432  43  MET A CG  
334 S SD  . MET A 42  ? 0.2822 0.5050 0.2915 0.0005  -0.0234 0.0576  43  MET A SD  
335 C CE  . MET A 42  ? 0.2771 0.5173 0.3360 0.0056  -0.0193 0.0880  43  MET A CE  
336 N N   . ALA A 43  ? 0.1753 0.3298 0.1152 0.0064  -0.0012 0.0336  44  ALA A N   
337 C CA  . ALA A 43  ? 0.1931 0.3181 0.0950 0.0051  0.0017  0.0128  44  ALA A CA  
338 C C   . ALA A 43  ? 0.2728 0.3854 0.1299 0.0195  0.0074  0.0092  44  ALA A C   
339 O O   . ALA A 43  ? 0.3104 0.3885 0.1412 0.0124  0.0045  -0.0112 44  ALA A O   
340 C CB  . ALA A 43  ? 0.2208 0.3394 0.1314 0.0069  0.0078  0.0181  44  ALA A CB  
341 N N   . SER A 44  ? 0.2870 0.4157 0.1476 0.0366  0.0151  0.0294  45  SER A N   
342 C CA  . SER A 44  ? 0.3363 0.4443 0.1641 0.0486  0.0205  0.0253  45  SER A CA  
343 C C   . SER A 44  ? 0.3876 0.4910 0.1957 0.0424  0.0115  0.0137  45  SER A C   
344 O O   . SER A 44  ? 0.4808 0.5528 0.2528 0.0397  0.0118  -0.0008 45  SER A O   
345 C CB  . SER A 44  ? 0.4186 0.5498 0.2607 0.0691  0.0306  0.0499  45  SER A CB  
346 O OG  . SER A 44  ? 0.4189 0.5871 0.2894 0.0726  0.0284  0.0691  45  SER A OG  
347 N N   . GLN A 45  ? 0.3237 0.4600 0.1570 0.0379  0.0035  0.0216  46  GLN A N   
348 C CA  . GLN A 45  ? 0.3592 0.4997 0.1809 0.0321  -0.0066 0.0135  46  GLN A CA  
349 C C   . GLN A 45  ? 0.3843 0.4987 0.1951 0.0124  -0.0166 -0.0107 46  GLN A C   
350 O O   . GLN A 45  ? 0.4297 0.5307 0.2184 0.0067  -0.0241 -0.0213 46  GLN A O   
351 C CB  . GLN A 45  ? 0.3097 0.4954 0.1682 0.0329  -0.0117 0.0324  46  GLN A CB  
352 C CG  . GLN A 45  ? 0.3991 0.6106 0.2743 0.0513  -0.0025 0.0597  46  GLN A CG  
353 C CD  . GLN A 45  ? 0.4314 0.6775 0.3328 0.0527  -0.0077 0.0762  46  GLN A CD  
354 O OE1 . GLN A 45  ? 0.4468 0.7107 0.3851 0.0458  -0.0111 0.0890  46  GLN A OE1 
355 N NE2 . GLN A 45  ? 0.4855 0.7378 0.3677 0.0616  -0.0085 0.0767  46  GLN A NE2 
356 N N   . MET A 46  ? 0.3214 0.4296 0.1510 0.0017  -0.0171 -0.0174 47  MET A N   
357 C CA  . MET A 46  ? 0.3109 0.3993 0.1444 -0.0153 -0.0253 -0.0355 47  MET A CA  
358 C C   . MET A 46  ? 0.3455 0.3853 0.1555 -0.0151 -0.0205 -0.0479 47  MET A C   
359 O O   . MET A 46  ? 0.3311 0.3577 0.1545 -0.0243 -0.0244 -0.0577 47  MET A O   
360 C CB  . MET A 46  ? 0.2645 0.3778 0.1390 -0.0270 -0.0292 -0.0336 47  MET A CB  
361 C CG  . MET A 46  ? 0.2845 0.4446 0.1840 -0.0239 -0.0346 -0.0164 47  MET A CG  
362 S SD  . MET A 46  ? 0.2749 0.4470 0.2219 -0.0376 -0.0404 -0.0167 47  MET A SD  
363 C CE  . MET A 46  ? 0.3605 0.5730 0.3286 -0.0289 -0.0457 0.0035  47  MET A CE  
364 N N   . GLU A 47  ? 0.4446 0.4601 0.2217 -0.0035 -0.0106 -0.0442 48  GLU A N   
365 C CA  . GLU A 47  ? 0.5668 0.5395 0.3260 0.0022  -0.0053 -0.0518 48  GLU A CA  
366 C C   . GLU A 47  ? 0.6082 0.5831 0.3694 0.0061  -0.0168 -0.0692 48  GLU A C   
367 O O   . GLU A 47  ? 0.5871 0.5585 0.3269 0.0082  -0.0224 -0.0726 48  GLU A O   
368 C CB  . GLU A 47  ? 0.6211 0.6078 0.3700 -0.0066 0.0125  -0.0478 48  GLU A CB  
369 C CG  . GLU A 47  ? 0.6872 0.6889 0.4424 -0.0030 0.0164  -0.0639 48  GLU A CG  
370 C CD  . GLU A 47  ? 0.7509 0.7332 0.4854 0.0128  0.0296  -0.0543 48  GLU A CD  
371 O OE1 . GLU A 47  ? 0.7550 0.7299 0.4667 0.0271  0.0348  -0.0465 48  GLU A OE1 
372 O OE2 . GLU A 47  ? 0.7466 0.7235 0.4947 0.0161  0.0335  -0.0523 48  GLU A OE2 
373 N N   . GLY A 48  ? 0.5536 0.5273 0.3350 -0.0022 -0.0187 -0.0789 49  GLY A N   
374 C CA  . GLY A 48  ? 0.5569 0.5202 0.3327 -0.0147 -0.0248 -0.0929 49  GLY A CA  
375 C C   . GLY A 48  ? 0.5298 0.5008 0.3263 -0.0325 -0.0343 -0.0914 49  GLY A C   
376 O O   . GLY A 48  ? 0.5434 0.5095 0.3393 -0.0463 -0.0391 -0.0995 49  GLY A O   
377 N N   . ASP A 49  ? 0.4248 0.4139 0.2415 -0.0344 -0.0353 -0.0809 50  ASP A N   
378 C CA  . ASP A 49  ? 0.3593 0.3699 0.2043 -0.0495 -0.0411 -0.0788 50  ASP A CA  
379 C C   . ASP A 49  ? 0.3383 0.3541 0.2143 -0.0532 -0.0348 -0.0736 50  ASP A C   
380 O O   . ASP A 49  ? 0.3635 0.3810 0.2567 -0.0625 -0.0342 -0.0752 50  ASP A O   
381 C CB  . ASP A 49  ? 0.4189 0.4603 0.2662 -0.0509 -0.0460 -0.0720 50  ASP A CB  
382 C CG  . ASP A 49  ? 0.6356 0.6712 0.4485 -0.0461 -0.0530 -0.0759 50  ASP A CG  
383 O OD1 . ASP A 49  ? 0.7302 0.7461 0.5273 -0.0488 -0.0582 -0.0869 50  ASP A OD1 
384 O OD2 . ASP A 49  ? 0.6627 0.7159 0.4651 -0.0391 -0.0530 -0.0676 50  ASP A OD2 
385 N N   . ILE A 50  ? 0.2670 0.2878 0.1466 -0.0474 -0.0290 -0.0677 51  ILE A N   
386 C CA  . ILE A 50  ? 0.2065 0.2297 0.1113 -0.0500 -0.0242 -0.0641 51  ILE A CA  
387 C C   . ILE A 50  ? 0.2712 0.2826 0.1661 -0.0418 -0.0175 -0.0618 51  ILE A C   
388 O O   . ILE A 50  ? 0.2617 0.2777 0.1378 -0.0344 -0.0152 -0.0585 51  ILE A O   
389 C CB  . ILE A 50  ? 0.2534 0.3064 0.1830 -0.0553 -0.0263 -0.0585 51  ILE A CB  
390 C CG1 . ILE A 50  ? 0.2452 0.3152 0.1846 -0.0615 -0.0328 -0.0590 51  ILE A CG1 
391 C CG2 . ILE A 50  ? 0.2279 0.2762 0.1795 -0.0564 -0.0224 -0.0563 51  ILE A CG2 
392 C CD1 . ILE A 50  ? 0.3399 0.4352 0.3083 -0.0641 -0.0346 -0.0529 51  ILE A CD1 
393 N N   . ARG A 51  ? 0.1416 0.1568 0.1709 -0.0210 -0.0240 0.0105  52  ARG A N   
394 C CA  . ARG A 51  ? 0.1459 0.1623 0.1680 -0.0209 -0.0211 0.0153  52  ARG A CA  
395 C C   . ARG A 51  ? 0.1177 0.1365 0.1436 -0.0250 -0.0217 0.0215  52  ARG A C   
396 O O   . ARG A 51  ? 0.1276 0.1404 0.1599 -0.0280 -0.0228 0.0204  52  ARG A O   
397 C CB  . ARG A 51  ? 0.1485 0.1550 0.1671 -0.0222 -0.0166 0.0110  52  ARG A CB  
398 C CG  . ARG A 51  ? 0.1867 0.1855 0.1991 -0.0199 -0.0152 0.0049  52  ARG A CG  
399 C CD  . ARG A 51  ? 0.1983 0.1830 0.2054 -0.0222 -0.0094 0.0020  52  ARG A CD  
400 N NE  . ARG A 51  ? 0.1790 0.1603 0.1961 -0.0286 -0.0067 -0.0005 52  ARG A NE  
401 C CZ  . ARG A 51  ? 0.1897 0.1627 0.2027 -0.0302 -0.0019 0.0001  52  ARG A CZ  
402 N NH1 . ARG A 51  ? 0.2081 0.1754 0.2073 -0.0257 -0.0001 0.0031  52  ARG A NH1 
403 N NH2 . ARG A 51  ? 0.1346 0.1063 0.1564 -0.0349 0.0010  -0.0026 52  ARG A NH2 
404 N N   . PHE A 52  ? 0.1178 0.1458 0.1400 -0.0252 -0.0210 0.0275  53  PHE A N   
405 C CA  . PHE A 52  ? 0.1275 0.1582 0.1534 -0.0314 -0.0217 0.0332  53  PHE A CA  
406 C C   . PHE A 52  ? 0.1866 0.2239 0.2108 -0.0324 -0.0200 0.0330  53  PHE A C   
407 O O   . PHE A 52  ? 0.1528 0.1997 0.1714 -0.0266 -0.0186 0.0330  53  PHE A O   
408 C CB  . PHE A 52  ? 0.1370 0.1776 0.1615 -0.0322 -0.0224 0.0414  53  PHE A CB  
409 C CG  . PHE A 52  ? 0.1446 0.1776 0.1687 -0.0307 -0.0250 0.0431  53  PHE A CG  
410 C CD1 . PHE A 52  ? 0.1703 0.2005 0.1930 -0.0240 -0.0270 0.0374  53  PHE A CD1 
411 C CD2 . PHE A 52  ? 0.1664 0.1943 0.1904 -0.0359 -0.0260 0.0504  53  PHE A CD2 
412 C CE1 . PHE A 52  ? 0.2095 0.2351 0.2313 -0.0205 -0.0307 0.0384  53  PHE A CE1 
413 C CE2 . PHE A 52  ? 0.1497 0.1687 0.1698 -0.0321 -0.0289 0.0527  53  PHE A CE2 
414 C CZ  . PHE A 52  ? 0.1451 0.1646 0.1644 -0.0235 -0.0317 0.0464  53  PHE A CZ  
415 N N   . ALA A 53  ? 0.1177 0.1505 0.1456 -0.0383 -0.0209 0.0322  54  ALA A N   
416 C CA  . ALA A 53  ? 0.1177 0.1583 0.1439 -0.0384 -0.0207 0.0310  54  ALA A CA  
417 C C   . ALA A 53  ? 0.1215 0.1614 0.1535 -0.0477 -0.0235 0.0321  54  ALA A C   
418 O O   . ALA A 53  ? 0.1256 0.1523 0.1605 -0.0523 -0.0249 0.0325  54  ALA A O   
419 C CB  . ALA A 53  ? 0.1189 0.1480 0.1380 -0.0329 -0.0186 0.0249  54  ALA A CB  
420 N N   . TYR A 54  ? 0.1223 0.1764 0.1557 -0.0496 -0.0249 0.0320  55  TYR A N   
421 C CA  . TYR A 54  ? 0.1283 0.1818 0.1668 -0.0590 -0.0286 0.0307  55  TYR A CA  
422 C C   . TYR A 54  ? 0.1309 0.1765 0.1635 -0.0549 -0.0300 0.0235  55  TYR A C   
423 O O   . TYR A 54  ? 0.1424 0.1898 0.1669 -0.0453 -0.0280 0.0210  55  TYR A O   
424 C CB  . TYR A 54  ? 0.1290 0.2082 0.1750 -0.0650 -0.0299 0.0342  55  TYR A CB  
425 C CG  . TYR A 54  ? 0.1512 0.2397 0.2023 -0.0706 -0.0273 0.0425  55  TYR A CG  
426 C CD1 . TYR A 54  ? 0.1440 0.2160 0.1966 -0.0796 -0.0277 0.0469  55  TYR A CD1 
427 C CD2 . TYR A 54  ? 0.1354 0.2488 0.1878 -0.0657 -0.0244 0.0464  55  TYR A CD2 
428 C CE1 . TYR A 54  ? 0.1437 0.2219 0.1978 -0.0841 -0.0246 0.0557  55  TYR A CE1 
429 C CE2 . TYR A 54  ? 0.1287 0.2518 0.1843 -0.0705 -0.0210 0.0548  55  TYR A CE2 
430 C CZ  . TYR A 54  ? 0.1832 0.2878 0.2390 -0.0800 -0.0209 0.0599  55  TYR A CZ  
431 O OH  . TYR A 54  ? 0.1848 0.2957 0.2403 -0.0842 -0.0169 0.0693  55  TYR A OH  
432 N N   . MET A 55  ? 0.1388 0.1737 0.1729 -0.0617 -0.0336 0.0201  56  MET A N   
433 C CA  . MET A 55  ? 0.1443 0.1770 0.1722 -0.0585 -0.0361 0.0134  56  MET A CA  
434 C C   . MET A 55  ? 0.2533 0.2915 0.2878 -0.0697 -0.0423 0.0113  56  MET A C   
435 O O   . MET A 55  ? 0.2647 0.2880 0.3024 -0.0783 -0.0442 0.0117  56  MET A O   
436 C CB  . MET A 55  ? 0.1484 0.1582 0.1683 -0.0536 -0.0337 0.0087  56  MET A CB  
437 C CG  . MET A 55  ? 0.2073 0.2125 0.2203 -0.0440 -0.0273 0.0093  56  MET A CG  
438 S SD  . MET A 55  ? 0.1851 0.1690 0.1903 -0.0395 -0.0227 0.0040  56  MET A SD  
439 C CE  . MET A 55  ? 0.1591 0.1434 0.1490 -0.0318 -0.0225 0.0002  56  MET A CE  
440 N N   . ASP A 56  ? 0.1539 0.2133 0.1903 -0.0692 -0.0460 0.0086  57  ASP A N   
441 C CA  . ASP A 56  ? 0.1638 0.2322 0.2083 -0.0814 -0.0529 0.0051  57  ASP A CA  
442 C C   . ASP A 56  ? 0.1864 0.2361 0.2216 -0.0796 -0.0574 -0.0037 57  ASP A C   
443 O O   . ASP A 56  ? 0.1757 0.2186 0.1981 -0.0669 -0.0555 -0.0072 57  ASP A O   
444 C CB  . ASP A 56  ? 0.1603 0.2635 0.2116 -0.0802 -0.0559 0.0040  57  ASP A CB  
445 C CG  . ASP A 56  ? 0.2577 0.3766 0.3227 -0.0964 -0.0625 0.0009  57  ASP A CG  
446 O OD1 . ASP A 56  ? 0.2030 0.3125 0.2647 -0.0999 -0.0692 -0.0074 57  ASP A OD1 
447 O OD2 . ASP A 56  ? 0.2898 0.4306 0.3684 -0.1055 -0.0605 0.0064  57  ASP A OD2 
448 N N   . ALA A 57  ? 0.1897 0.2299 0.2292 -0.0923 -0.0630 -0.0073 58  ALA A N   
449 C CA  . ALA A 57  ? 0.2048 0.2269 0.2344 -0.0908 -0.0684 -0.0168 58  ALA A CA  
450 C C   . ALA A 57  ? 0.2326 0.2701 0.2544 -0.0806 -0.0724 -0.0239 58  ALA A C   
451 O O   . ALA A 57  ? 0.2633 0.2851 0.2701 -0.0705 -0.0724 -0.0295 58  ALA A O   
452 C CB  . ALA A 57  ? 0.2231 0.2354 0.2592 -0.1078 -0.0753 -0.0203 58  ALA A CB  
453 N N   . GLU A 58  ? 0.2131 0.2823 0.2441 -0.0824 -0.0757 -0.0236 59  GLU A N   
454 C CA  . GLU A 58  ? 0.2058 0.2927 0.2291 -0.0715 -0.0812 -0.0307 59  GLU A CA  
455 C C   . GLU A 58  ? 0.2633 0.3426 0.2683 -0.0517 -0.0747 -0.0285 59  GLU A C   
456 O O   . GLU A 58  ? 0.2828 0.3622 0.2730 -0.0398 -0.0781 -0.0344 59  GLU A O   
457 C CB  . GLU A 58  ? 0.2361 0.3631 0.2755 -0.0772 -0.0862 -0.0310 59  GLU A CB  
458 C CG  . GLU A 58  ? 0.3661 0.5020 0.4228 -0.0987 -0.0936 -0.0353 59  GLU A CG  
459 C CD  . GLU A 58  ? 0.4866 0.6582 0.5570 -0.0981 -0.0981 -0.0394 59  GLU A CD  
460 O OE1 . GLU A 58  ? 0.5305 0.7275 0.6109 -0.0951 -0.0929 -0.0328 59  GLU A OE1 
461 O OE2 . GLU A 58  ? 0.5174 0.6909 0.5881 -0.0998 -0.1070 -0.0494 59  GLU A OE2 
462 N N   . ASP A 59  ? 0.1892 0.2603 0.1942 -0.0483 -0.0655 -0.0200 60  ASP A N   
463 C CA  . ASP A 59  ? 0.1873 0.2482 0.1759 -0.0323 -0.0582 -0.0169 60  ASP A CA  
464 C C   . ASP A 59  ? 0.2072 0.2376 0.1871 -0.0306 -0.0509 -0.0158 60  ASP A C   
465 O O   . ASP A 59  ? 0.1904 0.2093 0.1568 -0.0200 -0.0438 -0.0135 60  ASP A O   
466 C CB  . ASP A 59  ? 0.1743 0.2485 0.1684 -0.0289 -0.0530 -0.0093 60  ASP A CB  
467 C CG  . ASP A 59  ? 0.2837 0.3923 0.2858 -0.0269 -0.0584 -0.0098 60  ASP A CG  
468 O OD1 . ASP A 59  ? 0.3145 0.4345 0.3086 -0.0184 -0.0643 -0.0155 60  ASP A OD1 
469 O OD2 . ASP A 59  ? 0.3465 0.4719 0.3623 -0.0328 -0.0565 -0.0044 60  ASP A OD2 
470 N N   . ALA A 60  ? 0.2164 0.2338 0.2037 -0.0411 -0.0522 -0.0174 61  ALA A N   
471 C CA  . ALA A 60  ? 0.2074 0.2011 0.1907 -0.0395 -0.0454 -0.0164 61  ALA A CA  
472 C C   . ALA A 60  ? 0.2055 0.1815 0.1826 -0.0411 -0.0486 -0.0237 61  ALA A C   
473 O O   . ALA A 60  ? 0.2289 0.1891 0.2088 -0.0436 -0.0458 -0.0236 61  ALA A O   
474 C CB  . ALA A 60  ? 0.2104 0.2033 0.2073 -0.0472 -0.0424 -0.0100 61  ALA A CB  
475 N N   . GLU A 61  ? 0.2188 0.1980 0.1871 -0.0384 -0.0552 -0.0308 62  GLU A N   
476 C CA  . GLU A 61  ? 0.2720 0.2338 0.2316 -0.0383 -0.0592 -0.0392 62  GLU A CA  
477 C C   . GLU A 61  ? 0.2740 0.2162 0.2227 -0.0295 -0.0502 -0.0397 62  GLU A C   
478 O O   . GLU A 61  ? 0.2492 0.1753 0.1981 -0.0317 -0.0508 -0.0432 62  GLU A O   
479 C CB  . GLU A 61  ? 0.2563 0.2267 0.2048 -0.0337 -0.0675 -0.0474 62  GLU A CB  
480 C CG  . GLU A 61  ? 0.2978 0.2859 0.2601 -0.0462 -0.0787 -0.0510 62  GLU A CG  
481 C CD  . GLU A 61  ? 0.3793 0.3797 0.3321 -0.0412 -0.0885 -0.0606 62  GLU A CD  
482 O OE1 . GLU A 61  ? 0.4046 0.3952 0.3368 -0.0271 -0.0869 -0.0644 62  GLU A OE1 
483 O OE2 . GLU A 61  ? 0.5126 0.5340 0.4787 -0.0514 -0.0978 -0.0642 62  GLU A OE2 
484 N N   . LYS A 62  ? 0.2380 0.1811 0.1763 -0.0196 -0.0417 -0.0360 63  LYS A N   
485 C CA  . LYS A 62  ? 0.2564 0.1844 0.1850 -0.0123 -0.0316 -0.0362 63  LYS A CA  
486 C C   . LYS A 62  ? 0.2441 0.1683 0.1872 -0.0170 -0.0255 -0.0319 63  LYS A C   
487 O O   . LYS A 62  ? 0.2413 0.1551 0.1836 -0.0145 -0.0213 -0.0349 63  LYS A O   
488 C CB  . LYS A 62  ? 0.2920 0.2197 0.2043 -0.0022 -0.0234 -0.0328 63  LYS A CB  
489 C CG  . LYS A 62  ? 0.4022 0.3310 0.2951 0.0065  -0.0292 -0.0380 63  LYS A CG  
490 C CD  . LYS A 62  ? 0.5326 0.4589 0.4065 0.0175  -0.0215 -0.0328 63  LYS A CD  
491 C CE  . LYS A 62  ? 0.6148 0.5416 0.4667 0.0284  -0.0280 -0.0382 63  LYS A CE  
492 N NZ  . LYS A 62  ? 0.6383 0.5536 0.4798 0.0313  -0.0287 -0.0461 63  LYS A NZ  
493 N N   . THR A 63  ? 0.2218 0.1564 0.1777 -0.0225 -0.0253 -0.0254 64  THR A N   
494 C CA  . THR A 63  ? 0.2018 0.1351 0.1712 -0.0263 -0.0210 -0.0215 64  THR A CA  
495 C C   . THR A 63  ? 0.2997 0.2251 0.2770 -0.0315 -0.0271 -0.0241 64  THR A C   
496 O O   . THR A 63  ? 0.2863 0.2042 0.2674 -0.0293 -0.0236 -0.0253 64  THR A O   
497 C CB  . THR A 63  ? 0.1995 0.1456 0.1778 -0.0299 -0.0207 -0.0145 64  THR A CB  
498 O OG1 . THR A 63  ? 0.2156 0.1639 0.1833 -0.0235 -0.0149 -0.0124 64  THR A OG1 
499 C CG2 . THR A 63  ? 0.2393 0.1849 0.2303 -0.0329 -0.0174 -0.0112 64  THR A CG2 
500 N N   . MET A 64  ? 0.2700 0.1969 0.2494 -0.0384 -0.0361 -0.0254 65  MET A N   
501 C CA  . MET A 64  ? 0.2212 0.1355 0.2051 -0.0445 -0.0421 -0.0272 65  MET A CA  
502 C C   . MET A 64  ? 0.2788 0.1755 0.2517 -0.0379 -0.0427 -0.0356 65  MET A C   
503 O O   . MET A 64  ? 0.3709 0.2538 0.3452 -0.0367 -0.0434 -0.0369 65  MET A O   
504 C CB  . MET A 64  ? 0.2264 0.1461 0.2148 -0.0558 -0.0511 -0.0270 65  MET A CB  
505 C CG  . MET A 64  ? 0.2111 0.1463 0.2122 -0.0630 -0.0500 -0.0180 65  MET A CG  
506 S SD  . MET A 64  ? 0.2868 0.2359 0.2960 -0.0774 -0.0584 -0.0174 65  MET A SD  
507 C CE  . MET A 64  ? 0.7544 0.6762 0.7575 -0.0845 -0.0663 -0.0254 65  MET A CE  
508 N N   . ALA A 65  ? 0.2483 0.1456 0.2084 -0.0317 -0.0423 -0.0412 66  ALA A N   
509 C CA  . ALA A 65  ? 0.2680 0.1498 0.2151 -0.0239 -0.0425 -0.0498 66  ALA A CA  
510 C C   . ALA A 65  ? 0.3826 0.2614 0.3312 -0.0155 -0.0325 -0.0490 66  ALA A C   
511 O O   . ALA A 65  ? 0.3676 0.2336 0.3161 -0.0121 -0.0338 -0.0530 66  ALA A O   
512 C CB  . ALA A 65  ? 0.3238 0.2084 0.2548 -0.0173 -0.0432 -0.0551 66  ALA A CB  
513 N N   . GLU A 66  ? 0.3275 0.2183 0.2780 -0.0124 -0.0226 -0.0441 67  GLU A N   
514 C CA  . GLU A 66  ? 0.3497 0.2421 0.3038 -0.0060 -0.0123 -0.0441 67  GLU A CA  
515 C C   . GLU A 66  ? 0.3803 0.2743 0.3507 -0.0086 -0.0131 -0.0414 67  GLU A C   
516 O O   . GLU A 66  ? 0.4462 0.3415 0.4208 -0.0023 -0.0079 -0.0442 67  GLU A O   
517 C CB  . GLU A 66  ? 0.4190 0.3213 0.3705 -0.0043 -0.0011 -0.0395 67  GLU A CB  
518 C CG  . GLU A 66  ? 0.4015 0.3136 0.3630 -0.0113 -0.0012 -0.0319 67  GLU A CG  
519 C CD  . GLU A 66  ? 0.4674 0.3832 0.4226 -0.0097 0.0095  -0.0278 67  GLU A CD  
520 O OE1 . GLU A 66  ? 0.5371 0.4482 0.4797 -0.0038 0.0175  -0.0298 67  GLU A OE1 
521 O OE2 . GLU A 66  ? 0.4289 0.3506 0.3905 -0.0140 0.0102  -0.0222 67  GLU A OE2 
522 N N   . LEU A 67  ? 0.5295 0.2122 0.2467 0.0494  0.0035  -0.0442 68  LEU A N   
523 C CA  . LEU A 67  ? 0.5782 0.2591 0.3051 0.0577  0.0136  -0.0369 68  LEU A CA  
524 C C   . LEU A 67  ? 0.6109 0.2642 0.3297 0.0628  0.0216  -0.0365 68  LEU A C   
525 O O   . LEU A 67  ? 0.5788 0.2296 0.3092 0.0708  0.0309  -0.0274 68  LEU A O   
526 C CB  . LEU A 67  ? 0.5729 0.2896 0.3344 0.0392  -0.0056 -0.0404 68  LEU A CB  
527 C CG  . LEU A 67  ? 0.5560 0.3032 0.3287 0.0318  -0.0149 -0.0409 68  LEU A CG  
528 C CD1 . LEU A 67  ? 0.4990 0.2916 0.3123 0.0113  -0.0357 -0.0437 68  LEU A CD1 
529 C CD2 . LEU A 67  ? 0.6207 0.3936 0.4036 0.0478  0.0073  -0.0203 68  LEU A CD2 
530 N N   . ASN A 68  ? 0.5911 0.2241 0.2913 0.0586  0.0179  -0.0451 69  ASN A N   
531 C CA  . ASN A 68  ? 0.6537 0.2552 0.3413 0.0601  0.0232  -0.0482 69  ASN A CA  
532 C C   . ASN A 68  ? 0.5870 0.1968 0.2995 0.0469  0.0146  -0.0497 69  ASN A C   
533 O O   . ASN A 68  ? 0.6380 0.2221 0.3439 0.0556  0.0268  -0.0436 69  ASN A O   
534 C CB  . ASN A 68  ? 0.7188 0.2873 0.3780 0.0869  0.0496  -0.0370 69  ASN A CB  
535 C CG  . ASN A 68  ? 0.8412 0.3688 0.4711 0.0889  0.0533  -0.0448 69  ASN A CG  
536 O OD1 . ASN A 68  ? 0.8706 0.3853 0.5054 0.0762  0.0451  -0.0524 69  ASN A OD1 
537 N ND2 . ASN A 68  ? 0.9526 0.4585 0.5509 0.1046  0.0657  -0.0432 69  ASN A ND2 
538 N N   . ILE A 69  ? 0.5066 0.1545 0.2494 0.0269  -0.0050 -0.0561 70  ILE A N   
539 C CA  . ILE A 69  ? 0.5498 0.2109 0.3173 0.0124  -0.0140 -0.0576 70  ILE A CA  
540 C C   . ILE A 69  ? 0.6197 0.2702 0.3850 0.0005  -0.0200 -0.0687 70  ILE A C   
541 O O   . ILE A 69  ? 0.5540 0.2198 0.3214 -0.0064 -0.0285 -0.0772 70  ILE A O   
542 C CB  . ILE A 69  ? 0.6127 0.3274 0.4168 -0.0013 -0.0295 -0.0578 70  ILE A CB  
543 C CG1 . ILE A 69  ? 0.6463 0.3615 0.4547 0.0069  -0.0248 -0.0466 70  ILE A CG1 
544 C CG2 . ILE A 69  ? 0.5396 0.2814 0.3718 -0.0190 -0.0401 -0.0633 70  ILE A CG2 
545 C CD1 . ILE A 69  ? 0.6049 0.3528 0.4243 0.0060  -0.0321 -0.0459 70  ILE A CD1 
546 N N   . ARG A 70  ? 0.7108 0.3300 0.4680 -0.0005 -0.0143 -0.0673 71  ARG A N   
547 C CA  . ARG A 70  ? 0.7813 0.3834 0.5329 -0.0124 -0.0188 -0.0783 71  ARG A CA  
548 C C   . ARG A 70  ? 0.7847 0.4076 0.5640 -0.0304 -0.0282 -0.0800 71  ARG A C   
549 O O   . ARG A 70  ? 0.8112 0.4534 0.5977 -0.0449 -0.0404 -0.0887 71  ARG A O   
550 C CB  . ARG A 70  ? 0.8914 0.4331 0.6055 0.0003  -0.0034 -0.0768 71  ARG A CB  
551 N N   . THR A 71  ? 0.7999 0.4081 0.5820 -0.0287 -0.0222 -0.0688 72  THR A N   
552 C CA  . THR A 71  ? 0.7737 0.3990 0.5796 -0.0463 -0.0302 -0.0681 72  THR A CA  
553 C C   . THR A 71  ? 0.6828 0.3761 0.5265 -0.0568 -0.0438 -0.0708 72  THR A C   
554 O O   . THR A 71  ? 0.6123 0.3320 0.4647 -0.0494 -0.0451 -0.0664 72  THR A O   
555 C CB  . THR A 71  ? 0.9190 0.5165 0.7227 -0.0405 -0.0194 -0.0509 72  THR A CB  
556 O OG1 . THR A 71  ? 0.9382 0.5568 0.7532 -0.0291 -0.0169 -0.0389 72  THR A OG1 
557 C CG2 . THR A 71  ? 0.9849 0.5211 0.7556 -0.0241 -0.0010 -0.0452 72  THR A CG2 
558 N N   . LEU A 72  ? 0.4583 0.1774 0.3199 -0.0722 -0.0525 -0.0773 73  LEU A N   
559 C CA  . LEU A 72  ? 0.4400 0.2148 0.3290 -0.0792 -0.0627 -0.0746 73  LEU A CA  
560 C C   . LEU A 72  ? 0.4262 0.2100 0.3351 -0.0902 -0.0625 -0.0690 73  LEU A C   
561 O O   . LEU A 72  ? 0.4426 0.1969 0.3429 -0.1001 -0.0612 -0.0722 73  LEU A O   
562 C CB  . LEU A 72  ? 0.4470 0.2407 0.3332 -0.0858 -0.0737 -0.0827 73  LEU A CB  
563 C CG  . LEU A 72  ? 0.4781 0.2700 0.3492 -0.0772 -0.0760 -0.0868 73  LEU A CG  
564 C CD1 . LEU A 72  ? 0.4449 0.2587 0.3211 -0.0845 -0.0859 -0.0941 73  LEU A CD1 
565 C CD2 . LEU A 72  ? 0.4449 0.2596 0.3261 -0.0651 -0.0734 -0.0784 73  LEU A CD2 
566 N N   . PRO A 73  ? 0.4271 0.2510 0.3616 -0.0892 -0.0636 -0.0601 74  PRO A N   
567 C CA  . PRO A 73  ? 0.3054 0.1638 0.2495 -0.0791 -0.0654 -0.0560 74  PRO A CA  
568 C C   . PRO A 73  ? 0.3786 0.1988 0.3034 -0.0706 -0.0620 -0.0472 74  PRO A C   
569 O O   . PRO A 73  ? 0.3977 0.1617 0.3001 -0.0701 -0.0559 -0.0393 74  PRO A O   
570 C CB  . PRO A 73  ? 0.3296 0.2357 0.3015 -0.0831 -0.0698 -0.0478 74  PRO A CB  
571 C CG  . PRO A 73  ? 0.3109 0.1951 0.2847 -0.0942 -0.0680 -0.0414 74  PRO A CG  
572 C CD  . PRO A 73  ? 0.3669 0.2013 0.3172 -0.1003 -0.0653 -0.0506 74  PRO A CD  
573 N N   . SER A 74  ? 0.3113 0.1538 0.2405 -0.0615 -0.0630 -0.0462 75  SER A N   
574 C CA  . SER A 74  ? 0.3162 0.1207 0.2260 -0.0522 -0.0617 -0.0362 75  SER A CA  
575 C C   . SER A 74  ? 0.2723 0.1371 0.2140 -0.0540 -0.0715 -0.0303 75  SER A C   
576 O O   . SER A 74  ? 0.2828 0.2032 0.2474 -0.0524 -0.0667 -0.0367 75  SER A O   
577 C CB  . SER A 74  ? 0.3525 0.1178 0.2290 -0.0366 -0.0508 -0.0424 75  SER A CB  
578 O OG  . SER A 74  ? 0.4509 0.1629 0.3002 -0.0303 -0.0379 -0.0434 75  SER A OG  
579 N N   . LEU A 75  ? 0.2465 0.1306 0.2053 -0.0421 -0.0626 -0.0099 76  LEU A N   
580 C CA  . LEU A 75  ? 0.1895 0.1427 0.1828 -0.0426 -0.0690 -0.0034 76  LEU A CA  
581 C C   . LEU A 75  ? 0.2578 0.2093 0.2428 -0.0223 -0.0522 0.0062  76  LEU A C   
582 O O   . LEU A 75  ? 0.2775 0.2007 0.2482 -0.0018 -0.0305 0.0200  76  LEU A O   
583 C CB  . LEU A 75  ? 0.1825 0.1953 0.2179 -0.0437 -0.0674 0.0168  76  LEU A CB  
584 C CG  . LEU A 75  ? 0.1863 0.2086 0.2333 -0.0603 -0.0776 0.0133  76  LEU A CG  
585 C CD1 . LEU A 75  ? 0.2402 0.3152 0.3190 -0.0532 -0.0681 0.0337  76  LEU A CD1 
586 C CD2 . LEU A 75  ? 0.1830 0.2158 0.2187 -0.0510 -0.0626 -0.0129 76  LEU A CD2 
587 N N   . ALA A 76  ? 0.1674 0.1499 0.1608 -0.0276 -0.0615 -0.0003 77  ALA A N   
588 C CA  . ALA A 76  ? 0.1737 0.1610 0.1615 -0.0123 -0.0463 0.0093  77  ALA A CA  
589 C C   . ALA A 76  ? 0.1215 0.1785 0.1469 -0.0211 -0.0540 0.0162  77  ALA A C   
590 O O   . ALA A 76  ? 0.1496 0.2108 0.1759 -0.0291 -0.0605 -0.0030 77  ALA A O   
591 C CB  . ALA A 76  ? 0.2516 0.1870 0.1973 -0.0115 -0.0491 -0.0092 77  ALA A CB  
592 N N   . LEU A 77  ? 0.1087 0.2087 0.1598 -0.0091 -0.0380 0.0391  78  LEU A N   
593 C CA  . LEU A 77  ? 0.0764 0.2209 0.1503 -0.0160 -0.0367 0.0412  78  LEU A CA  
594 C C   . LEU A 77  ? 0.0791 0.2413 0.1527 -0.0131 -0.0309 0.0489  78  LEU A C   
595 O O   . LEU A 77  ? 0.1191 0.2731 0.1843 0.0060  -0.0116 0.0635  78  LEU A O   
596 C CB  . LEU A 77  ? 0.0745 0.2424 0.1625 -0.0081 -0.0234 0.0572  78  LEU A CB  
597 C CG  . LEU A 77  ? 0.1294 0.3043 0.2115 -0.0120 -0.0184 0.0559  78  LEU A CG  
598 C CD1 . LEU A 77  ? 0.1622 0.3244 0.2294 -0.0248 -0.0258 0.0434  78  LEU A CD1 
599 C CD2 . LEU A 77  ? 0.1832 0.3818 0.2705 -0.0060 -0.0114 0.0745  78  LEU A CD2 
600 N N   . PHE A 78  ? 0.0747 0.2160 0.1352 -0.0237 -0.0345 0.0314  79  PHE A N   
601 C CA  . PHE A 78  ? 0.0771 0.2352 0.1360 -0.0265 -0.0303 0.0381  79  PHE A CA  
602 C C   . PHE A 78  ? 0.0966 0.2582 0.1576 -0.0293 -0.0240 0.0376  79  PHE A C   
603 O O   . PHE A 78  ? 0.1091 0.2633 0.1622 -0.0351 -0.0272 0.0324  79  PHE A O   
604 C CB  . PHE A 78  ? 0.0878 0.2070 0.1214 -0.0343 -0.0428 0.0189  79  PHE A CB  
605 C CG  . PHE A 78  ? 0.1185 0.1944 0.1177 -0.0292 -0.0491 0.0111  79  PHE A CG  
606 C CD1 . PHE A 78  ? 0.1206 0.1700 0.1116 -0.0318 -0.0616 -0.0037 79  PHE A CD1 
607 C CD2 . PHE A 78  ? 0.1917 0.2306 0.1591 -0.0153 -0.0320 0.0145  79  PHE A CD2 
608 C CE1 . PHE A 78  ? 0.1628 0.1503 0.1132 -0.0245 -0.0612 -0.0153 79  PHE A CE1 
609 C CE2 . PHE A 78  ? 0.2079 0.1833 0.1337 -0.0047 -0.0296 0.0024  79  PHE A CE2 
610 C CZ  . PHE A 78  ? 0.2033 0.1524 0.1205 -0.0101 -0.0447 -0.0130 79  PHE A CZ  
611 N N   . VAL A 79  ? 0.0901 0.2838 0.1574 -0.0278 -0.0155 0.0539  80  VAL A N   
612 C CA  . VAL A 79  ? 0.1120 0.3174 0.1766 -0.0337 -0.0150 0.0569  80  VAL A CA  
613 C C   . VAL A 79  ? 0.1356 0.3517 0.2016 -0.0383 -0.0119 0.0606  80  VAL A C   
614 O O   . VAL A 79  ? 0.1292 0.3689 0.2034 -0.0304 -0.0020 0.0756  80  VAL A O   
615 C CB  . VAL A 79  ? 0.1183 0.3546 0.1911 -0.0259 -0.0094 0.0743  80  VAL A CB  
616 C CG1 . VAL A 79  ? 0.1648 0.4280 0.2349 -0.0340 -0.0109 0.0819  80  VAL A CG1 
617 C CG2 . VAL A 79  ? 0.1082 0.3389 0.1779 -0.0244 -0.0119 0.0738  80  VAL A CG2 
618 N N   . ASP A 80  ? 0.2025 0.4113 0.2589 -0.0506 -0.0174 0.0536  81  ASP A N   
619 C CA  . ASP A 80  ? 0.2507 0.4658 0.3068 -0.0590 -0.0157 0.0559  81  ASP A CA  
620 C C   . ASP A 80  ? 0.2564 0.4673 0.3051 -0.0632 -0.0151 0.0574  81  ASP A C   
621 O O   . ASP A 80  ? 0.2389 0.4676 0.2899 -0.0653 -0.0033 0.0698  81  ASP A O   
622 C CB  . ASP A 80  ? 0.2511 0.5047 0.3222 -0.0556 -0.0067 0.0724  81  ASP A CB  
623 C CG  . ASP A 80  ? 0.3484 0.6244 0.4193 -0.0597 -0.0113 0.0776  81  ASP A CG  
624 O OD1 . ASP A 80  ? 0.4325 0.6967 0.4903 -0.0698 -0.0185 0.0692  81  ASP A OD1 
625 O OD2 . ASP A 80  ? 0.3447 0.6534 0.4279 -0.0524 -0.0060 0.0920  81  ASP A OD2 
626 N N   . GLY A 81  ? 0.1855 0.3646 0.2231 -0.0624 -0.0243 0.0432  82  GLY A N   
627 C CA  . GLY A 81  ? 0.2444 0.4013 0.2606 -0.0663 -0.0312 0.0375  82  GLY A CA  
628 C C   . GLY A 81  ? 0.2374 0.3723 0.2368 -0.0405 -0.0092 0.0477  82  GLY A C   
629 O O   . GLY A 81  ? 0.2478 0.3278 0.2061 -0.0303 -0.0040 0.0404  82  GLY A O   
630 N N   . MET A 82  ? 0.1871 0.3637 0.2158 -0.0286 0.0040  0.0644  83  MET A N   
631 C CA  . MET A 82  ? 0.1798 0.3356 0.1925 -0.0012 0.0269  0.0753  83  MET A CA  
632 C C   . MET A 82  ? 0.2062 0.3566 0.2273 0.0109  0.0248  0.0751  83  MET A C   
633 O O   . MET A 82  ? 0.1318 0.3266 0.1881 0.0017  0.0144  0.0787  83  MET A O   
634 C CB  . MET A 82  ? 0.2349 0.4447 0.2711 0.0078  0.0506  0.1003  83  MET A CB  
635 C CG  . MET A 82  ? 0.2727 0.4740 0.2896 0.0013  0.0601  0.1031  83  MET A CG  
636 S SD  . MET A 82  ? 0.3383 0.5819 0.3834 0.0104  0.0726  0.1178  83  MET A SD  
637 C CE  . MET A 82  ? 0.5042 0.7864 0.5819 -0.0152 0.0465  0.1118  83  MET A CE  
638 N N   . ILE A 83  ? 0.1933 0.2882 0.1809 0.0310  0.0352  0.0711  84  ILE A N   
639 C CA  . ILE A 83  ? 0.1962 0.2764 0.1871 0.0407  0.0339  0.0707  84  ILE A CA  
640 C C   . ILE A 83  ? 0.1799 0.3175 0.2085 0.0547  0.0492  0.0960  84  ILE A C   
641 O O   . ILE A 83  ? 0.2136 0.3775 0.2485 0.0715  0.0709  0.1143  84  ILE A O   
642 C CB  . ILE A 83  ? 0.3118 0.3136 0.2542 0.0575  0.0417  0.0594  84  ILE A CB  
643 C CG1 . ILE A 83  ? 0.3265 0.3055 0.2699 0.0590  0.0353  0.0551  84  ILE A CG1 
644 C CG2 . ILE A 83  ? 0.3536 0.3441 0.2785 0.0853  0.0708  0.0746  84  ILE A CG2 
645 C CD1 . ILE A 83  ? 0.3101 0.2987 0.2676 0.0329  0.0070  0.0386  84  ILE A CD1 
646 N N   . ARG A 84  ? 0.1519 0.3142 0.2067 0.0478  0.0374  0.0977  85  ARG A N   
647 C CA  . ARG A 84  ? 0.1832 0.4004 0.2731 0.0614  0.0492  0.1217  85  ARG A CA  
648 C C   . ARG A 84  ? 0.2304 0.4019 0.3019 0.0831  0.0602  0.1265  85  ARG A C   
649 O O   . ARG A 84  ? 0.2566 0.4310 0.3264 0.1108  0.0832  0.1455  85  ARG A O   
650 C CB  . ARG A 84  ? 0.2105 0.4443 0.3103 0.0349  0.0242  0.1115  85  ARG A CB  
651 C CG  . ARG A 84  ? 0.2405 0.4889 0.3370 0.0211  0.0172  0.1076  85  ARG A CG  
652 C CD  . ARG A 84  ? 0.2507 0.5227 0.3523 0.0377  0.0297  0.1276  85  ARG A CD  
653 N NE  . ARG A 84  ? 0.3136 0.6030 0.4158 0.0255  0.0241  0.1246  85  ARG A NE  
654 C CZ  . ARG A 84  ? 0.3765 0.6813 0.4770 0.0146  0.0151  0.1246  85  ARG A CZ  
655 N NH1 . ARG A 84  ? 0.3921 0.6983 0.4890 0.0139  0.0111  0.1280  85  ARG A NH1 
656 N NH2 . ARG A 84  ? 0.3936 0.7213 0.4947 0.0054  0.0118  0.1273  85  ARG A NH2 
657 N N   . GLU A 85  ? 0.1986 0.3266 0.2549 0.0706  0.0442  0.1092  86  GLU A N   
658 C CA  . GLU A 85  ? 0.2526 0.3305 0.2889 0.0860  0.0529  0.1123  86  GLU A CA  
659 C C   . GLU A 85  ? 0.2699 0.2863 0.2768 0.0674  0.0346  0.0859  86  GLU A C   
660 O O   . GLU A 85  ? 0.2073 0.2388 0.2223 0.0428  0.0123  0.0694  86  GLU A O   
661 C CB  . GLU A 85  ? 0.2507 0.3793 0.3238 0.0909  0.0545  0.1331  86  GLU A CB  
662 C CG  . GLU A 85  ? 0.4139 0.4933 0.4681 0.1101  0.0677  0.1423  86  GLU A CG  
663 C CD  . GLU A 85  ? 0.5397 0.5805 0.5657 0.1436  0.0950  0.1533  86  GLU A CD  
664 O OE1 . GLU A 85  ? 0.4951 0.5879 0.5415 0.1616  0.1112  0.1736  86  GLU A OE1 
665 O OE2 . GLU A 85  ? 0.6793 0.6389 0.6602 0.1487  0.0998  0.1385  86  GLU A OE2 
666 N N   . VAL A 86  ? 0.3087 0.2555 0.2801 0.0794  0.0441  0.0816  87  VAL A N   
667 C CA  . VAL A 86  ? 0.3065 0.1969 0.2504 0.0606  0.0275  0.0575  87  VAL A CA  
668 C C   . VAL A 86  ? 0.4179 0.2803 0.3594 0.0640  0.0325  0.0655  87  VAL A C   
669 O O   . VAL A 86  ? 0.4162 0.2497 0.3436 0.0895  0.0549  0.0812  87  VAL A O   
670 C CB  . VAL A 86  ? 0.4113 0.2310 0.3039 0.0663  0.0318  0.0388  87  VAL A CB  
671 C CG1 . VAL A 86  ? 0.4291 0.1894 0.2922 0.0489  0.0170  0.0159  87  VAL A CG1 
672 C CG2 . VAL A 86  ? 0.3590 0.2022 0.2513 0.0581  0.0231  0.0290  87  VAL A CG2 
673 N N   . PHE A 87  ? 0.3141 0.1864 0.2696 0.0391  0.0125  0.0561  88  PHE A N   
674 C CA  . PHE A 87  ? 0.3377 0.1814 0.2899 0.0374  0.0160  0.0635  88  PHE A CA  
675 C C   . PHE A 87  ? 0.3759 0.1531 0.2927 0.0172  0.0036  0.0382  88  PHE A C   
676 O O   . PHE A 87  ? 0.3757 0.1645 0.2941 -0.0060 -0.0183 0.0172  88  PHE A O   
677 C CB  . PHE A 87  ? 0.3851 0.2975 0.3832 0.0252  0.0059  0.0772  88  PHE A CB  
678 C CG  . PHE A 87  ? 0.4041 0.2912 0.4001 0.0285  0.0145  0.0920  88  PHE A CG  
679 C CD1 . PHE A 87  ? 0.3888 0.2355 0.3696 0.0050  0.0027  0.0778  88  PHE A CD1 
680 C CD2 . PHE A 87  ? 0.3927 0.2954 0.4003 0.0554  0.0354  0.1212  88  PHE A CD2 
681 C CE1 . PHE A 87  ? 0.3919 0.2097 0.3681 0.0061  0.0121  0.0928  88  PHE A CE1 
682 C CE2 . PHE A 87  ? 0.4546 0.3282 0.4566 0.0600  0.0446  0.1368  88  PHE A CE2 
683 C CZ  . PHE A 87  ? 0.4492 0.2776 0.4346 0.0343  0.0332  0.1226  88  PHE A CZ  
684 N N   . SER A 88  ? 0.5109 0.2178 0.3944 0.0266  0.0178  0.0403  89  SER A N   
685 C CA  . SER A 88  ? 0.5428 0.1806 0.3887 0.0070  0.0082  0.0166  89  SER A CA  
686 C C   . SER A 88  ? 0.5156 0.1499 0.3738 -0.0138 0.0011  0.0212  89  SER A C   
687 O O   . SER A 88  ? 0.5281 0.1395 0.3839 -0.0002 0.0184  0.0413  89  SER A O   
688 C CB  . SER A 88  ? 0.7072 0.2977 0.5199 0.0267  0.0265  0.0126  89  SER A CB  
689 O OG  . SER A 88  ? 0.7607 0.3567 0.5609 0.0449  0.0344  0.0100  89  SER A OG  
690 N N   . GLY A 89  ? 0.4933 0.1556 0.3663 -0.0450 -0.0230 0.0037  90  GLY A N   
691 C CA  . GLY A 89  ? 0.5343 0.2061 0.4234 -0.0667 -0.0297 0.0067  90  GLY A CA  
692 C C   . GLY A 89  ? 0.4678 0.2170 0.4038 -0.0803 -0.0435 0.0186  90  GLY A C   
693 O O   . GLY A 89  ? 0.4397 0.2510 0.4028 -0.0733 -0.0496 0.0207  90  GLY A O   
694 N N   . THR A 90  ? 0.4467 0.1997 0.3944 -0.0988 -0.0468 0.0261  91  THR A N   
695 C CA  . THR A 90  ? 0.4397 0.2748 0.4332 -0.1119 -0.0595 0.0351  91  THR A CA  
696 C C   . THR A 90  ? 0.3848 0.2661 0.4077 -0.0896 -0.0448 0.0664  91  THR A C   
697 O O   . THR A 90  ? 0.4009 0.2438 0.4087 -0.0665 -0.0229 0.0861  91  THR A O   
698 C CB  . THR A 90  ? 0.4445 0.2865 0.4419 -0.1318 -0.0634 0.0285  91  THR A CB  
699 O OG1 . THR A 90  ? 0.5557 0.3269 0.5288 -0.1323 -0.0471 0.0429  91  THR A OG1 
700 C CG2 . THR A 90  ? 0.4682 0.3222 0.4567 -0.1323 -0.0683 -0.0025 91  THR A CG2 
701 N N   . MET A 91  ? 0.3113 0.2758 0.3747 -0.0961 -0.0576 0.0705  92  MET A N   
702 C CA  . MET A 91  ? 0.2799 0.3001 0.3747 -0.0805 -0.0480 0.0990  92  MET A CA  
703 C C   . MET A 91  ? 0.2699 0.3557 0.3960 -0.1003 -0.0637 0.0987  92  MET A C   
704 O O   . MET A 91  ? 0.1858 0.2742 0.2888 -0.0945 -0.0679 0.0651  92  MET A O   
705 C CB  . MET A 91  ? 0.3074 0.3716 0.4180 -0.0586 -0.0439 0.1046  92  MET A CB  
706 C CG  . MET A 91  ? 0.4079 0.4359 0.5012 -0.0268 -0.0192 0.1231  92  MET A CG  
707 S SD  . MET A 91  ? 0.3886 0.4844 0.5082 -0.0053 -0.0146 0.1329  92  MET A SD  
708 C CE  . MET A 91  ? 0.2577 0.3323 0.3584 -0.0181 -0.0289 0.1001  92  MET A CE  
709 N N   . ASN A 92  ? 0.2099 0.3217 0.3549 -0.0966 -0.0550 0.1258  93  ASN A N   
710 C CA  . ASN A 92  ? 0.1874 0.3346 0.3242 -0.0887 -0.0586 0.1142  93  ASN A CA  
711 C C   . ASN A 92  ? 0.1263 0.2935 0.2507 -0.0668 -0.0510 0.1022  93  ASN A C   
712 O O   . ASN A 92  ? 0.1325 0.3021 0.2599 -0.0572 -0.0474 0.1047  93  ASN A O   
713 C CB  . ASN A 92  ? 0.2366 0.3982 0.3917 -0.0934 -0.0533 0.1447  93  ASN A CB  
714 C CG  . ASN A 92  ? 0.2071 0.3849 0.3852 -0.0735 -0.0351 0.1839  93  ASN A CG  
715 O OD1 . ASN A 92  ? 0.1766 0.3819 0.3621 -0.0534 -0.0324 0.1862  93  ASN A OD1 
716 N ND2 . ASN A 92  ? 0.2795 0.4221 0.4486 -0.0696 -0.0190 0.2085  93  ASN A ND2 
717 N N   . LYS A 93  ? 0.1975 0.1288 0.2233 -0.0532 -0.0128 -0.0233 94  LYS A N   
718 C CA  . LYS A 93  ? 0.1783 0.1505 0.2099 -0.0641 -0.0186 -0.0179 94  LYS A CA  
719 C C   . LYS A 93  ? 0.2052 0.2162 0.2464 -0.0801 -0.0292 0.0197  94  LYS A C   
720 O O   . LYS A 93  ? 0.1524 0.1967 0.2031 -0.0813 -0.0340 0.0290  94  LYS A O   
721 C CB  . LYS A 93  ? 0.2881 0.2661 0.3085 -0.0650 -0.0206 -0.0226 94  LYS A CB  
722 C CG  . LYS A 93  ? 0.3606 0.3569 0.3675 -0.0729 -0.0241 -0.0179 94  LYS A CG  
723 C CD  . LYS A 93  ? 0.4447 0.4391 0.4312 -0.0815 -0.0215 -0.0201 94  LYS A CD  
724 C CE  . LYS A 93  ? 0.5555 0.5589 0.5304 -0.0867 -0.0216 -0.0195 94  LYS A CE  
725 N NZ  . LYS A 93  ? 0.6187 0.6400 0.5931 -0.0935 -0.0299 -0.0041 94  LYS A NZ  
726 N N   . SER A 94  ? 0.1737 0.1879 0.2158 -0.0702 -0.0264 0.0415  95  SER A N   
727 C CA  . SER A 94  ? 0.1625 0.2245 0.2221 -0.0635 -0.0314 0.0781  95  SER A CA  
728 C C   . SER A 94  ? 0.1955 0.2744 0.2742 -0.0321 -0.0227 0.0925  95  SER A C   
729 O O   . SER A 94  ? 0.1528 0.2794 0.2509 -0.0324 -0.0274 0.1143  95  SER A O   
730 C CB  . SER A 94  ? 0.2407 0.3007 0.2951 -0.0624 -0.0337 0.0980  95  SER A CB  
731 O OG  . SER A 94  ? 0.3152 0.3298 0.3597 -0.0421 -0.0229 0.0898  95  SER A OG  
732 N N   . ASP A 95  ? 0.1710 0.2115 0.2440 -0.0053 -0.0098 0.0798  96  ASP A N   
733 C CA  . ASP A 95  ? 0.1807 0.2341 0.2680 0.0259  0.0007  0.0905  96  ASP A CA  
734 C C   . ASP A 95  ? 0.1717 0.2404 0.2621 0.0169  0.0001  0.0802  96  ASP A C   
735 O O   . ASP A 95  ? 0.1502 0.2566 0.2583 0.0294  0.0042  0.0985  96  ASP A O   
736 C CB  . ASP A 95  ? 0.1994 0.2022 0.2753 0.0567  0.0134  0.0773  96  ASP A CB  
737 C CG  . ASP A 95  ? 0.3164 0.3126 0.3951 0.0752  0.0146  0.0969  96  ASP A CG  
738 O OD1 . ASP A 95  ? 0.2490 0.2880 0.3445 0.0754  0.0087  0.1259  96  ASP A OD1 
739 O OD2 . ASP A 95  ? 0.2939 0.2401 0.3579 0.0898  0.0200  0.0837  96  ASP A OD2 
740 N N   . LEU A 96  ? 0.1419 0.1815 0.2157 -0.0051 -0.0053 0.0508  97  LEU A N   
741 C CA  . LEU A 96  ? 0.1257 0.1732 0.1986 -0.0173 -0.0094 0.0387  97  LEU A CA  
742 C C   . LEU A 96  ? 0.1126 0.2175 0.2021 -0.0390 -0.0213 0.0612  97  LEU A C   
743 O O   . LEU A 96  ? 0.1066 0.2410 0.2079 -0.0359 -0.0201 0.0729  97  LEU A O   
744 C CB  . LEU A 96  ? 0.1182 0.1209 0.1709 -0.0368 -0.0156 0.0012  97  LEU A CB  
745 C CG  . LEU A 96  ? 0.1717 0.1775 0.2209 -0.0518 -0.0236 -0.0130 97  LEU A CG  
746 C CD1 . LEU A 96  ? 0.1604 0.1663 0.2116 -0.0261 -0.0123 -0.0061 97  LEU A CD1 
747 C CD2 . LEU A 96  ? 0.1669 0.1342 0.1747 -0.0412 -0.0247 -0.0235 97  LEU A CD2 
748 N N   . ARG A 97  ? 0.1176 0.2385 0.2076 -0.0615 -0.0330 0.0685  98  ARG A N   
749 C CA  . ARG A 97  ? 0.1169 0.2651 0.2013 -0.0708 -0.0412 0.0832  98  ARG A CA  
750 C C   . ARG A 97  ? 0.1291 0.3274 0.2434 -0.0556 -0.0374 0.1191  98  ARG A C   
751 O O   . ARG A 97  ? 0.1246 0.3378 0.2366 -0.0571 -0.0380 0.1267  98  ARG A O   
752 C CB  . ARG A 97  ? 0.1304 0.2669 0.1939 -0.0832 -0.0479 0.0812  98  ARG A CB  
753 C CG  . ARG A 97  ? 0.1621 0.3100 0.2127 -0.0905 -0.0534 0.0908  98  ARG A CG  
754 C CD  . ARG A 97  ? 0.2121 0.3605 0.2499 -0.1009 -0.0593 0.0992  98  ARG A CD  
755 N NE  . ARG A 97  ? 0.2928 0.4060 0.3114 -0.1028 -0.0554 0.0728  98  ARG A NE  
756 C CZ  . ARG A 97  ? 0.4026 0.4957 0.3973 -0.1085 -0.0534 0.0582  98  ARG A CZ  
757 N NH1 . ARG A 97  ? 0.4641 0.5634 0.4509 -0.1136 -0.0558 0.0639  98  ARG A NH1 
758 N NH2 . ARG A 97  ? 0.3747 0.4453 0.3547 -0.1100 -0.0486 0.0414  98  ARG A NH2 
759 N N   . TYR A 98  ? 0.1217 0.3384 0.2600 -0.0358 -0.0313 0.1392  99  TYR A N   
760 C CA  . TYR A 98  ? 0.1459 0.3981 0.3053 -0.0127 -0.0236 0.1678  99  TYR A CA  
761 C C   . TYR A 98  ? 0.1690 0.4271 0.3344 0.0052  -0.0101 0.1653  99  TYR A C   
762 O O   . TYR A 98  ? 0.1677 0.4523 0.3385 0.0049  -0.0074 0.1801  99  TYR A O   
763 C CB  . TYR A 98  ? 0.1725 0.4164 0.3396 0.0150  -0.0179 0.1805  99  TYR A CB  
764 C CG  . TYR A 98  ? 0.2126 0.4826 0.3953 0.0354  -0.0073 0.2008  99  TYR A CG  
765 C CD1 . TYR A 98  ? 0.2434 0.5083 0.4292 0.0642  0.0101  0.1979  99  TYR A CD1 
766 C CD2 . TYR A 98  ? 0.2396 0.5375 0.4324 0.0245  -0.0151 0.2205  99  TYR A CD2 
767 C CE1 . TYR A 98  ? 0.3060 0.5960 0.5058 0.0808  0.0184  0.2144  99  TYR A CE1 
768 C CE2 . TYR A 98  ? 0.3107 0.6343 0.5211 0.0425  -0.0073 0.2379  99  TYR A CE2 
769 C CZ  . TYR A 98  ? 0.3448 0.6658 0.5592 0.0705  0.0092  0.2348  99  TYR A CZ  
770 O OH  . TYR A 98  ? 0.3873 0.7348 0.6189 0.0877  0.0161  0.2509  99  TYR A OH  
771 N N   . TRP A 99  ? 0.1291 0.3490 0.2829 0.0199  -0.0005 0.1429  100 TRP A N   
772 C CA  . TRP A 99  ? 0.1309 0.3514 0.2860 0.0387  0.0134  0.1394  100 TRP A CA  
773 C C   . TRP A 99  ? 0.1175 0.3638 0.2743 0.0125  0.0050  0.1403  100 TRP A C   
774 O O   . TRP A 99  ? 0.1284 0.3973 0.2896 0.0199  0.0120  0.1536  100 TRP A O   
775 C CB  . TRP A 99  ? 0.1407 0.2947 0.2672 0.0538  0.0227  0.1078  100 TRP A CB  
776 C CG  . TRP A 99  ? 0.1564 0.3032 0.2783 0.0773  0.0382  0.1034  100 TRP A CG  
777 C CD1 . TRP A 99  ? 0.2411 0.3857 0.3618 0.1077  0.0536  0.1109  100 TRP A CD1 
778 C CD2 . TRP A 99  ? 0.1447 0.2729 0.2497 0.0659  0.0374  0.0849  100 TRP A CD2 
779 N NE1 . TRP A 99  ? 0.2718 0.4018 0.3770 0.1157  0.0631  0.1001  100 TRP A NE1 
780 C CE2 . TRP A 99  ? 0.2762 0.4015 0.3780 0.0961  0.0555  0.0876  100 TRP A CE2 
781 C CE3 . TRP A 99  ? 0.1301 0.2440 0.2220 0.0337  0.0225  0.0666  100 TRP A CE3 
782 C CZ2 . TRP A 99  ? 0.2368 0.3429 0.3199 0.0933  0.0589  0.0734  100 TRP A CZ2 
783 C CZ3 . TRP A 99  ? 0.1332 0.2277 0.2086 0.0316  0.0243  0.0524  100 TRP A CZ3 
784 C CH2 . TRP A 99  ? 0.1512 0.2413 0.2212 0.0606  0.0424  0.0565  100 TRP A CH2 
785 N N   . ILE A 100 ? 0.1530 0.3787 0.2926 -0.0188 -0.0106 0.1212  101 ILE A N   
786 C CA  . ILE A 100 ? 0.1750 0.3952 0.2956 -0.0401 -0.0206 0.1137  101 ILE A CA  
787 C C   . ILE A 100 ? 0.1312 0.3813 0.2540 -0.0454 -0.0258 0.1378  101 ILE A C   
788 O O   . ILE A 100 ? 0.1895 0.4613 0.3178 -0.0433 -0.0231 0.1501  101 ILE A O   
789 C CB  . ILE A 100 ? 0.1611 0.3335 0.2501 -0.0613 -0.0327 0.0822  101 ILE A CB  
790 C CG1 . ILE A 100 ? 0.1296 0.2667 0.2131 -0.0599 -0.0299 0.0547  101 ILE A CG1 
791 C CG2 . ILE A 100 ? 0.1558 0.3186 0.2246 -0.0729 -0.0391 0.0782  101 ILE A CG2 
792 C CD1 . ILE A 100 ? 0.1285 0.2125 0.1833 -0.0650 -0.0336 0.0217  101 ILE A CD1 
793 N N   . ASN A 101 ? 0.1334 0.3851 0.2527 -0.0532 -0.0332 0.1455  102 ASN A N   
794 C CA  . ASN A 101 ? 0.2158 0.4919 0.3362 -0.0615 -0.0393 0.1669  102 ASN A CA  
795 C C   . ASN A 101 ? 0.2791 0.5989 0.4276 -0.0442 -0.0297 0.1954  102 ASN A C   
796 O O   . ASN A 101 ? 0.3026 0.6456 0.4553 -0.0503 -0.0331 0.2115  102 ASN A O   
797 C CB  . ASN A 101 ? 0.2189 0.4866 0.3294 -0.0727 -0.0477 0.1693  102 ASN A CB  
798 C CG  . ASN A 101 ? 0.3018 0.5264 0.3804 -0.0875 -0.0544 0.1414  102 ASN A CG  
799 O OD1 . ASN A 101 ? 0.3148 0.5197 0.3782 -0.0921 -0.0550 0.1256  102 ASN A OD1 
800 N ND2 . ASN A 101 ? 0.3781 0.5877 0.4470 -0.0923 -0.0575 0.1354  102 ASN A ND2 
801 N N   . ASN A 102 ? 0.2201 0.5479 0.3869 -0.0202 -0.0161 0.2005  103 ASN A N   
802 C CA  . ASN A 102 ? 0.3130 0.6747 0.5026 0.0020  -0.0031 0.2227  103 ASN A CA  
803 C C   . ASN A 102 ? 0.2878 0.6593 0.4790 0.0106  0.0061  0.2220  103 ASN A C   
804 O O   . ASN A 102 ? 0.3239 0.7269 0.5304 0.0217  0.0136  0.2403  103 ASN A O   
805 C CB  . ASN A 102 ? 0.3880 0.7437 0.5890 0.0295  0.0097  0.2243  103 ASN A CB  
806 C CG  . ASN A 102 ? 0.5126 0.9003 0.7346 0.0442  0.0154  0.2475  103 ASN A CG  
807 O OD1 . ASN A 102 ? 0.5556 0.9639 0.7852 0.0287  0.0046  0.2625  103 ASN A OD1 
808 N ND2 . ASN A 102 ? 0.5676 0.9551 0.7964 0.0746  0.0319  0.2484  103 ASN A ND2 
809 N N   . ASN A 103 ? 0.3220 0.6674 0.4983 0.0051  0.0056  0.2005  104 ASN A N   
810 C CA  . ASN A 103 ? 0.2739 0.6264 0.4494 0.0105  0.0138  0.1988  104 ASN A CA  
811 C C   . ASN A 103 ? 0.1667 0.5115 0.3264 -0.0180 -0.0020 0.1899  104 ASN A C   
812 O O   . ASN A 103 ? 0.2737 0.6317 0.4344 -0.0190 0.0011  0.1937  104 ASN A O   
813 C CB  . ASN A 103 ? 0.3154 0.6412 0.4849 0.0320  0.0300  0.1811  104 ASN A CB  
814 C CG  . ASN A 103 ? 0.3734 0.6940 0.5490 0.0653  0.0467  0.1863  104 ASN A CG  
815 O OD1 . ASN A 103 ? 0.3465 0.6343 0.5145 0.0763  0.0492  0.1720  104 ASN A OD1 
816 N ND2 . ASN A 103 ? 0.4257 0.7745 0.6127 0.0811  0.0568  0.2046  104 ASN A ND2 
# 
